data_9MRI
#
_entry.id   9MRI
#
_cell.length_a   86.586
_cell.length_b   142.849
_cell.length_c   161.130
_cell.angle_alpha   90.00
_cell.angle_beta   90.00
_cell.angle_gamma   90.00
#
_symmetry.space_group_name_H-M   'P 21 21 21'
#
loop_
_entity.id
_entity.type
_entity.pdbx_description
1 polymer 'Metal-bound non-heme metalloenzyme'
2 non-polymer 'ZINC ION'
3 non-polymer GLYCEROL
4 water water
#
_entity_poly.entity_id   1
_entity_poly.type   'polypeptide(L)'
_entity_poly.pdbx_seq_one_letter_code
;MGSSHHHHHHSSGLVPRGSHMTVNALALSAAEQQDLDARVGKEIDAARLRRADNAFFGEARKAESVTPEAALAIAHRWRA
MTKAFMFTTLSGLGVMARRFQGQDAPDHELLAAFQTVYQVIGDDLDNAAPAFREVAPRGPAGIHYVWWEDTVLKPVAAHV
AEEDRQSAAVLPRAVTGLLDSMDRLATHPLGAAVQLRVVEDIALDIAVGFRRLYAKVEVPGTTLFAGRDDLAWVDSHIKA
ETMHAAQVSDEDTGMTRLVADREQAEEFLTAVREYAAHWSAALETYAQALRDGHA
;
_entity_poly.pdbx_strand_id   A,B,C,D,E,F
#
loop_
_chem_comp.id
_chem_comp.type
_chem_comp.name
_chem_comp.formula
GOL non-polymer GLYCEROL 'C3 H8 O3'
ZN non-polymer 'ZINC ION' 'Zn 2'
#
# COMPACT_ATOMS: atom_id res chain seq x y z
N ALA A 27 17.74 -30.76 22.35
CA ALA A 27 16.90 -29.59 22.12
C ALA A 27 16.54 -28.90 23.45
N LEU A 28 16.27 -27.60 23.38
CA LEU A 28 15.99 -26.81 24.57
C LEU A 28 14.52 -26.91 24.95
N SER A 29 14.26 -26.92 26.25
CA SER A 29 12.91 -26.85 26.76
C SER A 29 12.52 -25.39 26.97
N ALA A 30 11.25 -25.18 27.36
CA ALA A 30 10.76 -23.83 27.60
C ALA A 30 11.46 -23.17 28.77
N ALA A 31 11.90 -23.97 29.75
CA ALA A 31 12.64 -23.42 30.89
C ALA A 31 14.04 -22.97 30.46
N GLU A 32 14.68 -23.73 29.57
CA GLU A 32 16.01 -23.40 29.09
C GLU A 32 16.02 -22.27 28.06
N GLN A 33 14.87 -21.98 27.43
CA GLN A 33 14.83 -20.86 26.49
C GLN A 33 14.73 -19.52 27.20
N GLN A 34 13.92 -19.43 28.25
CA GLN A 34 13.88 -18.20 29.03
C GLN A 34 15.18 -17.96 29.78
N ASP A 35 15.87 -19.03 30.17
CA ASP A 35 17.17 -18.85 30.80
C ASP A 35 18.17 -18.26 29.80
N LEU A 36 18.12 -18.70 28.54
CA LEU A 36 18.98 -18.14 27.51
C LEU A 36 18.61 -16.69 27.22
N ASP A 37 17.32 -16.41 27.10
CA ASP A 37 16.89 -15.05 26.78
C ASP A 37 17.25 -14.07 27.89
N ALA A 38 17.12 -14.50 29.15
CA ALA A 38 17.44 -13.61 30.26
C ALA A 38 18.94 -13.38 30.39
N ARG A 39 19.74 -14.43 30.21
CA ARG A 39 21.19 -14.29 30.32
C ARG A 39 21.74 -13.38 29.22
N VAL A 40 21.17 -13.45 28.01
CA VAL A 40 21.61 -12.60 26.92
C VAL A 40 21.44 -11.13 27.28
N GLY A 41 20.27 -10.77 27.82
CA GLY A 41 20.06 -9.39 28.23
C GLY A 41 21.03 -8.93 29.30
N LYS A 42 21.37 -9.83 30.23
CA LYS A 42 22.34 -9.45 31.27
C LYS A 42 23.75 -9.31 30.71
N GLU A 43 24.10 -10.07 29.66
CA GLU A 43 25.41 -9.90 29.07
C GLU A 43 25.55 -8.52 28.43
N ILE A 44 24.46 -8.02 27.83
CA ILE A 44 24.49 -6.68 27.27
C ILE A 44 24.51 -5.65 28.40
N ASP A 45 23.84 -5.94 29.52
CA ASP A 45 23.84 -5.04 30.66
C ASP A 45 25.26 -4.86 31.22
N ALA A 46 25.99 -5.97 31.39
CA ALA A 46 27.31 -5.92 32.00
C ALA A 46 28.36 -5.28 31.09
N ALA A 47 28.04 -5.05 29.83
CA ALA A 47 28.98 -4.42 28.90
C ALA A 47 28.81 -2.91 28.86
N ARG A 48 28.00 -2.32 29.74
CA ARG A 48 27.71 -0.89 29.73
C ARG A 48 27.24 -0.43 28.35
N LEU A 49 26.24 -1.15 27.82
CA LEU A 49 25.63 -0.80 26.55
C LEU A 49 24.24 -0.22 26.71
N ARG A 50 23.68 -0.21 27.92
CA ARG A 50 22.36 0.35 28.16
C ARG A 50 22.44 1.88 28.24
N ARG A 51 21.27 2.52 28.19
CA ARG A 51 21.19 3.97 28.13
C ARG A 51 21.93 4.66 29.28
N ALA A 52 21.80 4.14 30.49
CA ALA A 52 22.28 4.85 31.66
C ALA A 52 23.70 4.46 32.05
N ASP A 53 24.32 3.56 31.30
CA ASP A 53 25.64 3.03 31.61
C ASP A 53 26.70 3.42 30.59
N ASN A 54 26.31 3.63 29.34
CA ASN A 54 27.25 3.91 28.27
C ASN A 54 27.68 5.37 28.28
N ALA A 55 29.00 5.60 28.19
CA ALA A 55 29.55 6.95 28.29
C ALA A 55 29.19 7.80 27.07
N PHE A 56 29.14 7.19 25.88
CA PHE A 56 28.86 7.94 24.66
C PHE A 56 27.49 8.61 24.71
N PHE A 57 26.47 7.87 25.14
CA PHE A 57 25.12 8.43 25.21
C PHE A 57 25.06 9.63 26.16
N GLY A 58 25.80 9.55 27.27
CA GLY A 58 25.82 10.66 28.20
C GLY A 58 26.55 11.87 27.65
N GLU A 59 27.71 11.65 27.02
CA GLU A 59 28.47 12.77 26.47
C GLU A 59 27.73 13.47 25.34
N ALA A 60 26.92 12.73 24.56
CA ALA A 60 26.18 13.36 23.48
C ALA A 60 25.07 14.25 24.03
N ARG A 61 24.48 13.89 25.17
CA ARG A 61 23.41 14.71 25.74
C ARG A 61 23.97 15.96 26.42
N LYS A 62 25.10 15.83 27.13
CA LYS A 62 25.66 16.93 27.90
C LYS A 62 26.54 17.86 27.08
N ALA A 63 27.12 17.37 25.99
CA ALA A 63 27.92 18.19 25.09
C ALA A 63 27.28 19.55 24.87
N GLU A 64 27.96 20.61 25.30
CA GLU A 64 27.45 21.95 25.06
C GLU A 64 27.50 22.30 23.58
N SER A 65 28.51 21.77 22.88
CA SER A 65 28.74 21.99 21.46
C SER A 65 29.70 20.92 20.94
N VAL A 66 29.63 20.65 19.64
CA VAL A 66 30.49 19.66 18.99
C VAL A 66 31.26 20.33 17.86
N THR A 67 32.58 20.06 17.77
CA THR A 67 33.42 20.57 16.70
C THR A 67 33.23 19.74 15.43
N PRO A 68 33.43 20.34 14.26
CA PRO A 68 33.32 19.55 13.01
C PRO A 68 34.29 18.39 12.95
N GLU A 69 35.48 18.54 13.56
CA GLU A 69 36.47 17.47 13.53
C GLU A 69 35.99 16.25 14.32
N ALA A 70 35.40 16.46 15.49
CA ALA A 70 34.87 15.34 16.26
C ALA A 70 33.68 14.70 15.56
N ALA A 71 32.80 15.51 14.98
CA ALA A 71 31.65 14.96 14.26
C ALA A 71 32.10 14.17 13.04
N LEU A 72 33.16 14.62 12.36
CA LEU A 72 33.63 13.91 11.17
C LEU A 72 34.31 12.60 11.55
N ALA A 73 35.05 12.59 12.67
CA ALA A 73 35.67 11.35 13.12
C ALA A 73 34.61 10.30 13.46
N ILE A 74 33.54 10.72 14.14
CA ILE A 74 32.47 9.79 14.48
C ILE A 74 31.76 9.31 13.22
N ALA A 75 31.60 10.19 12.23
CA ALA A 75 30.94 9.78 11.00
C ALA A 75 31.78 8.79 10.20
N HIS A 76 33.11 8.88 10.29
CA HIS A 76 33.96 7.91 9.61
C HIS A 76 33.91 6.56 10.31
N ARG A 77 33.88 6.57 11.64
CA ARG A 77 33.82 5.33 12.40
C ARG A 77 32.48 4.64 12.20
N TRP A 78 31.39 5.41 12.19
CA TRP A 78 30.08 4.81 11.96
C TRP A 78 29.97 4.25 10.55
N ARG A 79 30.57 4.93 9.56
CA ARG A 79 30.56 4.43 8.20
C ARG A 79 31.20 3.04 8.11
N ALA A 80 32.38 2.88 8.73
CA ALA A 80 33.05 1.58 8.68
C ALA A 80 32.30 0.54 9.50
N MET A 81 31.77 0.92 10.66
CA MET A 81 31.14 -0.06 11.54
C MET A 81 29.80 -0.52 10.99
N THR A 82 28.99 0.39 10.43
CA THR A 82 27.70 -0.01 9.88
C THR A 82 27.85 -0.76 8.56
N LYS A 83 28.86 -0.41 7.75
CA LYS A 83 29.09 -1.17 6.52
C LYS A 83 29.52 -2.59 6.83
N ALA A 84 30.44 -2.76 7.79
CA ALA A 84 30.88 -4.11 8.16
C ALA A 84 29.75 -4.88 8.83
N PHE A 85 28.91 -4.20 9.62
CA PHE A 85 27.77 -4.85 10.26
C PHE A 85 26.85 -5.48 9.22
N MET A 86 26.47 -4.72 8.20
CA MET A 86 25.56 -5.25 7.18
C MET A 86 26.18 -6.41 6.43
N PHE A 87 27.40 -6.23 5.91
CA PHE A 87 28.00 -7.24 5.05
C PHE A 87 28.34 -8.51 5.82
N THR A 88 28.90 -8.39 7.04
CA THR A 88 29.25 -9.60 7.78
C THR A 88 28.01 -10.31 8.31
N THR A 89 26.91 -9.58 8.56
CA THR A 89 25.68 -10.24 8.96
C THR A 89 25.05 -10.97 7.78
N LEU A 90 25.10 -10.37 6.59
CA LEU A 90 24.64 -11.08 5.39
C LEU A 90 25.48 -12.31 5.14
N SER A 91 26.78 -12.24 5.41
CA SER A 91 27.64 -13.41 5.27
C SER A 91 27.26 -14.49 6.28
N GLY A 92 26.95 -14.09 7.52
CA GLY A 92 26.49 -15.06 8.49
C GLY A 92 25.15 -15.68 8.13
N LEU A 93 24.28 -14.90 7.48
CA LEU A 93 23.01 -15.44 7.00
C LEU A 93 23.25 -16.54 5.97
N GLY A 94 24.22 -16.34 5.08
CA GLY A 94 24.54 -17.37 4.10
C GLY A 94 25.10 -18.62 4.74
N VAL A 95 25.89 -18.46 5.81
CA VAL A 95 26.42 -19.62 6.51
C VAL A 95 25.29 -20.41 7.16
N MET A 96 24.28 -19.71 7.69
CA MET A 96 23.12 -20.39 8.24
C MET A 96 22.38 -21.18 7.16
N ALA A 97 22.22 -20.58 5.98
CA ALA A 97 21.51 -21.25 4.90
C ALA A 97 22.23 -22.51 4.45
N ARG A 98 23.56 -22.47 4.45
CA ARG A 98 24.33 -23.65 4.06
C ARG A 98 24.14 -24.78 5.07
N ARG A 99 23.99 -24.44 6.36
CA ARG A 99 23.70 -25.46 7.35
C ARG A 99 22.29 -26.03 7.17
N PHE A 100 21.31 -25.16 6.90
CA PHE A 100 19.95 -25.63 6.72
C PHE A 100 19.84 -26.58 5.53
N GLN A 101 20.64 -26.33 4.48
CA GLN A 101 20.61 -27.23 3.34
C GLN A 101 21.17 -28.61 3.68
N GLY A 102 21.98 -28.72 4.74
CA GLY A 102 22.46 -30.01 5.19
C GLY A 102 21.47 -30.83 5.99
N GLN A 103 20.29 -30.29 6.29
CA GLN A 103 19.25 -31.01 7.01
C GLN A 103 18.15 -31.41 6.03
N ASP A 104 17.58 -32.60 6.25
CA ASP A 104 16.54 -33.08 5.35
C ASP A 104 15.27 -32.23 5.45
N ALA A 105 14.88 -31.87 6.67
CA ALA A 105 13.69 -31.05 6.91
C ALA A 105 13.96 -30.13 8.08
N PRO A 106 14.52 -28.95 7.85
CA PRO A 106 14.78 -28.00 8.94
C PRO A 106 13.52 -27.69 9.74
N ASP A 107 13.69 -27.59 11.05
CA ASP A 107 12.56 -27.30 11.94
C ASP A 107 11.94 -25.95 11.58
N HIS A 108 10.61 -25.93 11.48
CA HIS A 108 9.91 -24.73 11.07
C HIS A 108 10.19 -23.56 12.01
N GLU A 109 10.39 -23.83 13.30
CA GLU A 109 10.64 -22.72 14.21
C GLU A 109 12.01 -22.08 13.97
N LEU A 110 13.01 -22.88 13.58
CA LEU A 110 14.28 -22.28 13.17
C LEU A 110 14.11 -21.50 11.88
N LEU A 111 13.24 -21.98 10.98
CA LEU A 111 12.96 -21.25 9.75
C LEU A 111 12.26 -19.94 10.03
N ALA A 112 11.39 -19.90 11.05
CA ALA A 112 10.72 -18.65 11.40
C ALA A 112 11.71 -17.60 11.87
N ALA A 113 12.69 -18.02 12.69
CA ALA A 113 13.73 -17.09 13.14
C ALA A 113 14.68 -16.74 12.00
N PHE A 114 14.92 -17.69 11.09
CA PHE A 114 15.71 -17.38 9.89
C PHE A 114 15.03 -16.31 9.05
N GLN A 115 13.69 -16.34 9.01
CA GLN A 115 12.94 -15.28 8.32
C GLN A 115 13.15 -13.94 9.01
N THR A 116 13.18 -13.92 10.34
CA THR A 116 13.39 -12.67 11.06
C THR A 116 14.75 -12.07 10.72
N VAL A 117 15.79 -12.91 10.70
CA VAL A 117 17.12 -12.45 10.31
C VAL A 117 17.06 -11.79 8.93
N TYR A 118 16.41 -12.47 7.98
CA TYR A 118 16.34 -11.95 6.62
C TYR A 118 15.60 -10.61 6.59
N GLN A 119 14.55 -10.47 7.42
CA GLN A 119 13.75 -9.25 7.40
C GLN A 119 14.51 -8.08 8.03
N VAL A 120 15.15 -8.32 9.18
CA VAL A 120 15.76 -7.22 9.93
C VAL A 120 16.98 -6.66 9.19
N ILE A 121 17.93 -7.52 8.82
CA ILE A 121 19.13 -7.02 8.16
C ILE A 121 18.81 -6.46 6.79
N GLY A 122 17.75 -6.95 6.15
CA GLY A 122 17.41 -6.47 4.82
C GLY A 122 17.08 -4.99 4.77
N ASP A 123 16.59 -4.42 5.87
CA ASP A 123 16.24 -3.01 5.90
C ASP A 123 17.45 -2.12 5.59
N ASP A 124 18.64 -2.51 6.04
CA ASP A 124 19.83 -1.74 5.72
C ASP A 124 20.15 -1.80 4.22
N LEU A 125 19.56 -2.74 3.50
CA LEU A 125 19.84 -2.95 2.09
C LEU A 125 18.70 -2.50 1.17
N ASP A 126 17.44 -2.63 1.61
CA ASP A 126 16.30 -2.37 0.73
C ASP A 126 15.27 -1.41 1.31
N ASN A 127 15.38 -1.03 2.59
CA ASN A 127 14.49 -0.05 3.22
C ASN A 127 13.02 -0.45 3.08
N ALA A 128 12.71 -1.69 3.44
CA ALA A 128 11.34 -2.18 3.33
C ALA A 128 10.44 -1.63 4.43
N ALA A 129 10.99 -1.43 5.63
CA ALA A 129 10.18 -0.94 6.75
C ALA A 129 9.57 0.41 6.40
N PRO A 130 8.33 0.68 6.85
CA PRO A 130 7.67 1.94 6.46
C PRO A 130 8.46 3.20 6.77
N ALA A 131 9.06 3.29 7.97
CA ALA A 131 9.82 4.48 8.33
C ALA A 131 11.00 4.71 7.40
N PHE A 132 11.61 3.64 6.89
CA PHE A 132 12.73 3.82 5.97
C PHE A 132 12.24 4.10 4.55
N ARG A 133 11.19 3.40 4.13
CA ARG A 133 10.68 3.55 2.77
C ARG A 133 10.27 5.00 2.50
N GLU A 134 9.84 5.72 3.54
CA GLU A 134 9.27 7.05 3.34
C GLU A 134 10.33 8.08 2.95
N VAL A 135 11.53 7.97 3.50
CA VAL A 135 12.55 9.00 3.30
C VAL A 135 13.81 8.52 2.60
N ALA A 136 14.09 7.22 2.57
CA ALA A 136 15.36 6.77 2.05
C ALA A 136 15.41 6.91 0.54
N PRO A 137 16.59 7.19 -0.03
CA PRO A 137 16.71 7.21 -1.49
C PRO A 137 16.55 5.81 -2.05
N ARG A 138 16.13 5.75 -3.31
CA ARG A 138 15.98 4.47 -3.96
C ARG A 138 17.33 3.99 -4.51
N GLY A 139 17.43 2.68 -4.71
CA GLY A 139 18.62 2.08 -5.26
C GLY A 139 19.79 2.05 -4.30
N PRO A 140 21.01 1.96 -4.85
CA PRO A 140 22.20 1.86 -3.97
C PRO A 140 22.39 3.06 -3.05
N ALA A 141 21.91 4.25 -3.42
CA ALA A 141 22.04 5.40 -2.53
C ALA A 141 21.23 5.24 -1.25
N GLY A 142 20.31 4.29 -1.19
CA GLY A 142 19.54 4.00 0.00
C GLY A 142 20.16 2.99 0.94
N ILE A 143 21.21 2.29 0.50
CA ILE A 143 21.95 1.42 1.41
C ILE A 143 22.48 2.25 2.56
N HIS A 144 22.20 1.81 3.79
CA HIS A 144 22.33 2.67 4.97
C HIS A 144 23.72 3.28 5.11
N TYR A 145 24.78 2.51 4.83
CA TYR A 145 26.12 3.10 4.97
C TYR A 145 26.41 4.09 3.85
N VAL A 146 25.85 3.88 2.66
CA VAL A 146 26.00 4.85 1.58
C VAL A 146 25.12 6.06 1.82
N TRP A 147 23.90 5.83 2.31
CA TRP A 147 23.01 6.92 2.72
C TRP A 147 23.66 7.77 3.81
N TRP A 148 24.37 7.12 4.74
CA TRP A 148 25.02 7.86 5.82
C TRP A 148 26.15 8.72 5.32
N GLU A 149 27.01 8.17 4.45
CA GLU A 149 28.15 8.95 3.98
C GLU A 149 27.71 10.12 3.10
N ASP A 150 26.59 9.97 2.38
CA ASP A 150 26.15 11.03 1.48
C ASP A 150 25.48 12.18 2.22
N THR A 151 24.67 11.88 3.24
CA THR A 151 23.86 12.90 3.91
C THR A 151 24.42 13.35 5.25
N VAL A 152 25.39 12.64 5.82
CA VAL A 152 25.94 13.01 7.12
C VAL A 152 27.44 13.27 7.02
N LEU A 153 28.18 12.28 6.53
CA LEU A 153 29.64 12.37 6.52
C LEU A 153 30.13 13.51 5.63
N LYS A 154 29.78 13.47 4.34
CA LYS A 154 30.28 14.51 3.44
C LYS A 154 29.81 15.92 3.80
N PRO A 155 28.56 16.15 4.19
CA PRO A 155 28.19 17.51 4.61
C PRO A 155 29.04 18.04 5.75
N VAL A 156 29.45 17.18 6.69
CA VAL A 156 30.30 17.62 7.79
C VAL A 156 31.74 17.79 7.31
N ALA A 157 32.20 16.91 6.42
CA ALA A 157 33.57 17.00 5.92
C ALA A 157 33.83 18.29 5.14
N ALA A 158 32.77 18.93 4.64
CA ALA A 158 32.92 20.19 3.91
C ALA A 158 33.34 21.35 4.81
N HIS A 159 33.27 21.18 6.13
CA HIS A 159 33.66 22.21 7.08
C HIS A 159 34.92 21.82 7.86
N VAL A 160 35.77 21.00 7.26
CA VAL A 160 36.99 20.51 7.90
C VAL A 160 38.13 20.64 6.90
N ALA A 161 39.26 21.19 7.34
CA ALA A 161 40.41 21.35 6.47
C ALA A 161 41.00 20.00 6.08
N GLU A 162 41.63 19.97 4.90
CA GLU A 162 42.19 18.74 4.34
C GLU A 162 43.06 17.97 5.33
N GLU A 163 43.96 18.67 6.01
CA GLU A 163 44.88 17.99 6.93
C GLU A 163 44.11 17.32 8.07
N ASP A 164 43.07 17.96 8.58
CA ASP A 164 42.28 17.34 9.63
C ASP A 164 41.35 16.25 9.10
N ARG A 165 40.94 16.33 7.83
CA ARG A 165 40.08 15.28 7.27
C ARG A 165 40.79 13.94 7.27
N GLN A 166 42.07 13.91 6.89
CA GLN A 166 42.81 12.66 6.88
C GLN A 166 42.95 12.08 8.28
N SER A 167 43.13 12.94 9.29
CA SER A 167 43.25 12.46 10.66
C SER A 167 41.93 11.97 11.22
N ALA A 168 40.81 12.56 10.77
CA ALA A 168 39.50 12.07 11.20
C ALA A 168 39.18 10.71 10.60
N ALA A 169 39.82 10.35 9.49
CA ALA A 169 39.54 9.09 8.82
C ALA A 169 40.33 7.92 9.41
N VAL A 170 41.33 8.20 10.24
CA VAL A 170 42.10 7.12 10.85
C VAL A 170 41.25 6.47 11.94
N LEU A 171 40.95 5.20 11.75
CA LEU A 171 40.07 4.52 12.68
C LEU A 171 40.83 4.14 13.95
N PRO A 172 40.22 4.28 15.12
CA PRO A 172 40.89 3.81 16.33
C PRO A 172 41.03 2.31 16.31
N ARG A 173 42.07 1.83 17.00
CA ARG A 173 42.32 0.40 17.02
C ARG A 173 41.20 -0.35 17.74
N ALA A 174 40.54 0.31 18.69
CA ALA A 174 39.36 -0.29 19.31
C ALA A 174 38.22 -0.45 18.30
N VAL A 175 38.14 0.44 17.31
CA VAL A 175 37.11 0.32 16.28
C VAL A 175 37.46 -0.82 15.33
N THR A 176 38.73 -0.90 14.90
CA THR A 176 39.15 -2.00 14.04
C THR A 176 39.08 -3.34 14.76
N GLY A 177 39.18 -3.35 16.09
CA GLY A 177 38.96 -4.57 16.83
C GLY A 177 37.53 -5.05 16.73
N LEU A 178 36.58 -4.11 16.68
CA LEU A 178 35.18 -4.48 16.44
C LEU A 178 35.00 -4.98 15.01
N LEU A 179 35.66 -4.34 14.04
CA LEU A 179 35.59 -4.80 12.66
C LEU A 179 36.19 -6.20 12.52
N ASP A 180 37.23 -6.50 13.31
CA ASP A 180 37.81 -7.84 13.28
C ASP A 180 36.86 -8.86 13.90
N SER A 181 36.14 -8.47 14.95
CA SER A 181 35.15 -9.37 15.54
C SER A 181 34.03 -9.68 14.53
N MET A 182 33.59 -8.66 13.79
CA MET A 182 32.56 -8.89 12.77
C MET A 182 33.07 -9.84 11.70
N ASP A 183 34.35 -9.73 11.35
CA ASP A 183 34.92 -10.62 10.34
C ASP A 183 34.94 -12.08 10.80
N ARG A 184 35.08 -12.32 12.11
CA ARG A 184 35.03 -13.70 12.58
C ARG A 184 33.60 -14.22 12.59
N LEU A 185 32.66 -13.39 13.04
CA LEU A 185 31.26 -13.78 13.06
C LEU A 185 30.69 -13.97 11.67
N ALA A 186 31.35 -13.45 10.63
CA ALA A 186 30.86 -13.60 9.28
C ALA A 186 30.80 -15.06 8.86
N THR A 187 31.62 -15.91 9.46
CA THR A 187 31.62 -17.34 9.16
C THR A 187 31.13 -18.19 10.33
N HIS A 188 30.65 -17.56 11.39
CA HIS A 188 30.14 -18.33 12.52
C HIS A 188 28.71 -18.80 12.22
N PRO A 189 28.38 -20.06 12.51
CA PRO A 189 27.03 -20.56 12.22
C PRO A 189 25.92 -19.81 12.94
N LEU A 190 26.25 -19.07 14.00
CA LEU A 190 25.28 -18.24 14.72
C LEU A 190 25.68 -16.78 14.71
N GLY A 191 26.70 -16.41 13.92
CA GLY A 191 27.20 -15.05 13.93
C GLY A 191 26.13 -14.02 13.60
N ALA A 192 25.34 -14.28 12.56
CA ALA A 192 24.32 -13.33 12.14
C ALA A 192 23.30 -13.10 13.25
N ALA A 193 22.94 -14.16 13.99
CA ALA A 193 22.00 -13.99 15.09
C ALA A 193 22.61 -13.20 16.23
N VAL A 194 23.90 -13.39 16.49
CA VAL A 194 24.58 -12.65 17.57
C VAL A 194 24.63 -11.16 17.23
N GLN A 195 25.09 -10.83 16.02
CA GLN A 195 25.21 -9.43 15.63
C GLN A 195 23.86 -8.73 15.68
N LEU A 196 22.81 -9.38 15.17
CA LEU A 196 21.49 -8.76 15.13
C LEU A 196 20.92 -8.59 16.54
N ARG A 197 21.13 -9.58 17.41
CA ARG A 197 20.60 -9.52 18.77
C ARG A 197 21.19 -8.36 19.55
N VAL A 198 22.47 -8.07 19.34
CA VAL A 198 23.15 -7.01 20.08
C VAL A 198 22.94 -5.65 19.44
N VAL A 199 23.23 -5.52 18.14
CA VAL A 199 23.21 -4.20 17.51
C VAL A 199 21.79 -3.63 17.50
N GLU A 200 20.79 -4.46 17.22
CA GLU A 200 19.42 -3.95 17.14
C GLU A 200 18.85 -3.61 18.51
N ASP A 201 19.45 -4.10 19.59
CA ASP A 201 18.99 -3.72 20.92
C ASP A 201 19.54 -2.35 21.34
N ILE A 202 20.68 -1.96 20.80
CA ILE A 202 21.32 -0.70 21.17
C ILE A 202 21.18 0.36 20.10
N ALA A 203 20.63 0.02 18.93
CA ALA A 203 20.64 0.93 17.79
C ALA A 203 19.87 2.22 18.08
N LEU A 204 18.76 2.13 18.83
CA LEU A 204 17.96 3.32 19.11
C LEU A 204 18.77 4.36 19.89
N ASP A 205 19.44 3.93 20.95
CA ASP A 205 20.24 4.86 21.75
C ASP A 205 21.37 5.48 20.94
N ILE A 206 21.95 4.72 20.00
CA ILE A 206 22.99 5.27 19.13
C ILE A 206 22.40 6.37 18.25
N ALA A 207 21.24 6.11 17.66
CA ALA A 207 20.61 7.09 16.78
C ALA A 207 20.21 8.34 17.54
N VAL A 208 19.74 8.18 18.78
CA VAL A 208 19.42 9.35 19.61
C VAL A 208 20.69 10.13 19.92
N GLY A 209 21.80 9.43 20.15
CA GLY A 209 23.07 10.11 20.33
C GLY A 209 23.48 10.89 19.09
N PHE A 210 23.22 10.34 17.91
CA PHE A 210 23.53 11.05 16.67
C PHE A 210 22.63 12.27 16.48
N ARG A 211 21.35 12.14 16.84
CA ARG A 211 20.43 13.27 16.70
C ARG A 211 20.90 14.45 17.54
N ARG A 212 21.38 14.18 18.75
CA ARG A 212 21.82 15.24 19.66
C ARG A 212 23.13 15.88 19.22
N LEU A 213 24.16 15.08 18.97
CA LEU A 213 25.47 15.66 18.68
C LEU A 213 25.50 16.37 17.33
N TYR A 214 24.85 15.80 16.30
CA TYR A 214 24.92 16.43 14.99
C TYR A 214 24.07 17.69 14.90
N ALA A 215 23.19 17.93 15.87
CA ALA A 215 22.44 19.18 15.92
C ALA A 215 23.21 20.28 16.64
N LYS A 216 24.37 19.95 17.21
CA LYS A 216 25.19 20.90 17.94
C LYS A 216 26.55 21.12 17.31
N VAL A 217 26.70 20.84 16.01
CA VAL A 217 27.99 21.02 15.35
C VAL A 217 28.20 22.51 15.10
N GLU A 218 29.28 23.04 15.63
CA GLU A 218 29.57 24.48 15.56
C GLU A 218 30.33 24.83 14.30
N VAL A 219 29.74 25.69 13.49
CA VAL A 219 30.43 26.25 12.32
C VAL A 219 30.26 27.76 12.41
N PRO A 220 31.28 28.55 12.02
CA PRO A 220 31.17 30.01 12.11
C PRO A 220 29.97 30.61 11.39
N GLY A 221 29.93 30.47 10.07
CA GLY A 221 28.98 31.22 9.27
C GLY A 221 27.57 30.69 9.25
N THR A 222 27.40 29.38 9.38
CA THR A 222 26.11 28.75 9.15
C THR A 222 25.71 27.91 10.36
N THR A 223 24.57 27.25 10.23
CA THR A 223 24.17 26.14 11.10
C THR A 223 24.14 24.87 10.27
N LEU A 224 24.46 23.75 10.90
CA LEU A 224 24.57 22.49 10.18
C LEU A 224 23.34 21.64 10.52
N PHE A 225 22.76 21.03 9.50
CA PHE A 225 21.59 20.15 9.64
C PHE A 225 20.41 20.86 10.31
N ALA A 226 20.13 22.08 9.85
CA ALA A 226 18.99 22.84 10.35
C ALA A 226 17.72 22.49 9.61
N GLY A 227 17.83 22.07 8.35
CA GLY A 227 16.66 21.77 7.56
C GLY A 227 15.85 20.66 8.18
N ARG A 228 14.54 20.72 7.99
CA ARG A 228 13.62 19.76 8.59
C ARG A 228 13.96 18.32 8.20
N ASP A 229 14.37 18.10 6.95
CA ASP A 229 14.68 16.76 6.45
C ASP A 229 16.18 16.53 6.25
N ASP A 230 17.03 17.24 7.01
CA ASP A 230 18.48 17.12 6.83
C ASP A 230 19.04 15.87 7.50
N LEU A 231 18.37 15.37 8.54
CA LEU A 231 18.80 14.20 9.29
C LEU A 231 17.80 13.06 9.13
N ALA A 232 17.33 12.85 7.90
CA ALA A 232 16.37 11.80 7.63
C ALA A 232 16.92 10.42 7.97
N TRP A 233 18.23 10.21 7.79
CA TRP A 233 18.85 8.97 8.21
C TRP A 233 18.60 8.71 9.70
N VAL A 234 18.85 9.73 10.53
CA VAL A 234 18.72 9.58 11.97
C VAL A 234 17.25 9.49 12.37
N ASP A 235 16.42 10.39 11.83
CA ASP A 235 15.02 10.42 12.21
C ASP A 235 14.31 9.12 11.88
N SER A 236 14.54 8.58 10.68
CA SER A 236 13.91 7.33 10.31
C SER A 236 14.39 6.16 11.17
N HIS A 237 15.66 6.18 11.58
CA HIS A 237 16.16 5.13 12.45
C HIS A 237 15.54 5.22 13.85
N ILE A 238 15.31 6.45 14.33
CA ILE A 238 14.68 6.60 15.64
C ILE A 238 13.26 6.04 15.62
N LYS A 239 12.56 6.21 14.49
CA LYS A 239 11.22 5.66 14.37
C LYS A 239 11.24 4.13 14.23
N ALA A 240 12.17 3.61 13.42
CA ALA A 240 12.20 2.20 13.03
C ALA A 240 12.90 1.26 14.01
N GLU A 241 13.84 1.74 14.82
CA GLU A 241 14.66 0.81 15.60
C GLU A 241 13.95 0.19 16.79
N THR A 242 12.80 0.72 17.21
CA THR A 242 12.07 0.05 18.28
C THR A 242 11.39 -1.22 17.79
N MET A 243 11.05 -1.28 16.50
CA MET A 243 10.53 -2.52 15.92
C MET A 243 11.62 -3.56 15.71
N HIS A 244 12.81 -3.14 15.27
CA HIS A 244 13.91 -4.09 15.09
C HIS A 244 14.29 -4.75 16.41
N ALA A 245 14.38 -3.95 17.48
CA ALA A 245 14.74 -4.51 18.78
C ALA A 245 13.69 -5.50 19.28
N ALA A 246 12.43 -5.28 18.91
CA ALA A 246 11.37 -6.21 19.32
C ALA A 246 11.45 -7.52 18.56
N GLN A 247 11.87 -7.47 17.29
CA GLN A 247 11.90 -8.68 16.48
C GLN A 247 13.08 -9.58 16.87
N VAL A 248 14.24 -8.99 17.16
CA VAL A 248 15.43 -9.79 17.44
C VAL A 248 15.35 -10.46 18.81
N SER A 249 14.55 -9.92 19.73
CA SER A 249 14.42 -10.48 21.07
C SER A 249 13.09 -11.17 21.30
N ASP A 250 12.32 -11.39 20.24
CA ASP A 250 10.99 -11.98 20.38
C ASP A 250 11.08 -13.37 20.99
N GLU A 251 10.11 -13.68 21.86
CA GLU A 251 10.09 -14.99 22.52
C GLU A 251 10.03 -16.12 21.52
N ASP A 252 9.25 -15.95 20.46
CA ASP A 252 9.02 -17.02 19.50
C ASP A 252 9.91 -16.94 18.27
N THR A 253 10.00 -15.78 17.61
CA THR A 253 10.77 -15.70 16.37
C THR A 253 12.05 -14.88 16.52
N GLY A 254 12.56 -14.73 17.75
CA GLY A 254 13.76 -13.95 17.98
C GLY A 254 15.04 -14.70 17.65
N MET A 255 16.15 -13.98 17.85
CA MET A 255 17.46 -14.52 17.48
C MET A 255 17.82 -15.77 18.28
N THR A 256 17.46 -15.81 19.56
CA THR A 256 17.84 -16.96 20.38
C THR A 256 17.07 -18.23 20.02
N ARG A 257 16.04 -18.13 19.18
CA ARG A 257 15.35 -19.32 18.71
C ARG A 257 16.11 -20.05 17.60
N LEU A 258 17.23 -19.49 17.15
CA LEU A 258 18.12 -20.19 16.24
C LEU A 258 19.09 -21.10 16.97
N VAL A 259 19.06 -21.12 18.30
CA VAL A 259 19.90 -22.00 19.10
C VAL A 259 19.14 -23.30 19.35
N ALA A 260 19.72 -24.41 18.89
CA ALA A 260 19.01 -25.69 18.88
C ALA A 260 19.27 -26.56 20.09
N ASP A 261 20.47 -26.51 20.67
CA ASP A 261 20.80 -27.32 21.84
C ASP A 261 21.48 -26.51 22.94
N ARG A 262 22.08 -27.20 23.91
CA ARG A 262 22.76 -26.49 25.00
C ARG A 262 24.20 -26.14 24.67
N GLU A 263 24.84 -26.90 23.78
CA GLU A 263 26.20 -26.58 23.38
C GLU A 263 26.23 -25.32 22.52
N GLN A 264 25.18 -25.09 21.72
CA GLN A 264 25.07 -23.83 20.97
C GLN A 264 24.67 -22.67 21.87
N ALA A 265 23.88 -22.94 22.92
CA ALA A 265 23.48 -21.88 23.84
C ALA A 265 24.68 -21.31 24.59
N GLU A 266 25.62 -22.17 24.98
CA GLU A 266 26.83 -21.69 25.65
C GLU A 266 27.72 -20.96 24.66
N GLU A 267 27.75 -21.41 23.40
CA GLU A 267 28.49 -20.70 22.37
C GLU A 267 27.85 -19.36 22.03
N PHE A 268 26.51 -19.30 22.05
CA PHE A 268 25.83 -18.05 21.77
C PHE A 268 26.13 -17.00 22.83
N LEU A 269 26.13 -17.40 24.10
CA LEU A 269 26.39 -16.46 25.18
C LEU A 269 27.85 -15.99 25.18
N THR A 270 28.78 -16.90 24.89
CA THR A 270 30.18 -16.52 24.81
C THR A 270 30.40 -15.52 23.68
N ALA A 271 29.76 -15.75 22.53
CA ALA A 271 29.89 -14.83 21.42
C ALA A 271 29.26 -13.48 21.73
N VAL A 272 28.12 -13.49 22.43
CA VAL A 272 27.46 -12.23 22.78
C VAL A 272 28.32 -11.42 23.74
N ARG A 273 28.92 -12.08 24.74
CA ARG A 273 29.81 -11.37 25.67
C ARG A 273 31.00 -10.78 24.93
N GLU A 274 31.63 -11.57 24.08
CA GLU A 274 32.79 -11.10 23.33
C GLU A 274 32.40 -9.98 22.36
N TYR A 275 31.26 -10.14 21.67
CA TYR A 275 30.84 -9.15 20.69
C TYR A 275 30.42 -7.84 21.35
N ALA A 276 29.65 -7.93 22.45
CA ALA A 276 29.20 -6.72 23.12
C ALA A 276 30.35 -5.92 23.70
N ALA A 277 31.41 -6.60 24.14
CA ALA A 277 32.56 -5.87 24.67
C ALA A 277 33.26 -5.05 23.59
N HIS A 278 33.34 -5.59 22.38
CA HIS A 278 33.93 -4.83 21.28
C HIS A 278 33.05 -3.65 20.90
N TRP A 279 31.73 -3.81 20.97
CA TRP A 279 30.84 -2.69 20.67
C TRP A 279 30.96 -1.61 21.73
N SER A 280 31.10 -2.00 22.99
CA SER A 280 31.29 -1.03 24.07
C SER A 280 32.58 -0.24 23.86
N ALA A 281 33.66 -0.94 23.53
CA ALA A 281 34.95 -0.28 23.30
C ALA A 281 34.89 0.67 22.11
N ALA A 282 34.23 0.24 21.02
CA ALA A 282 34.13 1.09 19.85
C ALA A 282 33.35 2.38 20.14
N LEU A 283 32.25 2.27 20.88
CA LEU A 283 31.46 3.45 21.21
C LEU A 283 32.18 4.35 22.20
N GLU A 284 33.08 3.80 23.02
CA GLU A 284 33.86 4.64 23.94
C GLU A 284 34.73 5.64 23.18
N THR A 285 35.22 5.26 21.99
CA THR A 285 35.98 6.21 21.20
C THR A 285 35.10 7.37 20.73
N TYR A 286 33.80 7.14 20.60
CA TYR A 286 32.90 8.24 20.25
C TYR A 286 32.85 9.27 21.37
N ALA A 287 32.80 8.81 22.62
CA ALA A 287 32.84 9.72 23.76
C ALA A 287 34.19 10.40 23.86
N GLN A 288 35.26 9.64 23.60
CA GLN A 288 36.60 10.22 23.63
C GLN A 288 36.74 11.32 22.58
N ALA A 289 36.18 11.11 21.39
CA ALA A 289 36.26 12.13 20.34
C ALA A 289 35.45 13.37 20.70
N LEU A 290 34.34 13.19 21.43
CA LEU A 290 33.55 14.35 21.84
C LEU A 290 34.29 15.18 22.89
N ARG A 291 34.95 14.52 23.84
CA ARG A 291 35.71 15.26 24.85
C ARG A 291 36.92 15.93 24.24
N ASP A 292 37.68 15.21 23.41
CA ASP A 292 38.90 15.79 22.85
C ASP A 292 38.63 16.85 21.80
N GLY A 293 37.50 16.75 21.10
CA GLY A 293 37.19 17.69 20.03
C GLY A 293 37.83 17.35 18.71
N HIS A 294 38.43 16.17 18.57
CA HIS A 294 39.05 15.73 17.33
C HIS A 294 39.29 14.23 17.45
N ALA A 295 39.73 13.62 16.35
CA ALA A 295 40.07 12.21 16.35
C ALA A 295 41.25 11.97 17.29
N ALA B 27 37.45 -4.32 -15.22
CA ALA B 27 37.34 -3.51 -16.44
C ALA B 27 36.45 -4.23 -17.43
N LEU B 28 35.37 -3.56 -17.87
CA LEU B 28 34.48 -4.14 -18.87
C LEU B 28 33.76 -3.02 -19.61
N SER B 29 33.82 -3.08 -20.93
CA SER B 29 33.25 -2.05 -21.80
C SER B 29 31.73 -2.17 -21.86
N ALA B 30 31.09 -1.17 -22.47
CA ALA B 30 29.68 -1.33 -22.84
C ALA B 30 29.51 -2.39 -23.91
N ALA B 31 30.53 -2.60 -24.75
CA ALA B 31 30.42 -3.61 -25.80
C ALA B 31 30.66 -5.01 -25.28
N GLU B 32 31.43 -5.16 -24.20
CA GLU B 32 31.72 -6.46 -23.61
C GLU B 32 30.64 -6.92 -22.65
N GLN B 33 29.77 -6.01 -22.19
CA GLN B 33 28.65 -6.38 -21.34
C GLN B 33 27.50 -6.98 -22.14
N GLN B 34 27.13 -6.34 -23.27
CA GLN B 34 26.10 -6.93 -24.12
C GLN B 34 26.60 -8.19 -24.80
N ASP B 35 27.91 -8.27 -25.07
CA ASP B 35 28.45 -9.51 -25.61
C ASP B 35 28.29 -10.63 -24.60
N LEU B 36 28.52 -10.34 -23.32
CA LEU B 36 28.34 -11.36 -22.30
C LEU B 36 26.88 -11.75 -22.13
N ASP B 37 25.98 -10.76 -22.10
CA ASP B 37 24.56 -11.08 -21.90
C ASP B 37 24.03 -11.93 -23.06
N ALA B 38 24.49 -11.66 -24.28
CA ALA B 38 24.05 -12.46 -25.41
C ALA B 38 24.61 -13.87 -25.32
N ARG B 39 25.86 -13.99 -24.87
CA ARG B 39 26.45 -15.30 -24.68
C ARG B 39 25.70 -16.11 -23.62
N VAL B 40 25.23 -15.43 -22.55
CA VAL B 40 24.47 -16.11 -21.52
C VAL B 40 23.15 -16.66 -22.07
N GLY B 41 22.42 -15.83 -22.82
CA GLY B 41 21.15 -16.28 -23.36
C GLY B 41 21.26 -17.48 -24.28
N LYS B 42 22.32 -17.52 -25.10
CA LYS B 42 22.53 -18.67 -25.98
C LYS B 42 22.94 -19.93 -25.23
N GLU B 43 23.69 -19.80 -24.13
CA GLU B 43 24.08 -20.98 -23.37
C GLU B 43 22.85 -21.67 -22.80
N ILE B 44 21.85 -20.88 -22.42
CA ILE B 44 20.58 -21.44 -21.95
C ILE B 44 19.84 -22.07 -23.10
N ASP B 45 19.93 -21.47 -24.29
CA ASP B 45 19.34 -22.06 -25.49
C ASP B 45 19.95 -23.41 -25.80
N ALA B 46 21.28 -23.52 -25.73
CA ALA B 46 21.98 -24.74 -26.08
C ALA B 46 21.78 -25.86 -25.07
N ALA B 47 21.22 -25.56 -23.90
CA ALA B 47 20.93 -26.57 -22.88
C ALA B 47 19.52 -27.14 -22.97
N ARG B 48 18.78 -26.80 -24.02
CA ARG B 48 17.40 -27.25 -24.22
C ARG B 48 16.53 -26.90 -23.03
N LEU B 49 16.58 -25.64 -22.61
CA LEU B 49 15.78 -25.18 -21.47
C LEU B 49 14.64 -24.26 -21.88
N ARG B 50 14.55 -23.87 -23.15
CA ARG B 50 13.49 -22.98 -23.60
C ARG B 50 12.17 -23.72 -23.78
N ARG B 51 11.12 -22.94 -24.00
CA ARG B 51 9.75 -23.45 -24.06
C ARG B 51 9.60 -24.61 -25.04
N ALA B 52 10.27 -24.55 -26.19
CA ALA B 52 10.06 -25.51 -27.27
C ALA B 52 11.09 -26.65 -27.30
N ASP B 53 12.06 -26.67 -26.39
CA ASP B 53 13.13 -27.65 -26.46
C ASP B 53 13.18 -28.66 -25.32
N ASN B 54 12.75 -28.29 -24.11
CA ASN B 54 12.83 -29.22 -22.99
C ASN B 54 11.68 -30.20 -23.04
N ALA B 55 11.99 -31.49 -22.86
CA ALA B 55 10.98 -32.54 -22.99
C ALA B 55 9.94 -32.47 -21.87
N PHE B 56 10.31 -32.02 -20.67
CA PHE B 56 9.31 -31.94 -19.60
C PHE B 56 8.18 -31.02 -20.00
N PHE B 57 8.51 -29.84 -20.56
CA PHE B 57 7.47 -28.92 -21.00
C PHE B 57 6.62 -29.56 -22.10
N GLY B 58 7.26 -30.31 -23.00
CA GLY B 58 6.52 -31.00 -24.03
C GLY B 58 5.71 -32.16 -23.50
N GLU B 59 6.32 -32.98 -22.63
CA GLU B 59 5.62 -34.16 -22.11
C GLU B 59 4.43 -33.77 -21.26
N ALA B 60 4.54 -32.65 -20.53
CA ALA B 60 3.43 -32.17 -19.72
C ALA B 60 2.34 -31.58 -20.60
N ARG B 61 2.74 -31.02 -21.76
CA ARG B 61 1.79 -30.47 -22.70
C ARG B 61 1.02 -31.58 -23.42
N LYS B 62 1.67 -32.71 -23.67
CA LYS B 62 1.05 -33.84 -24.37
C LYS B 62 0.22 -34.73 -23.45
N ALA B 63 0.62 -34.84 -22.19
CA ALA B 63 -0.09 -35.61 -21.17
C ALA B 63 -1.59 -35.48 -21.27
N GLU B 64 -2.27 -36.59 -21.55
CA GLU B 64 -3.72 -36.58 -21.41
C GLU B 64 -4.13 -36.93 -19.98
N SER B 65 -3.47 -37.92 -19.39
CA SER B 65 -3.72 -38.40 -18.04
C SER B 65 -2.41 -38.60 -17.29
N VAL B 66 -2.43 -38.33 -15.99
CA VAL B 66 -1.26 -38.47 -15.13
C VAL B 66 -1.62 -39.34 -13.94
N THR B 67 -0.75 -40.31 -13.61
CA THR B 67 -0.96 -41.16 -12.44
C THR B 67 -0.51 -40.44 -11.16
N PRO B 68 -1.14 -40.75 -10.03
CA PRO B 68 -0.70 -40.12 -8.77
C PRO B 68 0.74 -40.44 -8.40
N GLU B 69 1.22 -41.64 -8.74
CA GLU B 69 2.59 -42.02 -8.42
C GLU B 69 3.59 -41.14 -9.17
N ALA B 70 3.33 -40.88 -10.46
CA ALA B 70 4.21 -40.00 -11.22
C ALA B 70 4.15 -38.57 -10.69
N ALA B 71 2.95 -38.10 -10.34
CA ALA B 71 2.81 -36.76 -9.79
C ALA B 71 3.53 -36.63 -8.46
N LEU B 72 3.55 -37.70 -7.66
CA LEU B 72 4.24 -37.66 -6.38
C LEU B 72 5.75 -37.69 -6.57
N ALA B 73 6.23 -38.47 -7.55
CA ALA B 73 7.67 -38.50 -7.84
C ALA B 73 8.17 -37.13 -8.25
N ILE B 74 7.43 -36.43 -9.11
CA ILE B 74 7.82 -35.08 -9.52
C ILE B 74 7.73 -34.13 -8.34
N ALA B 75 6.73 -34.31 -7.47
CA ALA B 75 6.59 -33.43 -6.31
C ALA B 75 7.73 -33.62 -5.32
N HIS B 76 8.26 -34.84 -5.20
CA HIS B 76 9.42 -35.07 -4.33
C HIS B 76 10.68 -34.47 -4.93
N ARG B 77 10.85 -34.58 -6.25
CA ARG B 77 12.02 -34.02 -6.91
C ARG B 77 12.01 -32.50 -6.90
N TRP B 78 10.84 -31.90 -7.13
CA TRP B 78 10.76 -30.44 -7.08
C TRP B 78 10.98 -29.92 -5.66
N ARG B 79 10.51 -30.67 -4.65
CA ARG B 79 10.75 -30.27 -3.27
C ARG B 79 12.23 -30.18 -2.98
N ALA B 80 12.99 -31.21 -3.37
CA ALA B 80 14.42 -31.23 -3.13
C ALA B 80 15.15 -30.16 -3.94
N MET B 81 14.74 -29.98 -5.20
CA MET B 81 15.44 -29.04 -6.06
C MET B 81 15.16 -27.59 -5.66
N THR B 82 13.91 -27.29 -5.28
CA THR B 82 13.59 -25.92 -4.89
C THR B 82 14.13 -25.58 -3.52
N LYS B 83 14.18 -26.55 -2.59
CA LYS B 83 14.77 -26.29 -1.28
C LYS B 83 16.27 -26.04 -1.40
N ALA B 84 16.97 -26.84 -2.20
CA ALA B 84 18.39 -26.64 -2.39
C ALA B 84 18.68 -25.33 -3.13
N PHE B 85 17.83 -24.99 -4.10
CA PHE B 85 18.01 -23.74 -4.84
C PHE B 85 17.98 -22.54 -3.90
N MET B 86 16.98 -22.47 -3.03
CA MET B 86 16.86 -21.32 -2.13
C MET B 86 18.05 -21.23 -1.18
N PHE B 87 18.36 -22.34 -0.48
CA PHE B 87 19.39 -22.30 0.56
C PHE B 87 20.78 -22.10 -0.02
N THR B 88 21.09 -22.77 -1.14
CA THR B 88 22.42 -22.60 -1.72
C THR B 88 22.59 -21.23 -2.37
N THR B 89 21.49 -20.65 -2.87
CA THR B 89 21.58 -19.29 -3.41
C THR B 89 21.77 -18.27 -2.30
N LEU B 90 21.09 -18.46 -1.17
CA LEU B 90 21.33 -17.61 -0.01
C LEU B 90 22.75 -17.75 0.49
N SER B 91 23.30 -18.97 0.42
CA SER B 91 24.70 -19.18 0.80
C SER B 91 25.64 -18.45 -0.16
N GLY B 92 25.32 -18.48 -1.46
CA GLY B 92 26.10 -17.72 -2.42
C GLY B 92 25.98 -16.22 -2.22
N LEU B 93 24.82 -15.75 -1.79
CA LEU B 93 24.64 -14.34 -1.49
C LEU B 93 25.58 -13.91 -0.35
N GLY B 94 25.71 -14.76 0.68
CA GLY B 94 26.60 -14.44 1.78
C GLY B 94 28.06 -14.38 1.35
N VAL B 95 28.45 -15.25 0.43
CA VAL B 95 29.83 -15.23 -0.08
C VAL B 95 30.10 -13.92 -0.82
N MET B 96 29.09 -13.42 -1.56
CA MET B 96 29.25 -12.11 -2.19
C MET B 96 29.42 -11.01 -1.16
N ALA B 97 28.66 -11.09 -0.06
CA ALA B 97 28.77 -10.07 0.98
C ALA B 97 30.15 -10.06 1.60
N ARG B 98 30.78 -11.24 1.72
CA ARG B 98 32.13 -11.32 2.26
C ARG B 98 33.13 -10.64 1.35
N ARG B 99 32.95 -10.76 0.03
CA ARG B 99 33.86 -10.13 -0.91
C ARG B 99 33.71 -8.61 -0.90
N PHE B 100 32.48 -8.12 -0.86
CA PHE B 100 32.27 -6.68 -0.81
C PHE B 100 32.85 -6.06 0.46
N GLN B 101 32.80 -6.78 1.58
CA GLN B 101 33.35 -6.24 2.81
C GLN B 101 34.87 -6.12 2.75
N GLY B 102 35.52 -6.88 1.87
CA GLY B 102 36.94 -6.73 1.66
C GLY B 102 37.33 -5.54 0.82
N GLN B 103 36.36 -4.82 0.27
CA GLN B 103 36.62 -3.63 -0.52
C GLN B 103 36.28 -2.38 0.29
N ASP B 104 37.08 -1.33 0.10
CA ASP B 104 36.87 -0.10 0.85
C ASP B 104 35.55 0.57 0.46
N ALA B 105 35.26 0.63 -0.83
CA ALA B 105 34.05 1.25 -1.34
C ALA B 105 33.54 0.47 -2.54
N PRO B 106 32.70 -0.54 -2.32
CA PRO B 106 32.15 -1.30 -3.44
C PRO B 106 31.45 -0.39 -4.44
N ASP B 107 31.64 -0.70 -5.72
CA ASP B 107 31.04 0.09 -6.78
C ASP B 107 29.51 0.07 -6.65
N HIS B 108 28.90 1.26 -6.73
CA HIS B 108 27.46 1.39 -6.54
C HIS B 108 26.69 0.56 -7.55
N GLU B 109 27.24 0.41 -8.75
CA GLU B 109 26.57 -0.39 -9.76
C GLU B 109 26.59 -1.88 -9.39
N LEU B 110 27.66 -2.34 -8.75
CA LEU B 110 27.70 -3.71 -8.23
C LEU B 110 26.72 -3.87 -7.07
N LEU B 111 26.57 -2.84 -6.24
CA LEU B 111 25.62 -2.89 -5.14
C LEU B 111 24.18 -2.96 -5.63
N ALA B 112 23.88 -2.31 -6.76
CA ALA B 112 22.53 -2.36 -7.32
C ALA B 112 22.16 -3.78 -7.73
N ALA B 113 23.10 -4.49 -8.36
CA ALA B 113 22.84 -5.88 -8.72
C ALA B 113 22.82 -6.79 -7.49
N PHE B 114 23.62 -6.46 -6.47
CA PHE B 114 23.54 -7.17 -5.20
C PHE B 114 22.17 -6.99 -4.56
N GLN B 115 21.60 -5.79 -4.69
CA GLN B 115 20.24 -5.55 -4.23
C GLN B 115 19.24 -6.44 -4.97
N THR B 116 19.45 -6.62 -6.27
CA THR B 116 18.57 -7.48 -7.06
C THR B 116 18.63 -8.91 -6.54
N VAL B 117 19.84 -9.41 -6.27
CA VAL B 117 20.00 -10.77 -5.73
C VAL B 117 19.18 -10.92 -4.45
N TYR B 118 19.32 -9.97 -3.53
CA TYR B 118 18.61 -10.05 -2.25
C TYR B 118 17.10 -10.06 -2.44
N GLN B 119 16.60 -9.23 -3.36
CA GLN B 119 15.17 -9.10 -3.53
C GLN B 119 14.58 -10.32 -4.23
N VAL B 120 15.27 -10.83 -5.26
CA VAL B 120 14.72 -11.93 -6.06
C VAL B 120 14.65 -13.21 -5.24
N ILE B 121 15.78 -13.61 -4.63
CA ILE B 121 15.78 -14.84 -3.84
C ILE B 121 14.93 -14.68 -2.58
N GLY B 122 14.78 -13.45 -2.08
CA GLY B 122 13.99 -13.26 -0.87
C GLY B 122 12.53 -13.64 -1.01
N ASP B 123 11.99 -13.57 -2.23
CA ASP B 123 10.59 -13.91 -2.44
C ASP B 123 10.30 -15.36 -2.05
N ASP B 124 11.26 -16.26 -2.28
CA ASP B 124 11.08 -17.66 -1.87
C ASP B 124 11.03 -17.80 -0.35
N LEU B 125 11.45 -16.78 0.38
CA LEU B 125 11.53 -16.82 1.83
C LEU B 125 10.48 -15.97 2.52
N ASP B 126 10.10 -14.81 1.95
CA ASP B 126 9.19 -13.89 2.62
C ASP B 126 7.99 -13.47 1.78
N ASN B 127 7.92 -13.84 0.50
CA ASN B 127 6.75 -13.56 -0.36
C ASN B 127 6.43 -12.07 -0.42
N ALA B 128 7.44 -11.26 -0.74
CA ALA B 128 7.24 -9.82 -0.81
C ALA B 128 6.47 -9.40 -2.07
N ALA B 129 6.70 -10.10 -3.18
CA ALA B 129 6.05 -9.73 -4.42
C ALA B 129 4.52 -9.79 -4.27
N PRO B 130 3.78 -8.87 -4.89
CA PRO B 130 2.32 -8.86 -4.70
C PRO B 130 1.62 -10.17 -5.02
N ALA B 131 1.99 -10.84 -6.12
CA ALA B 131 1.35 -12.10 -6.46
C ALA B 131 1.56 -13.15 -5.38
N PHE B 132 2.72 -13.12 -4.70
CA PHE B 132 2.95 -14.10 -3.64
C PHE B 132 2.26 -13.66 -2.36
N ARG B 133 2.33 -12.37 -2.03
CA ARG B 133 1.73 -11.86 -0.80
C ARG B 133 0.23 -12.15 -0.74
N GLU B 134 -0.43 -12.18 -1.91
CA GLU B 134 -1.88 -12.29 -1.94
C GLU B 134 -2.36 -13.67 -1.52
N VAL B 135 -1.60 -14.72 -1.86
CA VAL B 135 -2.06 -16.08 -1.62
C VAL B 135 -1.16 -16.88 -0.68
N ALA B 136 0.10 -16.49 -0.48
CA ALA B 136 1.00 -17.34 0.26
C ALA B 136 0.67 -17.35 1.75
N PRO B 137 0.91 -18.48 2.43
CA PRO B 137 0.71 -18.52 3.87
C PRO B 137 1.76 -17.66 4.59
N ARG B 138 1.38 -17.24 5.80
CA ARG B 138 2.26 -16.46 6.65
C ARG B 138 3.22 -17.36 7.41
N GLY B 139 4.35 -16.80 7.83
CA GLY B 139 5.33 -17.52 8.61
C GLY B 139 6.08 -18.56 7.81
N PRO B 140 6.61 -19.57 8.50
CA PRO B 140 7.40 -20.60 7.80
C PRO B 140 6.62 -21.37 6.75
N ALA B 141 5.29 -21.48 6.90
CA ALA B 141 4.48 -22.19 5.93
C ALA B 141 4.46 -21.51 4.57
N GLY B 142 4.92 -20.27 4.48
CA GLY B 142 5.02 -19.58 3.21
C GLY B 142 6.32 -19.77 2.47
N ILE B 143 7.33 -20.35 3.12
CA ILE B 143 8.57 -20.70 2.43
C ILE B 143 8.24 -21.65 1.29
N HIS B 144 8.70 -21.31 0.08
CA HIS B 144 8.16 -21.93 -1.13
C HIS B 144 8.28 -23.45 -1.11
N TYR B 145 9.38 -24.00 -0.59
CA TYR B 145 9.48 -25.46 -0.57
C TYR B 145 8.57 -26.05 0.49
N VAL B 146 8.32 -25.33 1.58
CA VAL B 146 7.37 -25.79 2.59
C VAL B 146 5.94 -25.60 2.10
N TRP B 147 5.68 -24.49 1.42
CA TRP B 147 4.37 -24.25 0.81
C TRP B 147 4.07 -25.33 -0.23
N TRP B 148 5.08 -25.76 -0.98
CA TRP B 148 4.90 -26.78 -2.01
C TRP B 148 4.58 -28.15 -1.40
N GLU B 149 5.31 -28.54 -0.35
CA GLU B 149 5.06 -29.84 0.25
C GLU B 149 3.69 -29.90 0.93
N ASP B 150 3.20 -28.78 1.44
CA ASP B 150 1.92 -28.78 2.15
C ASP B 150 0.73 -28.79 1.19
N THR B 151 0.81 -28.05 0.09
CA THR B 151 -0.33 -27.85 -0.79
C THR B 151 -0.30 -28.69 -2.06
N VAL B 152 0.84 -29.29 -2.40
CA VAL B 152 0.94 -30.07 -3.63
C VAL B 152 1.36 -31.49 -3.33
N LEU B 153 2.52 -31.65 -2.66
CA LEU B 153 3.07 -32.97 -2.42
C LEU B 153 2.17 -33.80 -1.52
N LYS B 154 1.89 -33.32 -0.31
CA LYS B 154 1.11 -34.10 0.63
C LYS B 154 -0.31 -34.40 0.14
N PRO B 155 -1.05 -33.47 -0.49
CA PRO B 155 -2.36 -33.87 -1.04
C PRO B 155 -2.29 -34.99 -2.06
N VAL B 156 -1.24 -35.05 -2.88
CA VAL B 156 -1.12 -36.12 -3.86
C VAL B 156 -0.68 -37.41 -3.18
N ALA B 157 0.19 -37.31 -2.17
CA ALA B 157 0.67 -38.50 -1.47
C ALA B 157 -0.44 -39.23 -0.75
N ALA B 158 -1.57 -38.57 -0.47
CA ALA B 158 -2.69 -39.21 0.21
C ALA B 158 -3.39 -40.23 -0.66
N HIS B 159 -3.12 -40.25 -1.96
CA HIS B 159 -3.73 -41.21 -2.89
C HIS B 159 -2.70 -42.19 -3.45
N VAL B 160 -1.65 -42.47 -2.69
CA VAL B 160 -0.56 -43.35 -3.13
C VAL B 160 -0.28 -44.35 -2.02
N ALA B 161 -0.13 -45.62 -2.40
CA ALA B 161 0.11 -46.67 -1.43
C ALA B 161 1.46 -46.47 -0.74
N GLU B 162 1.53 -46.96 0.49
CA GLU B 162 2.69 -46.76 1.37
C GLU B 162 4.00 -47.15 0.72
N GLU B 163 4.07 -48.33 0.11
CA GLU B 163 5.31 -48.74 -0.51
C GLU B 163 5.64 -47.89 -1.73
N ASP B 164 4.61 -47.45 -2.47
CA ASP B 164 4.85 -46.60 -3.63
C ASP B 164 5.27 -45.19 -3.22
N ARG B 165 4.90 -44.76 -2.02
CA ARG B 165 5.38 -43.46 -1.52
C ARG B 165 6.89 -43.47 -1.39
N GLN B 166 7.45 -44.56 -0.86
CA GLN B 166 8.90 -44.66 -0.68
C GLN B 166 9.65 -44.64 -2.00
N SER B 167 9.10 -45.30 -3.03
CA SER B 167 9.78 -45.33 -4.32
C SER B 167 9.71 -43.99 -5.02
N ALA B 168 8.64 -43.22 -4.78
CA ALA B 168 8.55 -41.89 -5.36
C ALA B 168 9.54 -40.91 -4.74
N ALA B 169 10.03 -41.20 -3.53
CA ALA B 169 10.95 -40.30 -2.84
C ALA B 169 12.41 -40.50 -3.20
N VAL B 170 12.78 -41.61 -3.85
CA VAL B 170 14.16 -41.83 -4.22
C VAL B 170 14.48 -40.95 -5.43
N LEU B 171 15.46 -40.05 -5.28
CA LEU B 171 15.77 -39.10 -6.34
C LEU B 171 16.62 -39.76 -7.43
N PRO B 172 16.35 -39.47 -8.69
CA PRO B 172 17.22 -39.97 -9.76
C PRO B 172 18.61 -39.35 -9.68
N ARG B 173 19.57 -40.06 -10.28
CA ARG B 173 20.95 -39.57 -10.25
C ARG B 173 21.09 -38.24 -10.99
N ALA B 174 20.27 -38.00 -12.02
CA ALA B 174 20.29 -36.70 -12.68
C ALA B 174 19.83 -35.59 -11.75
N VAL B 175 18.93 -35.91 -10.82
CA VAL B 175 18.47 -34.91 -9.86
C VAL B 175 19.55 -34.66 -8.82
N THR B 176 20.15 -35.72 -8.29
CA THR B 176 21.22 -35.55 -7.31
C THR B 176 22.45 -34.90 -7.93
N GLY B 177 22.65 -35.07 -9.23
CA GLY B 177 23.73 -34.35 -9.89
C GLY B 177 23.51 -32.86 -9.92
N LEU B 178 22.26 -32.44 -10.10
CA LEU B 178 21.95 -31.01 -10.01
C LEU B 178 22.11 -30.52 -8.58
N LEU B 179 21.68 -31.31 -7.60
CA LEU B 179 21.85 -30.93 -6.21
C LEU B 179 23.32 -30.79 -5.83
N ASP B 180 24.18 -31.64 -6.42
CA ASP B 180 25.62 -31.52 -6.17
C ASP B 180 26.19 -30.26 -6.81
N SER B 181 25.70 -29.90 -7.99
CA SER B 181 26.12 -28.65 -8.62
C SER B 181 25.73 -27.45 -7.77
N MET B 182 24.53 -27.47 -7.21
CA MET B 182 24.07 -26.38 -6.36
C MET B 182 24.96 -26.25 -5.11
N ASP B 183 25.41 -27.38 -4.56
CA ASP B 183 26.26 -27.34 -3.38
C ASP B 183 27.61 -26.67 -3.65
N ARG B 184 28.14 -26.82 -4.87
CA ARG B 184 29.39 -26.17 -5.21
C ARG B 184 29.19 -24.67 -5.42
N LEU B 185 28.12 -24.30 -6.12
CA LEU B 185 27.83 -22.89 -6.35
C LEU B 185 27.50 -22.16 -5.07
N ALA B 186 27.19 -22.90 -3.99
CA ALA B 186 26.87 -22.28 -2.71
C ALA B 186 28.06 -21.51 -2.15
N THR B 187 29.29 -21.89 -2.52
CA THR B 187 30.49 -21.21 -2.07
C THR B 187 31.20 -20.45 -3.19
N HIS B 188 30.61 -20.42 -4.38
CA HIS B 188 31.22 -19.74 -5.52
C HIS B 188 30.95 -18.23 -5.44
N PRO B 189 31.96 -17.39 -5.71
CA PRO B 189 31.76 -15.94 -5.65
C PRO B 189 30.69 -15.42 -6.59
N LEU B 190 30.32 -16.17 -7.62
CA LEU B 190 29.26 -15.78 -8.54
C LEU B 190 28.13 -16.81 -8.58
N GLY B 191 28.15 -17.79 -7.69
CA GLY B 191 27.16 -18.86 -7.72
C GLY B 191 25.73 -18.36 -7.67
N ALA B 192 25.44 -17.44 -6.73
CA ALA B 192 24.09 -16.92 -6.61
C ALA B 192 23.66 -16.20 -7.87
N ALA B 193 24.58 -15.48 -8.53
CA ALA B 193 24.24 -14.83 -9.78
C ALA B 193 24.01 -15.84 -10.89
N VAL B 194 24.77 -16.93 -10.89
CA VAL B 194 24.60 -17.97 -11.90
C VAL B 194 23.25 -18.67 -11.72
N GLN B 195 22.96 -19.12 -10.48
CA GLN B 195 21.71 -19.83 -10.22
C GLN B 195 20.50 -18.95 -10.54
N LEU B 196 20.54 -17.68 -10.11
CA LEU B 196 19.39 -16.81 -10.32
C LEU B 196 19.18 -16.51 -11.80
N ARG B 197 20.27 -16.30 -12.53
CA ARG B 197 20.16 -15.96 -13.95
C ARG B 197 19.51 -17.10 -14.75
N VAL B 198 19.79 -18.34 -14.38
CA VAL B 198 19.26 -19.49 -15.12
C VAL B 198 17.87 -19.87 -14.64
N VAL B 199 17.70 -20.08 -13.34
CA VAL B 199 16.44 -20.62 -12.82
C VAL B 199 15.29 -19.66 -13.06
N GLU B 200 15.52 -18.36 -12.85
CA GLU B 200 14.44 -17.40 -13.01
C GLU B 200 14.06 -17.20 -14.47
N ASP B 201 14.93 -17.59 -15.40
CA ASP B 201 14.59 -17.52 -16.82
C ASP B 201 13.70 -18.67 -17.25
N ILE B 202 13.79 -19.80 -16.56
CA ILE B 202 13.01 -21.00 -16.90
C ILE B 202 11.87 -21.25 -15.94
N ALA B 203 11.77 -20.50 -14.84
CA ALA B 203 10.80 -20.82 -13.79
C ALA B 203 9.37 -20.76 -14.29
N LEU B 204 9.06 -19.83 -15.20
CA LEU B 204 7.70 -19.71 -15.70
C LEU B 204 7.25 -20.98 -16.42
N ASP B 205 8.06 -21.49 -17.34
CA ASP B 205 7.70 -22.69 -18.08
C ASP B 205 7.59 -23.92 -17.17
N ILE B 206 8.40 -23.99 -16.12
CA ILE B 206 8.27 -25.10 -15.18
C ILE B 206 6.91 -25.04 -14.48
N ALA B 207 6.52 -23.84 -14.03
CA ALA B 207 5.23 -23.68 -13.36
C ALA B 207 4.08 -24.01 -14.30
N VAL B 208 4.21 -23.65 -15.57
CA VAL B 208 3.18 -24.00 -16.55
C VAL B 208 3.09 -25.51 -16.71
N GLY B 209 4.25 -26.18 -16.69
CA GLY B 209 4.23 -27.64 -16.71
C GLY B 209 3.53 -28.22 -15.50
N PHE B 210 3.74 -27.61 -14.32
CA PHE B 210 3.06 -28.07 -13.12
C PHE B 210 1.57 -27.82 -13.20
N ARG B 211 1.17 -26.66 -13.75
CA ARG B 211 -0.25 -26.36 -13.88
C ARG B 211 -0.95 -27.38 -14.76
N ARG B 212 -0.28 -27.81 -15.84
CA ARG B 212 -0.88 -28.78 -16.75
C ARG B 212 -0.96 -30.18 -16.14
N LEU B 213 0.17 -30.70 -15.63
CA LEU B 213 0.21 -32.09 -15.18
C LEU B 213 -0.62 -32.32 -13.91
N TYR B 214 -0.55 -31.39 -12.95
CA TYR B 214 -1.28 -31.62 -11.71
C TYR B 214 -2.78 -31.44 -11.86
N ALA B 215 -3.24 -30.84 -12.96
CA ALA B 215 -4.68 -30.75 -13.22
C ALA B 215 -5.22 -32.02 -13.89
N LYS B 216 -4.36 -32.95 -14.28
CA LYS B 216 -4.78 -34.19 -14.95
C LYS B 216 -4.46 -35.44 -14.16
N VAL B 217 -4.32 -35.33 -12.84
CA VAL B 217 -4.02 -36.47 -11.98
C VAL B 217 -5.29 -37.29 -11.78
N GLU B 218 -5.23 -38.58 -12.16
CA GLU B 218 -6.40 -39.46 -12.11
C GLU B 218 -6.51 -40.14 -10.75
N VAL B 219 -7.63 -39.92 -10.07
CA VAL B 219 -7.89 -40.63 -8.83
C VAL B 219 -9.29 -41.24 -8.90
N PRO B 220 -9.49 -42.45 -8.38
CA PRO B 220 -10.83 -43.08 -8.40
C PRO B 220 -11.88 -42.21 -7.73
N GLY B 221 -12.94 -41.90 -8.48
CA GLY B 221 -14.17 -41.36 -7.92
C GLY B 221 -14.03 -40.06 -7.16
N THR B 222 -13.04 -39.23 -7.49
CA THR B 222 -12.93 -37.89 -6.94
C THR B 222 -12.01 -37.08 -7.84
N THR B 223 -11.92 -35.78 -7.56
CA THR B 223 -11.10 -34.89 -8.35
C THR B 223 -10.11 -34.14 -7.45
N LEU B 224 -8.85 -34.10 -7.88
CA LEU B 224 -7.80 -33.37 -7.21
C LEU B 224 -7.65 -31.97 -7.80
N PHE B 225 -7.38 -31.01 -6.91
CA PHE B 225 -7.12 -29.61 -7.26
C PHE B 225 -8.17 -29.02 -8.20
N ALA B 226 -9.45 -29.24 -7.88
CA ALA B 226 -10.52 -28.64 -8.66
C ALA B 226 -10.83 -27.23 -8.19
N GLY B 227 -10.57 -26.95 -6.91
CA GLY B 227 -10.87 -25.65 -6.36
C GLY B 227 -10.11 -24.54 -7.04
N ARG B 228 -10.72 -23.35 -7.04
CA ARG B 228 -10.14 -22.18 -7.68
C ARG B 228 -8.76 -21.85 -7.12
N ASP B 229 -8.57 -22.04 -5.81
CA ASP B 229 -7.28 -21.72 -5.19
C ASP B 229 -6.53 -22.97 -4.74
N ASP B 230 -6.76 -24.11 -5.39
CA ASP B 230 -6.10 -25.36 -4.99
C ASP B 230 -4.68 -25.49 -5.53
N LEU B 231 -4.17 -24.47 -6.20
CA LEU B 231 -2.86 -24.46 -6.82
C LEU B 231 -2.30 -23.05 -6.77
N ALA B 232 -2.49 -22.40 -5.62
CA ALA B 232 -2.00 -21.04 -5.43
C ALA B 232 -0.49 -20.97 -5.59
N TRP B 233 0.23 -22.03 -5.19
CA TRP B 233 1.66 -22.07 -5.42
C TRP B 233 1.97 -21.92 -6.91
N VAL B 234 1.28 -22.69 -7.75
CA VAL B 234 1.55 -22.68 -9.19
C VAL B 234 1.06 -21.39 -9.82
N ASP B 235 -0.18 -20.99 -9.52
CA ASP B 235 -0.76 -19.81 -10.15
C ASP B 235 0.00 -18.55 -9.79
N SER B 236 0.37 -18.39 -8.52
CA SER B 236 1.11 -17.19 -8.11
C SER B 236 2.50 -17.15 -8.74
N HIS B 237 3.13 -18.31 -8.94
CA HIS B 237 4.42 -18.33 -9.60
C HIS B 237 4.29 -17.94 -11.06
N ILE B 238 3.20 -18.37 -11.71
CA ILE B 238 2.99 -18.01 -13.11
C ILE B 238 2.83 -16.50 -13.25
N LYS B 239 2.22 -15.85 -12.25
CA LYS B 239 2.07 -14.40 -12.29
C LYS B 239 3.39 -13.69 -12.02
N ALA B 240 4.15 -14.15 -11.02
CA ALA B 240 5.34 -13.47 -10.51
C ALA B 240 6.63 -13.76 -11.28
N GLU B 241 6.75 -14.91 -11.95
CA GLU B 241 8.05 -15.30 -12.48
C GLU B 241 8.48 -14.52 -13.71
N THR B 242 7.57 -13.79 -14.37
CA THR B 242 8.00 -12.95 -15.49
C THR B 242 8.74 -11.71 -15.00
N MET B 243 8.42 -11.25 -13.80
CA MET B 243 9.17 -10.14 -13.21
C MET B 243 10.56 -10.59 -12.74
N HIS B 244 10.66 -11.78 -12.13
CA HIS B 244 11.95 -12.31 -11.72
C HIS B 244 12.89 -12.44 -12.92
N ALA B 245 12.38 -12.94 -14.05
CA ALA B 245 13.20 -13.10 -15.24
C ALA B 245 13.64 -11.74 -15.78
N ALA B 246 12.78 -10.73 -15.70
CA ALA B 246 13.16 -9.40 -16.15
C ALA B 246 14.24 -8.79 -15.25
N GLN B 247 14.20 -9.11 -13.96
CA GLN B 247 15.16 -8.52 -13.03
C GLN B 247 16.55 -9.14 -13.18
N VAL B 248 16.61 -10.47 -13.34
CA VAL B 248 17.92 -11.14 -13.38
C VAL B 248 18.66 -10.86 -14.68
N SER B 249 17.97 -10.45 -15.73
CA SER B 249 18.59 -10.19 -17.02
C SER B 249 18.61 -8.71 -17.38
N ASP B 250 18.25 -7.84 -16.44
CA ASP B 250 18.27 -6.40 -16.69
C ASP B 250 19.65 -5.94 -17.12
N GLU B 251 19.68 -4.99 -18.06
CA GLU B 251 20.95 -4.49 -18.58
C GLU B 251 21.76 -3.78 -17.50
N ASP B 252 21.08 -3.09 -16.59
CA ASP B 252 21.78 -2.33 -15.57
C ASP B 252 21.83 -3.03 -14.22
N THR B 253 20.77 -3.71 -13.78
CA THR B 253 20.82 -4.30 -12.46
C THR B 253 20.71 -5.82 -12.47
N GLY B 254 21.02 -6.46 -13.60
CA GLY B 254 20.91 -7.90 -13.71
C GLY B 254 22.12 -8.64 -13.15
N MET B 255 22.02 -9.96 -13.24
CA MET B 255 23.03 -10.84 -12.66
C MET B 255 24.39 -10.63 -13.31
N THR B 256 24.43 -10.42 -14.63
CA THR B 256 25.70 -10.26 -15.31
C THR B 256 26.40 -8.95 -14.97
N ARG B 257 25.72 -8.02 -14.30
CA ARG B 257 26.37 -6.80 -13.84
C ARG B 257 27.21 -7.04 -12.60
N LEU B 258 27.16 -8.23 -12.02
CA LEU B 258 28.05 -8.62 -10.95
C LEU B 258 29.39 -9.15 -11.46
N VAL B 259 29.56 -9.23 -12.78
CA VAL B 259 30.81 -9.66 -13.39
C VAL B 259 31.68 -8.44 -13.64
N ALA B 260 32.86 -8.42 -13.02
CA ALA B 260 33.70 -7.23 -12.97
C ALA B 260 34.78 -7.18 -14.05
N ASP B 261 35.34 -8.31 -14.44
CA ASP B 261 36.39 -8.33 -15.45
C ASP B 261 36.06 -9.39 -16.50
N ARG B 262 37.06 -9.77 -17.28
CA ARG B 262 36.89 -10.77 -18.33
C ARG B 262 37.15 -12.19 -17.85
N GLU B 263 37.99 -12.36 -16.83
CA GLU B 263 38.20 -13.70 -16.30
C GLU B 263 36.96 -14.16 -15.55
N GLN B 264 36.25 -13.23 -14.91
CA GLN B 264 34.96 -13.59 -14.32
C GLN B 264 33.90 -13.78 -15.40
N ALA B 265 34.01 -13.07 -16.52
CA ALA B 265 33.05 -13.26 -17.61
C ALA B 265 33.18 -14.66 -18.21
N GLU B 266 34.41 -15.15 -18.37
CA GLU B 266 34.59 -16.50 -18.88
C GLU B 266 34.19 -17.54 -17.84
N GLU B 267 34.46 -17.26 -16.57
CA GLU B 267 34.04 -18.14 -15.48
C GLU B 267 32.53 -18.15 -15.33
N PHE B 268 31.87 -17.01 -15.57
CA PHE B 268 30.42 -16.95 -15.51
C PHE B 268 29.80 -17.83 -16.59
N LEU B 269 30.35 -17.78 -17.81
CA LEU B 269 29.80 -18.56 -18.91
C LEU B 269 30.05 -20.06 -18.72
N THR B 270 31.21 -20.43 -18.20
CA THR B 270 31.49 -21.84 -17.93
C THR B 270 30.55 -22.38 -16.87
N ALA B 271 30.31 -21.60 -15.81
CA ALA B 271 29.42 -22.04 -14.75
C ALA B 271 27.98 -22.14 -15.24
N VAL B 272 27.55 -21.21 -16.11
CA VAL B 272 26.19 -21.25 -16.63
C VAL B 272 25.97 -22.47 -17.50
N ARG B 273 26.94 -22.80 -18.35
CA ARG B 273 26.80 -23.97 -19.22
C ARG B 273 26.68 -25.25 -18.41
N GLU B 274 27.55 -25.44 -17.42
CA GLU B 274 27.49 -26.64 -16.59
C GLU B 274 26.20 -26.68 -15.76
N TYR B 275 25.79 -25.54 -15.19
CA TYR B 275 24.60 -25.50 -14.35
C TYR B 275 23.35 -25.76 -15.18
N ALA B 276 23.25 -25.13 -16.35
CA ALA B 276 22.08 -25.33 -17.22
C ALA B 276 22.00 -26.77 -17.71
N ALA B 277 23.14 -27.41 -17.94
CA ALA B 277 23.12 -28.81 -18.38
C ALA B 277 22.56 -29.71 -17.29
N HIS B 278 22.89 -29.43 -16.03
CA HIS B 278 22.33 -30.21 -14.93
C HIS B 278 20.83 -29.98 -14.79
N TRP B 279 20.39 -28.75 -15.04
CA TRP B 279 18.96 -28.46 -14.97
C TRP B 279 18.20 -29.17 -16.07
N SER B 280 18.77 -29.22 -17.28
CA SER B 280 18.14 -29.94 -18.37
C SER B 280 18.00 -31.43 -18.05
N ALA B 281 19.07 -32.03 -17.54
CA ALA B 281 19.03 -33.45 -17.19
C ALA B 281 18.03 -33.73 -16.09
N ALA B 282 17.99 -32.86 -15.08
CA ALA B 282 17.05 -33.05 -13.97
C ALA B 282 15.60 -32.97 -14.45
N LEU B 283 15.30 -32.02 -15.34
CA LEU B 283 13.94 -31.88 -15.84
C LEU B 283 13.54 -33.04 -16.76
N GLU B 284 14.51 -33.68 -17.41
CA GLU B 284 14.18 -34.83 -18.24
C GLU B 284 13.63 -35.99 -17.40
N THR B 285 14.11 -36.14 -16.16
CA THR B 285 13.55 -37.18 -15.31
C THR B 285 12.08 -36.91 -15.00
N TYR B 286 11.66 -35.65 -15.04
CA TYR B 286 10.24 -35.34 -14.87
C TYR B 286 9.45 -35.88 -16.05
N ALA B 287 9.98 -35.71 -17.26
CA ALA B 287 9.31 -36.25 -18.44
C ALA B 287 9.30 -37.76 -18.42
N GLN B 288 10.39 -38.38 -17.96
CA GLN B 288 10.45 -39.83 -17.83
C GLN B 288 9.39 -40.33 -16.86
N ALA B 289 9.19 -39.62 -15.76
CA ALA B 289 8.17 -40.05 -14.80
C ALA B 289 6.78 -39.97 -15.40
N LEU B 290 6.55 -39.00 -16.29
CA LEU B 290 5.24 -38.86 -16.92
C LEU B 290 4.97 -40.01 -17.88
N ARG B 291 5.97 -40.43 -18.66
CA ARG B 291 5.77 -41.55 -19.57
C ARG B 291 5.59 -42.86 -18.80
N ASP B 292 6.43 -43.08 -17.78
CA ASP B 292 6.38 -44.35 -17.05
C ASP B 292 5.16 -44.46 -16.14
N GLY B 293 4.65 -43.33 -15.66
CA GLY B 293 3.52 -43.36 -14.74
C GLY B 293 3.87 -43.61 -13.30
N HIS B 294 5.16 -43.61 -12.95
CA HIS B 294 5.63 -43.83 -11.59
C HIS B 294 7.09 -43.39 -11.54
N ALA B 295 7.71 -43.50 -10.36
CA ALA B 295 9.12 -43.19 -10.19
C ALA B 295 9.94 -44.14 -11.06
N ALA C 27 -8.29 -25.16 -39.71
CA ALA C 27 -8.19 -25.22 -38.25
C ALA C 27 -6.73 -25.23 -37.79
N LEU C 28 -6.42 -24.39 -36.80
CA LEU C 28 -5.07 -24.32 -36.24
C LEU C 28 -4.89 -25.36 -35.14
N SER C 29 -3.70 -25.95 -35.09
CA SER C 29 -3.28 -26.75 -33.95
C SER C 29 -2.68 -25.85 -32.88
N ALA C 30 -2.46 -26.42 -31.69
CA ALA C 30 -1.73 -25.71 -30.65
C ALA C 30 -0.28 -25.46 -31.05
N ALA C 31 0.28 -26.29 -31.92
CA ALA C 31 1.64 -26.05 -32.42
C ALA C 31 1.67 -24.89 -33.41
N GLU C 32 0.71 -24.82 -34.32
CA GLU C 32 0.60 -23.66 -35.20
C GLU C 32 0.22 -22.41 -34.43
N GLN C 33 -0.46 -22.58 -33.29
CA GLN C 33 -0.97 -21.44 -32.55
C GLN C 33 0.13 -20.71 -31.79
N GLN C 34 1.09 -21.45 -31.20
CA GLN C 34 2.25 -20.78 -30.63
C GLN C 34 3.23 -20.30 -31.69
N ASP C 35 3.29 -20.97 -32.84
CA ASP C 35 4.10 -20.43 -33.93
C ASP C 35 3.54 -19.09 -34.37
N LEU C 36 2.21 -18.93 -34.29
CA LEU C 36 1.59 -17.64 -34.53
C LEU C 36 2.06 -16.62 -33.50
N ASP C 37 2.12 -17.04 -32.23
CA ASP C 37 2.58 -16.14 -31.17
C ASP C 37 4.02 -15.73 -31.40
N ALA C 38 4.85 -16.64 -31.93
CA ALA C 38 6.23 -16.30 -32.24
C ALA C 38 6.29 -15.30 -33.40
N ARG C 39 5.45 -15.51 -34.41
CA ARG C 39 5.37 -14.57 -35.52
C ARG C 39 4.88 -13.20 -35.06
N VAL C 40 3.98 -13.16 -34.07
CA VAL C 40 3.54 -11.89 -33.49
C VAL C 40 4.72 -11.18 -32.84
N GLY C 41 5.51 -11.92 -32.07
CA GLY C 41 6.72 -11.35 -31.50
C GLY C 41 7.67 -10.87 -32.57
N LYS C 42 7.70 -11.56 -33.71
CA LYS C 42 8.51 -11.13 -34.83
C LYS C 42 8.02 -9.79 -35.36
N GLU C 43 6.70 -9.60 -35.37
CA GLU C 43 6.10 -8.36 -35.85
C GLU C 43 6.37 -7.19 -34.91
N ILE C 44 6.36 -7.45 -33.59
CA ILE C 44 6.63 -6.37 -32.64
C ILE C 44 8.09 -5.95 -32.74
N ASP C 45 8.99 -6.90 -32.98
CA ASP C 45 10.41 -6.58 -33.16
C ASP C 45 10.61 -5.65 -34.35
N ALA C 46 10.02 -5.98 -35.49
CA ALA C 46 10.19 -5.20 -36.71
C ALA C 46 9.49 -3.85 -36.66
N ALA C 47 8.64 -3.63 -35.67
CA ALA C 47 7.93 -2.36 -35.53
C ALA C 47 8.67 -1.35 -34.66
N ARG C 48 9.92 -1.62 -34.28
CA ARG C 48 10.68 -0.72 -33.42
C ARG C 48 9.96 -0.44 -32.11
N LEU C 49 9.47 -1.50 -31.47
CA LEU C 49 8.78 -1.37 -30.19
C LEU C 49 9.55 -1.91 -28.99
N ARG C 50 10.68 -2.59 -29.20
CA ARG C 50 11.41 -3.14 -28.07
C ARG C 50 12.20 -2.06 -27.35
N ARG C 51 12.72 -2.42 -26.16
CA ARG C 51 13.43 -1.46 -25.31
C ARG C 51 14.53 -0.73 -26.04
N ALA C 52 15.27 -1.42 -26.90
CA ALA C 52 16.45 -0.83 -27.51
C ALA C 52 16.18 -0.21 -28.88
N ASP C 53 14.94 -0.27 -29.37
CA ASP C 53 14.67 0.22 -30.71
C ASP C 53 13.79 1.46 -30.76
N ASN C 54 12.88 1.64 -29.82
CA ASN C 54 11.99 2.79 -29.86
C ASN C 54 12.67 4.01 -29.23
N ALA C 55 12.55 5.16 -29.91
CA ALA C 55 13.27 6.35 -29.49
C ALA C 55 12.83 6.85 -28.12
N PHE C 56 11.55 6.66 -27.77
CA PHE C 56 11.05 7.15 -26.49
C PHE C 56 11.82 6.54 -25.32
N PHE C 57 12.05 5.23 -25.36
CA PHE C 57 12.79 4.57 -24.30
C PHE C 57 14.22 5.09 -24.19
N GLY C 58 14.85 5.36 -25.33
CA GLY C 58 16.21 5.90 -25.31
C GLY C 58 16.25 7.34 -24.81
N GLU C 59 15.36 8.19 -25.31
CA GLU C 59 15.35 9.59 -24.90
C GLU C 59 14.99 9.76 -23.44
N ALA C 60 14.19 8.86 -22.87
CA ALA C 60 13.80 8.99 -21.48
C ALA C 60 14.96 8.69 -20.54
N ARG C 61 15.83 7.75 -20.89
CA ARG C 61 16.96 7.43 -20.03
C ARG C 61 18.10 8.45 -20.13
N LYS C 62 18.34 9.02 -21.31
CA LYS C 62 19.47 9.94 -21.47
C LYS C 62 19.13 11.36 -21.05
N ALA C 63 17.85 11.74 -21.12
CA ALA C 63 17.36 13.03 -20.65
C ALA C 63 18.02 13.44 -19.35
N GLU C 64 18.63 14.63 -19.34
CA GLU C 64 19.23 15.12 -18.10
C GLU C 64 18.13 15.71 -17.21
N SER C 65 17.37 16.66 -17.76
CA SER C 65 16.22 17.29 -17.11
C SER C 65 15.10 17.37 -18.13
N VAL C 66 13.86 17.39 -17.66
CA VAL C 66 12.68 17.48 -18.51
C VAL C 66 11.90 18.74 -18.15
N THR C 67 11.46 19.49 -19.17
CA THR C 67 10.66 20.68 -18.92
C THR C 67 9.20 20.28 -18.64
N PRO C 68 8.49 21.06 -17.82
CA PRO C 68 7.08 20.74 -17.54
C PRO C 68 6.19 20.74 -18.77
N GLU C 69 6.50 21.57 -19.77
CA GLU C 69 5.70 21.58 -20.98
C GLU C 69 5.82 20.25 -21.73
N ALA C 70 7.03 19.72 -21.82
CA ALA C 70 7.22 18.42 -22.47
C ALA C 70 6.56 17.30 -21.66
N ALA C 71 6.69 17.34 -20.34
CA ALA C 71 6.06 16.33 -19.50
C ALA C 71 4.54 16.41 -19.59
N LEU C 72 4.00 17.62 -19.71
CA LEU C 72 2.55 17.75 -19.80
C LEU C 72 2.04 17.30 -21.17
N ALA C 73 2.81 17.59 -22.23
CA ALA C 73 2.43 17.11 -23.56
C ALA C 73 2.38 15.59 -23.59
N ILE C 74 3.38 14.95 -22.97
CA ILE C 74 3.41 13.49 -22.91
C ILE C 74 2.25 12.97 -22.06
N ALA C 75 1.91 13.68 -20.98
CA ALA C 75 0.83 13.26 -20.11
C ALA C 75 -0.53 13.36 -20.81
N HIS C 76 -0.69 14.35 -21.70
CA HIS C 76 -1.94 14.45 -22.45
C HIS C 76 -2.06 13.34 -23.49
N ARG C 77 -0.95 13.01 -24.15
CA ARG C 77 -0.99 11.96 -25.17
C ARG C 77 -1.25 10.59 -24.55
N TRP C 78 -0.59 10.30 -23.42
CA TRP C 78 -0.83 9.03 -22.75
C TRP C 78 -2.24 8.96 -22.19
N ARG C 79 -2.77 10.09 -21.72
CA ARG C 79 -4.14 10.13 -21.23
C ARG C 79 -5.11 9.71 -22.33
N ALA C 80 -4.94 10.28 -23.53
CA ALA C 80 -5.81 9.94 -24.64
C ALA C 80 -5.60 8.48 -25.07
N MET C 81 -4.35 8.04 -25.09
CA MET C 81 -4.04 6.70 -25.60
C MET C 81 -4.51 5.62 -24.62
N THR C 82 -4.38 5.86 -23.32
CA THR C 82 -4.80 4.86 -22.34
C THR C 82 -6.32 4.79 -22.24
N LYS C 83 -7.00 5.94 -22.35
CA LYS C 83 -8.47 5.93 -22.30
C LYS C 83 -9.04 5.23 -23.51
N ALA C 84 -8.49 5.50 -24.71
CA ALA C 84 -8.98 4.82 -25.91
C ALA C 84 -8.67 3.33 -25.86
N PHE C 85 -7.49 2.97 -25.35
CA PHE C 85 -7.13 1.56 -25.23
C PHE C 85 -8.15 0.81 -24.37
N MET C 86 -8.48 1.35 -23.20
CA MET C 86 -9.42 0.68 -22.31
C MET C 86 -10.79 0.52 -22.96
N PHE C 87 -11.35 1.62 -23.46
CA PHE C 87 -12.72 1.58 -23.96
C PHE C 87 -12.85 0.75 -25.23
N THR C 88 -11.88 0.89 -26.16
CA THR C 88 -11.98 0.12 -27.39
C THR C 88 -11.69 -1.36 -27.17
N THR C 89 -10.86 -1.70 -26.18
CA THR C 89 -10.65 -3.11 -25.87
C THR C 89 -11.87 -3.70 -25.19
N LEU C 90 -12.51 -2.93 -24.31
CA LEU C 90 -13.76 -3.38 -23.70
C LEU C 90 -14.83 -3.59 -24.76
N SER C 91 -14.86 -2.72 -25.77
CA SER C 91 -15.81 -2.89 -26.88
C SER C 91 -15.51 -4.16 -27.66
N GLY C 92 -14.21 -4.45 -27.88
CA GLY C 92 -13.85 -5.69 -28.53
C GLY C 92 -14.20 -6.91 -27.71
N LEU C 93 -14.13 -6.80 -26.39
CA LEU C 93 -14.56 -7.89 -25.53
C LEU C 93 -16.05 -8.17 -25.71
N GLY C 94 -16.86 -7.12 -25.84
CA GLY C 94 -18.29 -7.32 -26.06
C GLY C 94 -18.60 -8.00 -27.38
N VAL C 95 -17.82 -7.70 -28.41
CA VAL C 95 -18.02 -8.36 -29.70
C VAL C 95 -17.73 -9.86 -29.59
N MET C 96 -16.70 -10.22 -28.81
CA MET C 96 -16.44 -11.64 -28.58
C MET C 96 -17.59 -12.30 -27.84
N ALA C 97 -18.15 -11.62 -26.84
CA ALA C 97 -19.25 -12.19 -26.08
C ALA C 97 -20.46 -12.41 -26.96
N ARG C 98 -20.70 -11.51 -27.92
CA ARG C 98 -21.80 -11.69 -28.86
C ARG C 98 -21.55 -12.87 -29.78
N ARG C 99 -20.28 -13.12 -30.13
CA ARG C 99 -19.95 -14.28 -30.95
C ARG C 99 -20.20 -15.57 -30.18
N PHE C 100 -19.82 -15.61 -28.91
CA PHE C 100 -20.04 -16.81 -28.10
C PHE C 100 -21.52 -17.10 -27.90
N GLN C 101 -22.35 -16.06 -27.76
CA GLN C 101 -23.77 -16.31 -27.53
C GLN C 101 -24.46 -16.91 -28.73
N GLY C 102 -23.89 -16.76 -29.93
CA GLY C 102 -24.44 -17.43 -31.08
C GLY C 102 -24.12 -18.91 -31.17
N GLN C 103 -23.32 -19.43 -30.25
CA GLN C 103 -22.97 -20.85 -30.19
C GLN C 103 -23.68 -21.53 -29.02
N ASP C 104 -24.12 -22.77 -29.24
CA ASP C 104 -24.85 -23.47 -28.18
C ASP C 104 -23.93 -23.82 -27.01
N ALA C 105 -22.71 -24.25 -27.29
CA ALA C 105 -21.75 -24.61 -26.25
C ALA C 105 -20.35 -24.18 -26.71
N PRO C 106 -19.96 -22.94 -26.41
CA PRO C 106 -18.61 -22.48 -26.76
C PRO C 106 -17.53 -23.39 -26.21
N ASP C 107 -16.47 -23.57 -26.99
CA ASP C 107 -15.34 -24.39 -26.58
C ASP C 107 -14.74 -23.87 -25.29
N HIS C 108 -14.52 -24.78 -24.33
CA HIS C 108 -13.96 -24.38 -23.03
C HIS C 108 -12.58 -23.75 -23.19
N GLU C 109 -11.80 -24.20 -24.16
CA GLU C 109 -10.47 -23.63 -24.32
C GLU C 109 -10.54 -22.19 -24.82
N LEU C 110 -11.53 -21.88 -25.66
CA LEU C 110 -11.78 -20.50 -26.04
C LEU C 110 -12.34 -19.71 -24.86
N LEU C 111 -13.16 -20.34 -24.01
CA LEU C 111 -13.69 -19.66 -22.84
C LEU C 111 -12.57 -19.30 -21.86
N ALA C 112 -11.55 -20.14 -21.77
CA ALA C 112 -10.42 -19.85 -20.89
C ALA C 112 -9.68 -18.60 -21.34
N ALA C 113 -9.49 -18.44 -22.65
CA ALA C 113 -8.85 -17.22 -23.15
C ALA C 113 -9.78 -16.02 -23.03
N PHE C 114 -11.09 -16.24 -23.18
CA PHE C 114 -12.06 -15.17 -22.95
C PHE C 114 -11.99 -14.68 -21.52
N GLN C 115 -11.76 -15.59 -20.58
CA GLN C 115 -11.56 -15.19 -19.18
C GLN C 115 -10.33 -14.31 -19.03
N THR C 116 -9.25 -14.63 -19.76
CA THR C 116 -8.04 -13.81 -19.70
C THR C 116 -8.29 -12.40 -20.21
N VAL C 117 -9.01 -12.28 -21.33
CA VAL C 117 -9.34 -10.95 -21.87
C VAL C 117 -10.07 -10.12 -20.82
N TYR C 118 -11.07 -10.73 -20.16
CA TYR C 118 -11.83 -9.99 -19.15
C TYR C 118 -10.94 -9.54 -18.00
N GLN C 119 -10.02 -10.39 -17.54
CA GLN C 119 -9.24 -10.03 -16.37
C GLN C 119 -8.18 -8.99 -16.70
N VAL C 120 -7.51 -9.12 -17.85
CA VAL C 120 -6.41 -8.22 -18.17
C VAL C 120 -6.93 -6.80 -18.39
N ILE C 121 -7.91 -6.63 -19.28
CA ILE C 121 -8.44 -5.30 -19.51
C ILE C 121 -9.22 -4.81 -18.30
N GLY C 122 -9.79 -5.73 -17.52
CA GLY C 122 -10.55 -5.32 -16.35
C GLY C 122 -9.72 -4.58 -15.32
N ASP C 123 -8.42 -4.86 -15.26
CA ASP C 123 -7.55 -4.19 -14.30
C ASP C 123 -7.53 -2.68 -14.50
N ASP C 124 -7.59 -2.23 -15.76
CA ASP C 124 -7.63 -0.78 -16.01
C ASP C 124 -8.91 -0.15 -15.48
N LEU C 125 -9.92 -0.94 -15.17
CA LEU C 125 -11.21 -0.44 -14.71
C LEU C 125 -11.47 -0.68 -13.23
N ASP C 126 -10.99 -1.80 -12.67
CA ASP C 126 -11.31 -2.15 -11.29
C ASP C 126 -10.11 -2.47 -10.40
N ASN C 127 -8.90 -2.56 -10.96
CA ASN C 127 -7.67 -2.79 -10.19
C ASN C 127 -7.74 -4.06 -9.33
N ALA C 128 -8.12 -5.17 -9.96
CA ALA C 128 -8.23 -6.42 -9.23
C ALA C 128 -6.87 -7.03 -8.92
N ALA C 129 -5.91 -6.87 -9.83
CA ALA C 129 -4.59 -7.47 -9.64
C ALA C 129 -3.94 -6.94 -8.36
N PRO C 130 -3.19 -7.77 -7.63
CA PRO C 130 -2.60 -7.33 -6.35
C PRO C 130 -1.75 -6.06 -6.43
N ALA C 131 -0.94 -5.92 -7.48
CA ALA C 131 -0.08 -4.73 -7.60
C ALA C 131 -0.91 -3.45 -7.69
N PHE C 132 -2.07 -3.49 -8.33
CA PHE C 132 -2.97 -2.35 -8.39
C PHE C 132 -3.84 -2.27 -7.15
N ARG C 133 -4.25 -3.44 -6.66
CA ARG C 133 -5.17 -3.55 -5.53
C ARG C 133 -4.68 -2.76 -4.31
N GLU C 134 -3.36 -2.73 -4.12
CA GLU C 134 -2.79 -2.10 -2.92
C GLU C 134 -2.72 -0.58 -2.99
N VAL C 135 -2.48 0.01 -4.17
CA VAL C 135 -2.18 1.44 -4.25
C VAL C 135 -3.25 2.26 -4.99
N ALA C 136 -4.08 1.63 -5.82
CA ALA C 136 -4.98 2.39 -6.69
C ALA C 136 -6.11 3.02 -5.89
N PRO C 137 -6.62 4.17 -6.31
CA PRO C 137 -7.78 4.74 -5.62
C PRO C 137 -9.03 3.89 -5.77
N ARG C 138 -9.92 4.05 -4.78
CA ARG C 138 -11.21 3.38 -4.79
C ARG C 138 -12.15 4.12 -5.72
N GLY C 139 -13.10 3.40 -6.30
CA GLY C 139 -14.07 4.01 -7.19
C GLY C 139 -13.53 4.51 -8.52
N PRO C 140 -14.23 5.47 -9.13
CA PRO C 140 -13.80 5.97 -10.45
C PRO C 140 -12.43 6.60 -10.47
N ALA C 141 -11.94 7.12 -9.33
CA ALA C 141 -10.61 7.70 -9.29
C ALA C 141 -9.51 6.66 -9.53
N GLY C 142 -9.84 5.38 -9.45
CA GLY C 142 -8.91 4.30 -9.72
C GLY C 142 -8.84 3.85 -11.17
N ILE C 143 -9.79 4.29 -12.00
CA ILE C 143 -9.71 4.01 -13.43
C ILE C 143 -8.43 4.61 -13.98
N HIS C 144 -7.64 3.79 -14.68
CA HIS C 144 -6.25 4.12 -14.96
C HIS C 144 -6.09 5.47 -15.67
N TYR C 145 -6.96 5.79 -16.63
CA TYR C 145 -6.79 7.09 -17.28
C TYR C 145 -7.21 8.23 -16.36
N VAL C 146 -8.16 7.99 -15.46
CA VAL C 146 -8.54 9.01 -14.49
C VAL C 146 -7.48 9.11 -13.39
N TRP C 147 -6.95 7.97 -12.97
CA TRP C 147 -5.87 7.95 -12.00
C TRP C 147 -4.64 8.69 -12.54
N TRP C 148 -4.37 8.56 -13.84
CA TRP C 148 -3.21 9.23 -14.45
C TRP C 148 -3.42 10.74 -14.49
N GLU C 149 -4.61 11.20 -14.90
CA GLU C 149 -4.84 12.63 -14.99
C GLU C 149 -4.82 13.30 -13.61
N ASP C 150 -5.23 12.58 -12.56
CA ASP C 150 -5.28 13.17 -11.23
C ASP C 150 -3.91 13.24 -10.57
N THR C 151 -3.07 12.22 -10.74
CA THR C 151 -1.81 12.15 -10.01
C THR C 151 -0.59 12.52 -10.85
N VAL C 152 -0.71 12.61 -12.17
CA VAL C 152 0.43 12.93 -13.01
C VAL C 152 0.15 14.19 -13.83
N LEU C 153 -0.92 14.18 -14.61
CA LEU C 153 -1.17 15.27 -15.55
C LEU C 153 -1.42 16.59 -14.81
N LYS C 154 -2.43 16.63 -13.96
CA LYS C 154 -2.79 17.87 -13.28
C LYS C 154 -1.69 18.42 -12.37
N PRO C 155 -0.95 17.62 -11.58
CA PRO C 155 0.18 18.20 -10.84
C PRO C 155 1.23 18.86 -11.72
N VAL C 156 1.48 18.32 -12.91
CA VAL C 156 2.47 18.94 -13.80
C VAL C 156 1.89 20.17 -14.48
N ALA C 157 0.60 20.14 -14.82
CA ALA C 157 -0.04 21.27 -15.48
C ALA C 157 -0.08 22.51 -14.59
N ALA C 158 0.05 22.33 -13.27
CA ALA C 158 0.05 23.46 -12.35
C ALA C 158 1.31 24.32 -12.48
N HIS C 159 2.34 23.83 -13.18
CA HIS C 159 3.58 24.56 -13.38
C HIS C 159 3.75 24.99 -14.83
N VAL C 160 2.64 25.17 -15.54
CA VAL C 160 2.64 25.51 -16.95
C VAL C 160 1.64 26.63 -17.20
N ALA C 161 2.05 27.64 -17.96
CA ALA C 161 1.20 28.78 -18.26
C ALA C 161 0.00 28.36 -19.10
N GLU C 162 -1.09 29.13 -18.97
CA GLU C 162 -2.36 28.79 -19.61
C GLU C 162 -2.19 28.52 -21.10
N GLU C 163 -1.48 29.41 -21.81
CA GLU C 163 -1.34 29.23 -23.26
C GLU C 163 -0.55 27.96 -23.57
N ASP C 164 0.46 27.66 -22.75
CA ASP C 164 1.25 26.46 -22.99
C ASP C 164 0.48 25.20 -22.64
N ARG C 165 -0.47 25.29 -21.70
CA ARG C 165 -1.31 24.14 -21.41
C ARG C 165 -2.17 23.77 -22.62
N GLN C 166 -2.75 24.77 -23.30
CA GLN C 166 -3.58 24.49 -24.45
C GLN C 166 -2.78 23.86 -25.59
N SER C 167 -1.54 24.32 -25.78
CA SER C 167 -0.68 23.76 -26.81
C SER C 167 -0.18 22.36 -26.43
N ALA C 168 -0.01 22.09 -25.13
CA ALA C 168 0.41 20.77 -24.69
C ALA C 168 -0.69 19.73 -24.90
N ALA C 169 -1.95 20.16 -25.00
CA ALA C 169 -3.08 19.26 -25.16
C ALA C 169 -3.34 18.88 -26.62
N VAL C 170 -2.74 19.59 -27.57
CA VAL C 170 -2.94 19.27 -28.98
C VAL C 170 -2.19 17.99 -29.31
N LEU C 171 -2.95 16.96 -29.73
CA LEU C 171 -2.38 15.65 -29.99
C LEU C 171 -1.66 15.64 -31.34
N PRO C 172 -0.49 15.01 -31.42
CA PRO C 172 0.19 14.88 -32.71
C PRO C 172 -0.60 14.00 -33.66
N ARG C 173 -0.36 14.20 -34.94
CA ARG C 173 -1.08 13.46 -35.97
C ARG C 173 -0.77 11.96 -35.88
N ALA C 174 0.45 11.61 -35.45
CA ALA C 174 0.79 10.21 -35.26
C ALA C 174 -0.02 9.57 -34.13
N VAL C 175 -0.38 10.37 -33.12
CA VAL C 175 -1.18 9.84 -32.01
C VAL C 175 -2.62 9.61 -32.46
N THR C 176 -3.21 10.58 -33.17
CA THR C 176 -4.57 10.41 -33.67
C THR C 176 -4.66 9.28 -34.70
N GLY C 177 -3.56 8.98 -35.38
CA GLY C 177 -3.56 7.80 -36.24
C GLY C 177 -3.70 6.51 -35.45
N LEU C 178 -3.09 6.47 -34.27
CA LEU C 178 -3.26 5.31 -33.39
C LEU C 178 -4.68 5.23 -32.83
N LEU C 179 -5.23 6.38 -32.44
CA LEU C 179 -6.60 6.39 -31.92
C LEU C 179 -7.61 5.94 -32.96
N ASP C 180 -7.38 6.28 -34.24
CA ASP C 180 -8.27 5.81 -35.29
C ASP C 180 -8.14 4.30 -35.46
N SER C 181 -6.92 3.76 -35.29
CA SER C 181 -6.73 2.32 -35.35
C SER C 181 -7.49 1.62 -34.24
N MET C 182 -7.44 2.18 -33.02
CA MET C 182 -8.15 1.59 -31.90
C MET C 182 -9.66 1.61 -32.14
N ASP C 183 -10.18 2.69 -32.73
CA ASP C 183 -11.61 2.76 -33.01
C ASP C 183 -12.04 1.68 -33.99
N ARG C 184 -11.15 1.28 -34.90
CA ARG C 184 -11.47 0.20 -35.82
C ARG C 184 -11.46 -1.15 -35.11
N LEU C 185 -10.46 -1.39 -34.27
CA LEU C 185 -10.37 -2.67 -33.56
C LEU C 185 -11.49 -2.86 -32.56
N ALA C 186 -12.20 -1.79 -32.18
CA ALA C 186 -13.28 -1.91 -31.22
C ALA C 186 -14.40 -2.80 -31.72
N THR C 187 -14.56 -2.92 -33.04
CA THR C 187 -15.60 -3.78 -33.63
C THR C 187 -15.04 -4.99 -34.35
N HIS C 188 -13.73 -5.22 -34.27
CA HIS C 188 -13.14 -6.38 -34.93
C HIS C 188 -13.34 -7.62 -34.05
N PRO C 189 -13.73 -8.76 -34.63
CA PRO C 189 -13.94 -9.96 -33.81
C PRO C 189 -12.71 -10.41 -33.04
N LEU C 190 -11.52 -9.96 -33.43
CA LEU C 190 -10.28 -10.27 -32.71
C LEU C 190 -9.57 -9.01 -32.24
N GLY C 191 -10.21 -7.85 -32.34
CA GLY C 191 -9.56 -6.61 -31.97
C GLY C 191 -9.03 -6.60 -30.54
N ALA C 192 -9.85 -7.07 -29.59
CA ALA C 192 -9.43 -7.07 -28.20
C ALA C 192 -8.20 -7.95 -27.98
N ALA C 193 -8.11 -9.08 -28.71
CA ALA C 193 -6.93 -9.92 -28.59
C ALA C 193 -5.71 -9.24 -29.20
N VAL C 194 -5.90 -8.51 -30.29
CA VAL C 194 -4.79 -7.80 -30.94
C VAL C 194 -4.25 -6.70 -30.03
N GLN C 195 -5.13 -5.86 -29.51
CA GLN C 195 -4.68 -4.77 -28.64
C GLN C 195 -3.98 -5.30 -27.40
N LEU C 196 -4.55 -6.34 -26.78
CA LEU C 196 -3.97 -6.85 -25.55
C LEU C 196 -2.61 -7.50 -25.81
N ARG C 197 -2.49 -8.26 -26.90
CA ARG C 197 -1.24 -8.96 -27.19
C ARG C 197 -0.09 -7.97 -27.43
N VAL C 198 -0.38 -6.84 -28.06
CA VAL C 198 0.68 -5.88 -28.38
C VAL C 198 0.95 -4.95 -27.20
N VAL C 199 -0.10 -4.33 -26.65
CA VAL C 199 0.09 -3.30 -25.63
C VAL C 199 0.73 -3.88 -24.37
N GLU C 200 0.28 -5.06 -23.95
CA GLU C 200 0.79 -5.63 -22.72
C GLU C 200 2.23 -6.14 -22.87
N ASP C 201 2.70 -6.32 -24.10
CA ASP C 201 4.09 -6.73 -24.31
C ASP C 201 5.05 -5.54 -24.21
N ILE C 202 4.60 -4.33 -24.53
CA ILE C 202 5.47 -3.16 -24.52
C ILE C 202 5.22 -2.24 -23.34
N ALA C 203 4.15 -2.46 -22.58
CA ALA C 203 3.76 -1.49 -21.56
C ALA C 203 4.81 -1.33 -20.46
N LEU C 204 5.55 -2.39 -20.13
CA LEU C 204 6.57 -2.28 -19.09
C LEU C 204 7.61 -1.23 -19.46
N ASP C 205 8.12 -1.29 -20.68
CA ASP C 205 9.12 -0.31 -21.12
C ASP C 205 8.55 1.10 -21.13
N ILE C 206 7.25 1.25 -21.44
CA ILE C 206 6.62 2.55 -21.40
C ILE C 206 6.57 3.07 -19.97
N ALA C 207 6.17 2.21 -19.03
CA ALA C 207 6.09 2.63 -17.64
C ALA C 207 7.46 2.97 -17.08
N VAL C 208 8.49 2.23 -17.49
CA VAL C 208 9.85 2.56 -17.05
C VAL C 208 10.27 3.92 -17.60
N GLY C 209 9.89 4.20 -18.85
CA GLY C 209 10.17 5.52 -19.40
C GLY C 209 9.49 6.64 -18.62
N PHE C 210 8.27 6.39 -18.17
CA PHE C 210 7.56 7.40 -17.39
C PHE C 210 8.22 7.63 -16.03
N ARG C 211 8.68 6.56 -15.38
CA ARG C 211 9.30 6.71 -14.07
C ARG C 211 10.56 7.57 -14.14
N ARG C 212 11.34 7.41 -15.20
CA ARG C 212 12.57 8.17 -15.38
C ARG C 212 12.29 9.64 -15.69
N LEU C 213 11.48 9.90 -16.72
CA LEU C 213 11.30 11.27 -17.20
C LEU C 213 10.55 12.13 -16.18
N TYR C 214 9.53 11.57 -15.51
CA TYR C 214 8.79 12.39 -14.56
C TYR C 214 9.57 12.65 -13.27
N ALA C 215 10.66 11.94 -13.05
CA ALA C 215 11.55 12.24 -11.94
C ALA C 215 12.56 13.32 -12.29
N LYS C 216 12.58 13.77 -13.55
CA LYS C 216 13.54 14.74 -14.02
C LYS C 216 12.89 16.06 -14.46
N VAL C 217 11.69 16.35 -13.98
CA VAL C 217 11.00 17.58 -14.37
C VAL C 217 11.55 18.74 -13.55
N GLU C 218 12.08 19.75 -14.22
CA GLU C 218 12.73 20.88 -13.56
C GLU C 218 11.69 21.96 -13.27
N VAL C 219 11.52 22.30 -12.00
CA VAL C 219 10.64 23.39 -11.59
C VAL C 219 11.44 24.31 -10.68
N PRO C 220 11.19 25.64 -10.72
CA PRO C 220 11.90 26.63 -9.89
C PRO C 220 11.93 26.29 -8.40
N LEU C 224 8.61 18.58 -7.18
CA LEU C 224 7.75 17.86 -8.12
C LEU C 224 7.91 16.35 -7.99
N PHE C 225 6.85 15.72 -7.49
CA PHE C 225 6.82 14.30 -7.22
C PHE C 225 7.91 13.94 -6.21
N ALA C 226 7.95 14.67 -5.10
CA ALA C 226 8.99 14.41 -4.10
C ALA C 226 8.61 13.24 -3.20
N GLY C 227 7.31 13.02 -3.00
CA GLY C 227 6.89 11.93 -2.15
C GLY C 227 7.29 10.57 -2.72
N ARG C 228 7.54 9.63 -1.80
CA ARG C 228 7.88 8.27 -2.20
C ARG C 228 6.78 7.66 -3.07
N ASP C 229 5.53 7.95 -2.74
CA ASP C 229 4.38 7.39 -3.43
C ASP C 229 3.60 8.42 -4.24
N ASP C 230 4.31 9.43 -4.80
CA ASP C 230 3.64 10.37 -5.67
C ASP C 230 3.44 9.82 -7.08
N LEU C 231 4.11 8.71 -7.39
CA LEU C 231 4.05 8.10 -8.71
C LEU C 231 3.62 6.66 -8.61
N ALA C 232 2.64 6.39 -7.74
CA ALA C 232 2.14 5.03 -7.56
C ALA C 232 1.57 4.44 -8.85
N TRP C 233 0.98 5.27 -9.70
CA TRP C 233 0.49 4.80 -11.00
C TRP C 233 1.60 4.11 -11.77
N VAL C 234 2.76 4.76 -11.86
CA VAL C 234 3.88 4.21 -12.62
C VAL C 234 4.49 3.02 -11.90
N ASP C 235 4.72 3.15 -10.60
CA ASP C 235 5.38 2.08 -9.84
C ASP C 235 4.55 0.81 -9.84
N SER C 236 3.23 0.92 -9.60
CA SER C 236 2.39 -0.27 -9.59
C SER C 236 2.27 -0.87 -10.98
N HIS C 237 2.27 -0.05 -12.03
CA HIS C 237 2.23 -0.58 -13.39
C HIS C 237 3.50 -1.33 -13.74
N ILE C 238 4.66 -0.89 -13.22
CA ILE C 238 5.90 -1.61 -13.51
C ILE C 238 5.84 -3.01 -12.92
N LYS C 239 5.24 -3.16 -11.73
CA LYS C 239 5.11 -4.47 -11.13
C LYS C 239 4.07 -5.32 -11.86
N ALA C 240 2.93 -4.70 -12.20
CA ALA C 240 1.79 -5.46 -12.73
C ALA C 240 1.92 -5.76 -14.22
N GLU C 241 2.69 -4.96 -14.97
CA GLU C 241 2.71 -5.17 -16.40
C GLU C 241 3.56 -6.36 -16.84
N THR C 242 4.43 -6.87 -15.97
CA THR C 242 5.15 -8.10 -16.31
C THR C 242 4.23 -9.31 -16.22
N MET C 243 3.20 -9.24 -15.36
CA MET C 243 2.21 -10.29 -15.27
C MET C 243 1.23 -10.26 -16.44
N HIS C 244 0.85 -9.06 -16.90
CA HIS C 244 -0.02 -8.95 -18.06
C HIS C 244 0.66 -9.48 -19.31
N ALA C 245 1.96 -9.23 -19.46
CA ALA C 245 2.68 -9.72 -20.62
C ALA C 245 2.71 -11.25 -20.64
N ALA C 246 2.78 -11.88 -19.47
CA ALA C 246 2.73 -13.34 -19.41
C ALA C 246 1.35 -13.86 -19.73
N GLN C 247 0.30 -13.18 -19.27
CA GLN C 247 -1.06 -13.67 -19.46
C GLN C 247 -1.45 -13.66 -20.93
N VAL C 248 -1.06 -12.64 -21.68
CA VAL C 248 -1.46 -12.56 -23.07
C VAL C 248 -0.68 -13.52 -23.97
N SER C 249 0.48 -14.01 -23.52
CA SER C 249 1.30 -14.93 -24.30
C SER C 249 1.26 -16.35 -23.77
N ASP C 250 0.42 -16.63 -22.77
CA ASP C 250 0.34 -17.96 -22.20
C ASP C 250 -0.12 -18.96 -23.25
N GLU C 251 0.42 -20.18 -23.17
CA GLU C 251 0.14 -21.18 -24.19
C GLU C 251 -1.30 -21.65 -24.16
N ASP C 252 -1.91 -21.75 -22.98
CA ASP C 252 -3.25 -22.29 -22.84
C ASP C 252 -4.33 -21.22 -22.82
N THR C 253 -4.06 -20.06 -22.24
CA THR C 253 -5.06 -19.01 -22.06
C THR C 253 -4.64 -17.69 -22.71
N GLY C 254 -3.69 -17.73 -23.65
CA GLY C 254 -3.20 -16.54 -24.32
C GLY C 254 -4.09 -16.06 -25.46
N MET C 255 -3.76 -14.87 -25.96
CA MET C 255 -4.59 -14.21 -26.97
C MET C 255 -4.65 -15.01 -28.27
N THR C 256 -3.54 -15.59 -28.70
CA THR C 256 -3.54 -16.31 -29.96
C THR C 256 -4.35 -17.62 -29.90
N ARG C 257 -4.83 -18.04 -28.72
CA ARG C 257 -5.69 -19.22 -28.68
C ARG C 257 -7.10 -18.92 -29.14
N LEU C 258 -7.44 -17.64 -29.36
CA LEU C 258 -8.73 -17.25 -29.92
C LEU C 258 -8.72 -17.28 -31.43
N VAL C 259 -7.58 -17.58 -32.04
CA VAL C 259 -7.45 -17.68 -33.49
C VAL C 259 -7.71 -19.14 -33.86
N ALA C 260 -8.74 -19.38 -34.68
CA ALA C 260 -9.24 -20.73 -34.92
C ALA C 260 -8.67 -21.40 -36.17
N ASP C 261 -8.43 -20.63 -37.23
CA ASP C 261 -7.90 -21.21 -38.46
C ASP C 261 -6.74 -20.39 -39.00
N ARG C 262 -6.41 -20.59 -40.28
CA ARG C 262 -5.31 -19.84 -40.86
C ARG C 262 -5.73 -18.48 -41.42
N GLU C 263 -6.99 -18.31 -41.83
CA GLU C 263 -7.39 -17.00 -42.34
C GLU C 263 -7.43 -15.98 -41.19
N GLN C 264 -7.83 -16.44 -40.00
CA GLN C 264 -7.81 -15.58 -38.83
C GLN C 264 -6.39 -15.32 -38.38
N ALA C 265 -5.50 -16.31 -38.54
CA ALA C 265 -4.09 -16.10 -38.25
C ALA C 265 -3.50 -15.10 -39.23
N GLU C 266 -3.93 -15.17 -40.49
CA GLU C 266 -3.47 -14.20 -41.48
C GLU C 266 -4.03 -12.81 -41.17
N GLU C 267 -5.29 -12.74 -40.73
CA GLU C 267 -5.84 -11.44 -40.35
C GLU C 267 -5.22 -10.93 -39.05
N PHE C 268 -4.95 -11.83 -38.10
CA PHE C 268 -4.37 -11.42 -36.83
C PHE C 268 -2.99 -10.80 -37.02
N LEU C 269 -2.17 -11.40 -37.89
CA LEU C 269 -0.83 -10.87 -38.12
C LEU C 269 -0.87 -9.54 -38.86
N THR C 270 -1.79 -9.42 -39.83
CA THR C 270 -1.93 -8.16 -40.55
C THR C 270 -2.41 -7.04 -39.62
N ALA C 271 -3.37 -7.35 -38.75
CA ALA C 271 -3.87 -6.34 -37.81
C ALA C 271 -2.79 -5.93 -36.82
N VAL C 272 -1.98 -6.90 -36.37
CA VAL C 272 -0.89 -6.59 -35.45
C VAL C 272 0.14 -5.69 -36.11
N ARG C 273 0.44 -5.94 -37.38
CA ARG C 273 1.46 -5.16 -38.08
C ARG C 273 1.09 -3.68 -38.13
N GLU C 274 -0.13 -3.36 -38.58
CA GLU C 274 -0.57 -1.97 -38.62
C GLU C 274 -0.72 -1.38 -37.23
N TYR C 275 -1.24 -2.15 -36.28
CA TYR C 275 -1.44 -1.63 -34.94
C TYR C 275 -0.11 -1.29 -34.28
N ALA C 276 0.88 -2.18 -34.41
CA ALA C 276 2.21 -1.91 -33.86
C ALA C 276 2.89 -0.74 -34.54
N ALA C 277 2.68 -0.57 -35.85
CA ALA C 277 3.29 0.56 -36.54
C ALA C 277 2.72 1.89 -36.05
N HIS C 278 1.42 1.93 -35.75
CA HIS C 278 0.81 3.13 -35.21
C HIS C 278 1.31 3.39 -33.79
N TRP C 279 1.51 2.33 -33.00
CA TRP C 279 1.99 2.49 -31.63
C TRP C 279 3.42 3.00 -31.58
N SER C 280 4.28 2.51 -32.48
CA SER C 280 5.66 2.97 -32.50
C SER C 280 5.74 4.45 -32.83
N ALA C 281 5.01 4.88 -33.86
CA ALA C 281 5.01 6.28 -34.26
C ALA C 281 4.48 7.17 -33.14
N ALA C 282 3.42 6.72 -32.46
CA ALA C 282 2.84 7.52 -31.38
C ALA C 282 3.85 7.72 -30.26
N LEU C 283 4.58 6.66 -29.90
CA LEU C 283 5.60 6.78 -28.86
C LEU C 283 6.79 7.61 -29.32
N GLU C 284 7.04 7.64 -30.63
CA GLU C 284 8.15 8.43 -31.15
C GLU C 284 7.92 9.92 -30.92
N THR C 285 6.66 10.37 -30.93
CA THR C 285 6.36 11.78 -30.64
C THR C 285 6.70 12.12 -29.20
N TYR C 286 6.67 11.14 -28.30
CA TYR C 286 7.07 11.39 -26.92
C TYR C 286 8.54 11.76 -26.86
N ALA C 287 9.38 11.10 -27.66
CA ALA C 287 10.80 11.41 -27.67
C ALA C 287 11.07 12.80 -28.23
N GLN C 288 10.33 13.19 -29.27
CA GLN C 288 10.49 14.52 -29.86
C GLN C 288 10.16 15.61 -28.84
N ALA C 289 9.10 15.40 -28.06
CA ALA C 289 8.73 16.36 -27.04
C ALA C 289 9.81 16.49 -25.98
N LEU C 290 10.55 15.40 -25.73
CA LEU C 290 11.65 15.45 -24.78
C LEU C 290 12.78 16.32 -25.32
N ARG C 291 13.08 16.20 -26.61
CA ARG C 291 14.15 16.99 -27.22
C ARG C 291 13.77 18.47 -27.32
N ASP C 292 12.55 18.77 -27.78
CA ASP C 292 12.18 20.18 -27.94
C ASP C 292 11.84 20.88 -26.63
N GLY C 293 11.37 20.16 -25.63
CA GLY C 293 10.93 20.82 -24.43
C GLY C 293 9.52 21.36 -24.48
N HIS C 294 8.75 21.00 -25.51
CA HIS C 294 7.35 21.44 -25.64
C HIS C 294 6.64 20.54 -26.67
N ALA C 295 5.33 20.71 -26.74
CA ALA C 295 4.50 19.94 -27.67
C ALA C 295 4.86 20.27 -29.12
N LEU D 26 -31.62 16.79 -23.66
CA LEU D 26 -31.16 17.50 -22.47
C LEU D 26 -30.75 16.53 -21.35
N ALA D 27 -29.61 16.81 -20.74
CA ALA D 27 -28.97 15.90 -19.80
C ALA D 27 -29.86 15.68 -18.57
N LEU D 28 -29.63 14.53 -17.93
CA LEU D 28 -30.36 14.15 -16.73
C LEU D 28 -29.55 14.50 -15.50
N SER D 29 -30.25 14.93 -14.45
CA SER D 29 -29.66 15.13 -13.15
C SER D 29 -29.82 13.86 -12.30
N ALA D 30 -29.16 13.87 -11.15
CA ALA D 30 -29.29 12.73 -10.23
C ALA D 30 -30.72 12.60 -9.72
N ALA D 31 -31.39 13.72 -9.44
CA ALA D 31 -32.78 13.66 -9.00
C ALA D 31 -33.68 13.09 -10.08
N GLU D 32 -33.41 13.40 -11.35
CA GLU D 32 -34.16 12.82 -12.45
C GLU D 32 -33.83 11.35 -12.68
N GLN D 33 -32.64 10.91 -12.30
CA GLN D 33 -32.31 9.49 -12.40
C GLN D 33 -32.99 8.71 -11.28
N GLN D 34 -33.19 9.33 -10.13
CA GLN D 34 -33.89 8.66 -9.03
C GLN D 34 -35.38 8.54 -9.34
N ASP D 35 -35.92 9.53 -10.06
CA ASP D 35 -37.30 9.45 -10.52
C ASP D 35 -37.49 8.34 -11.55
N LEU D 36 -36.49 8.15 -12.41
CA LEU D 36 -36.54 7.07 -13.38
C LEU D 36 -36.52 5.72 -12.67
N ASP D 37 -35.67 5.60 -11.64
CA ASP D 37 -35.60 4.34 -10.89
C ASP D 37 -36.93 4.01 -10.22
N ALA D 38 -37.64 5.04 -9.74
CA ALA D 38 -38.93 4.80 -9.11
C ALA D 38 -39.96 4.34 -10.13
N ARG D 39 -39.95 4.95 -11.32
CA ARG D 39 -40.84 4.50 -12.38
C ARG D 39 -40.50 3.08 -12.81
N VAL D 40 -39.19 2.78 -12.86
CA VAL D 40 -38.73 1.43 -13.20
C VAL D 40 -39.21 0.43 -12.16
N GLY D 41 -39.10 0.77 -10.87
CA GLY D 41 -39.55 -0.13 -9.83
C GLY D 41 -41.02 -0.46 -9.91
N LYS D 42 -41.84 0.53 -10.28
CA LYS D 42 -43.27 0.27 -10.47
C LYS D 42 -43.50 -0.62 -11.69
N GLU D 43 -42.66 -0.49 -12.71
CA GLU D 43 -42.77 -1.35 -13.89
C GLU D 43 -42.48 -2.80 -13.53
N ILE D 44 -41.52 -3.02 -12.63
CA ILE D 44 -41.23 -4.38 -12.17
C ILE D 44 -42.36 -4.88 -11.28
N ASP D 45 -42.97 -4.00 -10.50
CA ASP D 45 -44.11 -4.38 -9.69
C ASP D 45 -45.25 -4.90 -10.56
N ALA D 46 -45.56 -4.18 -11.64
CA ALA D 46 -46.67 -4.54 -12.51
C ALA D 46 -46.39 -5.78 -13.35
N ALA D 47 -45.15 -6.27 -13.39
CA ALA D 47 -44.82 -7.48 -14.13
C ALA D 47 -44.92 -8.73 -13.27
N ARG D 48 -45.41 -8.60 -12.04
CA ARG D 48 -45.53 -9.73 -11.10
C ARG D 48 -44.21 -10.47 -10.96
N LEU D 49 -43.14 -9.71 -10.68
CA LEU D 49 -41.82 -10.25 -10.45
C LEU D 49 -41.38 -10.23 -9.00
N ARG D 50 -42.18 -9.65 -8.10
CA ARG D 50 -41.79 -9.57 -6.70
C ARG D 50 -41.98 -10.92 -6.00
N ARG D 51 -41.45 -11.01 -4.79
CA ARG D 51 -41.41 -12.27 -4.03
C ARG D 51 -42.78 -12.95 -3.93
N ALA D 52 -43.83 -12.17 -3.71
CA ALA D 52 -45.16 -12.69 -3.42
C ALA D 52 -46.07 -12.76 -4.64
N ASP D 53 -45.58 -12.36 -5.81
CA ASP D 53 -46.41 -12.23 -7.00
C ASP D 53 -46.08 -13.25 -8.08
N ASN D 54 -44.83 -13.68 -8.17
CA ASN D 54 -44.40 -14.60 -9.21
C ASN D 54 -44.78 -16.03 -8.85
N ALA D 55 -45.33 -16.75 -9.83
CA ALA D 55 -45.83 -18.10 -9.58
C ALA D 55 -44.70 -19.08 -9.26
N PHE D 56 -43.53 -18.90 -9.87
CA PHE D 56 -42.42 -19.82 -9.63
C PHE D 56 -42.00 -19.81 -8.17
N PHE D 57 -41.85 -18.62 -7.57
CA PHE D 57 -41.45 -18.54 -6.17
C PHE D 57 -42.49 -19.21 -5.28
N GLY D 58 -43.77 -19.06 -5.63
CA GLY D 58 -44.80 -19.73 -4.85
C GLY D 58 -44.75 -21.24 -5.02
N GLU D 59 -44.60 -21.70 -6.27
CA GLU D 59 -44.55 -23.14 -6.52
C GLU D 59 -43.32 -23.77 -5.89
N ALA D 60 -42.22 -23.02 -5.79
CA ALA D 60 -41.00 -23.58 -5.20
C ALA D 60 -41.14 -23.74 -3.69
N ARG D 61 -41.87 -22.84 -3.04
CA ARG D 61 -42.12 -22.98 -1.61
C ARG D 61 -43.13 -24.08 -1.33
N LYS D 62 -44.08 -24.31 -2.25
CA LYS D 62 -45.11 -25.32 -2.03
C LYS D 62 -44.63 -26.71 -2.38
N ALA D 63 -43.69 -26.83 -3.32
CA ALA D 63 -43.16 -28.12 -3.76
C ALA D 63 -42.79 -29.04 -2.60
N GLU D 64 -43.54 -30.13 -2.47
CA GLU D 64 -43.29 -31.24 -1.56
C GLU D 64 -42.33 -32.26 -2.16
N SER D 65 -42.64 -32.68 -3.38
CA SER D 65 -41.82 -33.57 -4.19
C SER D 65 -41.66 -32.90 -5.54
N VAL D 66 -40.48 -33.04 -6.13
CA VAL D 66 -40.20 -32.51 -7.46
C VAL D 66 -39.74 -33.70 -8.28
N THR D 67 -40.32 -33.86 -9.43
CA THR D 67 -39.88 -34.99 -10.23
C THR D 67 -38.56 -34.66 -10.90
N PRO D 68 -37.70 -35.66 -11.12
CA PRO D 68 -36.44 -35.40 -11.80
C PRO D 68 -36.63 -34.82 -13.20
N GLU D 69 -37.73 -35.20 -13.86
CA GLU D 69 -38.01 -34.64 -15.19
C GLU D 69 -38.30 -33.14 -15.10
N ALA D 70 -39.08 -32.72 -14.10
CA ALA D 70 -39.35 -31.30 -13.94
C ALA D 70 -38.08 -30.55 -13.55
N ALA D 71 -37.28 -31.12 -12.64
CA ALA D 71 -36.03 -30.49 -12.24
C ALA D 71 -35.05 -30.39 -13.40
N LEU D 72 -35.06 -31.39 -14.30
CA LEU D 72 -34.16 -31.34 -15.45
C LEU D 72 -34.61 -30.29 -16.46
N ALA D 73 -35.93 -30.15 -16.65
CA ALA D 73 -36.44 -29.14 -17.57
C ALA D 73 -36.06 -27.73 -17.11
N ILE D 74 -36.21 -27.47 -15.81
CA ILE D 74 -35.84 -26.17 -15.26
C ILE D 74 -34.33 -25.95 -15.37
N ALA D 75 -33.54 -27.00 -15.18
CA ALA D 75 -32.08 -26.87 -15.25
C ALA D 75 -31.63 -26.54 -16.67
N HIS D 76 -32.34 -27.05 -17.68
CA HIS D 76 -32.00 -26.70 -19.06
C HIS D 76 -32.37 -25.25 -19.36
N ARG D 77 -33.52 -24.80 -18.85
CA ARG D 77 -33.96 -23.43 -19.09
C ARG D 77 -33.05 -22.44 -18.38
N TRP D 78 -32.67 -22.74 -17.14
CA TRP D 78 -31.77 -21.83 -16.42
C TRP D 78 -30.39 -21.80 -17.06
N ARG D 79 -29.92 -22.95 -17.57
CA ARG D 79 -28.64 -22.97 -18.25
C ARG D 79 -28.63 -22.02 -19.44
N ALA D 80 -29.68 -22.08 -20.27
CA ALA D 80 -29.77 -21.20 -21.43
C ALA D 80 -29.92 -19.75 -21.02
N MET D 81 -30.73 -19.48 -19.98
CA MET D 81 -31.01 -18.10 -19.59
C MET D 81 -29.80 -17.45 -18.92
N THR D 82 -29.05 -18.20 -18.12
CA THR D 82 -27.89 -17.64 -17.44
C THR D 82 -26.74 -17.41 -18.40
N LYS D 83 -26.57 -18.31 -19.36
CA LYS D 83 -25.53 -18.14 -20.37
C LYS D 83 -25.81 -16.92 -21.24
N ALA D 84 -27.07 -16.75 -21.67
CA ALA D 84 -27.43 -15.60 -22.49
C ALA D 84 -27.33 -14.30 -21.71
N PHE D 85 -27.73 -14.31 -20.43
CA PHE D 85 -27.63 -13.10 -19.61
C PHE D 85 -26.19 -12.62 -19.52
N MET D 86 -25.27 -13.52 -19.20
CA MET D 86 -23.86 -13.13 -19.06
C MET D 86 -23.29 -12.58 -20.37
N PHE D 87 -23.48 -13.31 -21.47
CA PHE D 87 -22.86 -12.91 -22.73
C PHE D 87 -23.50 -11.64 -23.30
N THR D 88 -24.84 -11.54 -23.25
CA THR D 88 -25.49 -10.35 -23.81
C THR D 88 -25.25 -9.11 -22.96
N THR D 89 -25.07 -9.28 -21.66
CA THR D 89 -24.73 -8.13 -20.81
C THR D 89 -23.30 -7.66 -21.06
N LEU D 90 -22.37 -8.60 -21.23
CA LEU D 90 -21.02 -8.21 -21.60
C LEU D 90 -20.99 -7.52 -22.96
N SER D 91 -21.83 -7.99 -23.90
CA SER D 91 -21.91 -7.33 -25.19
C SER D 91 -22.47 -5.93 -25.04
N GLY D 92 -23.47 -5.74 -24.17
CA GLY D 92 -23.98 -4.41 -23.92
C GLY D 92 -22.97 -3.51 -23.26
N LEU D 93 -22.11 -4.07 -22.40
CA LEU D 93 -21.04 -3.28 -21.80
C LEU D 93 -20.06 -2.78 -22.87
N GLY D 94 -19.74 -3.63 -23.85
CA GLY D 94 -18.86 -3.20 -24.92
C GLY D 94 -19.47 -2.11 -25.78
N VAL D 95 -20.78 -2.20 -26.03
CA VAL D 95 -21.47 -1.16 -26.78
C VAL D 95 -21.46 0.15 -26.02
N MET D 96 -21.62 0.08 -24.69
CA MET D 96 -21.51 1.28 -23.87
C MET D 96 -20.11 1.86 -23.92
N ALA D 97 -19.09 0.99 -23.87
CA ALA D 97 -17.71 1.45 -23.87
C ALA D 97 -17.36 2.17 -25.17
N ARG D 98 -17.91 1.70 -26.30
CA ARG D 98 -17.64 2.36 -27.57
C ARG D 98 -18.25 3.75 -27.60
N ARG D 99 -19.44 3.92 -27.02
CA ARG D 99 -20.07 5.23 -26.99
C ARG D 99 -19.33 6.17 -26.05
N PHE D 100 -18.89 5.66 -24.90
CA PHE D 100 -18.18 6.47 -23.93
C PHE D 100 -16.86 6.99 -24.49
N GLN D 101 -16.21 6.22 -25.37
CA GLN D 101 -14.98 6.67 -25.99
C GLN D 101 -15.20 7.86 -26.91
N GLY D 102 -16.43 8.08 -27.38
CA GLY D 102 -16.73 9.25 -28.16
C GLY D 102 -16.87 10.53 -27.37
N GLN D 103 -16.78 10.44 -26.05
CA GLN D 103 -16.86 11.60 -25.17
C GLN D 103 -15.46 11.95 -24.69
N ASP D 104 -15.18 13.26 -24.58
CA ASP D 104 -13.85 13.69 -24.17
C ASP D 104 -13.58 13.34 -22.72
N ALA D 105 -14.57 13.52 -21.84
CA ALA D 105 -14.42 13.23 -20.42
C ALA D 105 -15.73 12.66 -19.90
N PRO D 106 -15.93 11.35 -19.99
CA PRO D 106 -17.15 10.75 -19.44
C PRO D 106 -17.34 11.11 -17.98
N ASP D 107 -18.59 11.36 -17.60
CA ASP D 107 -18.91 11.73 -16.23
C ASP D 107 -18.47 10.65 -15.26
N HIS D 108 -17.77 11.07 -14.20
CA HIS D 108 -17.25 10.11 -13.23
C HIS D 108 -18.37 9.33 -12.55
N GLU D 109 -19.52 9.96 -12.34
CA GLU D 109 -20.62 9.26 -11.68
C GLU D 109 -21.18 8.16 -12.59
N LEU D 110 -21.18 8.40 -13.89
CA LEU D 110 -21.54 7.36 -14.86
C LEU D 110 -20.47 6.28 -14.91
N LEU D 111 -19.19 6.64 -14.76
CA LEU D 111 -18.13 5.65 -14.74
C LEU D 111 -18.23 4.74 -13.51
N ALA D 112 -18.71 5.28 -12.39
CA ALA D 112 -18.87 4.47 -11.19
C ALA D 112 -19.88 3.36 -11.42
N ALA D 113 -20.98 3.65 -12.12
CA ALA D 113 -21.95 2.61 -12.44
C ALA D 113 -21.42 1.65 -13.49
N PHE D 114 -20.61 2.16 -14.44
CA PHE D 114 -19.97 1.29 -15.41
C PHE D 114 -19.02 0.30 -14.74
N GLN D 115 -18.31 0.75 -13.70
CA GLN D 115 -17.46 -0.17 -12.94
C GLN D 115 -18.28 -1.24 -12.25
N THR D 116 -19.40 -0.85 -11.64
CA THR D 116 -20.21 -1.81 -10.88
C THR D 116 -20.76 -2.90 -11.77
N VAL D 117 -21.35 -2.52 -12.92
CA VAL D 117 -21.88 -3.54 -13.83
C VAL D 117 -20.79 -4.52 -14.23
N TYR D 118 -19.62 -4.00 -14.61
CA TYR D 118 -18.54 -4.84 -15.10
C TYR D 118 -18.11 -5.85 -14.05
N GLN D 119 -18.06 -5.42 -12.78
CA GLN D 119 -17.65 -6.31 -11.70
C GLN D 119 -18.75 -7.31 -11.37
N VAL D 120 -20.01 -6.86 -11.38
CA VAL D 120 -21.12 -7.73 -11.03
C VAL D 120 -21.28 -8.83 -12.07
N ILE D 121 -21.34 -8.46 -13.35
CA ILE D 121 -21.46 -9.48 -14.38
C ILE D 121 -20.20 -10.32 -14.45
N GLY D 122 -19.06 -9.74 -14.07
CA GLY D 122 -17.80 -10.47 -14.10
C GLY D 122 -17.77 -11.66 -13.16
N ASP D 123 -18.53 -11.61 -12.06
CA ASP D 123 -18.55 -12.71 -11.10
C ASP D 123 -18.98 -14.01 -11.77
N ASP D 124 -19.90 -13.92 -12.74
CA ASP D 124 -20.32 -15.09 -13.49
C ASP D 124 -19.20 -15.67 -14.34
N LEU D 125 -18.13 -14.90 -14.56
CA LEU D 125 -17.04 -15.29 -15.43
C LEU D 125 -15.75 -15.64 -14.69
N ASP D 126 -15.45 -14.95 -13.58
CA ASP D 126 -14.18 -15.14 -12.88
C ASP D 126 -14.30 -15.48 -11.40
N ASN D 127 -15.50 -15.42 -10.82
CA ASN D 127 -15.74 -15.78 -9.42
C ASN D 127 -14.85 -14.95 -8.48
N ALA D 128 -14.86 -13.62 -8.69
CA ALA D 128 -14.06 -12.72 -7.87
C ALA D 128 -14.70 -12.48 -6.51
N ALA D 129 -16.03 -12.43 -6.46
CA ALA D 129 -16.72 -12.14 -5.20
C ALA D 129 -16.35 -13.17 -4.14
N PRO D 130 -16.26 -12.75 -2.87
CA PRO D 130 -15.83 -13.68 -1.81
C PRO D 130 -16.67 -14.95 -1.71
N ALA D 131 -18.00 -14.83 -1.80
CA ALA D 131 -18.86 -16.00 -1.67
C ALA D 131 -18.57 -17.05 -2.74
N PHE D 132 -18.16 -16.62 -3.94
CA PHE D 132 -17.85 -17.53 -5.03
C PHE D 132 -16.43 -18.08 -4.96
N ARG D 133 -15.46 -17.24 -4.59
CA ARG D 133 -14.05 -17.62 -4.62
C ARG D 133 -13.75 -18.87 -3.80
N GLU D 134 -14.44 -19.07 -2.68
CA GLU D 134 -14.13 -20.19 -1.80
C GLU D 134 -14.59 -21.52 -2.36
N VAL D 135 -15.69 -21.53 -3.12
CA VAL D 135 -16.33 -22.74 -3.55
C VAL D 135 -16.30 -22.97 -5.06
N ALA D 136 -16.04 -21.94 -5.88
CA ALA D 136 -16.16 -22.11 -7.33
C ALA D 136 -15.01 -22.94 -7.92
N PRO D 137 -15.27 -23.69 -8.99
CA PRO D 137 -14.20 -24.40 -9.69
C PRO D 137 -13.27 -23.43 -10.42
N ARG D 138 -12.05 -23.93 -10.69
CA ARG D 138 -11.06 -23.14 -11.41
C ARG D 138 -11.29 -23.22 -12.91
N GLY D 139 -10.83 -22.19 -13.61
CA GLY D 139 -10.87 -22.16 -15.06
C GLY D 139 -12.27 -22.06 -15.65
N PRO D 140 -12.41 -22.50 -16.90
CA PRO D 140 -13.73 -22.43 -17.55
C PRO D 140 -14.81 -23.19 -16.83
N ALA D 141 -14.46 -24.23 -16.07
CA ALA D 141 -15.45 -24.98 -15.30
C ALA D 141 -16.11 -24.14 -14.22
N GLY D 142 -15.55 -22.98 -13.89
CA GLY D 142 -16.13 -22.07 -12.92
C GLY D 142 -17.11 -21.06 -13.47
N ILE D 143 -17.18 -20.92 -14.80
CA ILE D 143 -18.20 -20.06 -15.40
C ILE D 143 -19.58 -20.57 -14.98
N HIS D 144 -20.41 -19.64 -14.49
CA HIS D 144 -21.60 -20.04 -13.75
C HIS D 144 -22.52 -20.96 -14.54
N TYR D 145 -22.69 -20.72 -15.85
CA TYR D 145 -23.56 -21.61 -16.60
C TYR D 145 -22.91 -22.98 -16.82
N VAL D 146 -21.58 -23.03 -16.90
CA VAL D 146 -20.88 -24.31 -16.99
C VAL D 146 -20.85 -25.00 -15.63
N TRP D 147 -20.63 -24.21 -14.58
CA TRP D 147 -20.70 -24.73 -13.21
C TRP D 147 -22.09 -25.30 -12.92
N TRP D 148 -23.13 -24.65 -13.44
CA TRP D 148 -24.49 -25.12 -13.22
C TRP D 148 -24.75 -26.45 -13.92
N GLU D 149 -24.34 -26.56 -15.19
CA GLU D 149 -24.59 -27.79 -15.92
C GLU D 149 -23.79 -28.97 -15.37
N ASP D 150 -22.59 -28.72 -14.81
CA ASP D 150 -21.78 -29.82 -14.32
C ASP D 150 -22.27 -30.33 -12.97
N THR D 151 -22.72 -29.43 -12.09
CA THR D 151 -23.08 -29.79 -10.73
C THR D 151 -24.58 -29.90 -10.50
N VAL D 152 -25.41 -29.41 -11.42
CA VAL D 152 -26.86 -29.48 -11.23
C VAL D 152 -27.51 -30.23 -12.39
N LEU D 153 -27.30 -29.76 -13.62
CA LEU D 153 -28.00 -30.33 -14.77
C LEU D 153 -27.62 -31.80 -14.97
N LYS D 154 -26.33 -32.07 -15.20
CA LYS D 154 -25.92 -33.45 -15.47
C LYS D 154 -26.21 -34.42 -14.33
N PRO D 155 -26.01 -34.09 -13.04
CA PRO D 155 -26.41 -35.04 -12.00
C PRO D 155 -27.89 -35.41 -12.04
N VAL D 156 -28.76 -34.47 -12.41
CA VAL D 156 -30.18 -34.77 -12.49
C VAL D 156 -30.51 -35.56 -13.74
N ALA D 157 -29.84 -35.26 -14.86
CA ALA D 157 -30.11 -35.97 -16.11
C ALA D 157 -29.76 -37.44 -16.02
N ALA D 158 -28.90 -37.84 -15.07
CA ALA D 158 -28.55 -39.24 -14.90
C ALA D 158 -29.69 -40.06 -14.34
N HIS D 159 -30.74 -39.42 -13.82
CA HIS D 159 -31.91 -40.10 -13.29
C HIS D 159 -33.14 -39.85 -14.14
N VAL D 160 -32.95 -39.58 -15.43
CA VAL D 160 -34.04 -39.30 -16.35
C VAL D 160 -33.79 -40.13 -17.59
N ALA D 161 -34.81 -40.85 -18.04
CA ALA D 161 -34.69 -41.67 -19.23
C ALA D 161 -34.53 -40.79 -20.47
N GLU D 162 -33.85 -41.37 -21.48
CA GLU D 162 -33.50 -40.65 -22.70
C GLU D 162 -34.68 -39.90 -23.32
N GLU D 163 -35.84 -40.56 -23.38
CA GLU D 163 -37.00 -39.94 -24.03
C GLU D 163 -37.46 -38.67 -23.32
N ASP D 164 -37.43 -38.68 -21.97
CA ASP D 164 -37.82 -37.48 -21.23
C ASP D 164 -36.73 -36.42 -21.28
N ARG D 165 -35.47 -36.84 -21.42
CA ARG D 165 -34.38 -35.88 -21.56
C ARG D 165 -34.53 -35.05 -22.83
N GLN D 166 -34.95 -35.70 -23.93
CA GLN D 166 -35.11 -35.00 -25.19
C GLN D 166 -36.18 -33.92 -25.07
N SER D 167 -37.27 -34.23 -24.37
CA SER D 167 -38.32 -33.24 -24.16
C SER D 167 -37.93 -32.20 -23.11
N ALA D 168 -37.10 -32.60 -22.15
CA ALA D 168 -36.64 -31.65 -21.12
C ALA D 168 -35.68 -30.63 -21.68
N ALA D 169 -35.00 -30.93 -22.79
CA ALA D 169 -34.05 -30.00 -23.36
C ALA D 169 -34.70 -28.99 -24.30
N VAL D 170 -35.95 -29.23 -24.70
CA VAL D 170 -36.66 -28.32 -25.60
C VAL D 170 -37.12 -27.10 -24.80
N LEU D 171 -36.62 -25.92 -25.16
CA LEU D 171 -37.03 -24.76 -24.41
C LEU D 171 -38.42 -24.31 -24.85
N PRO D 172 -39.29 -23.96 -23.92
CA PRO D 172 -40.59 -23.38 -24.32
C PRO D 172 -40.41 -22.01 -24.97
N ARG D 173 -41.41 -21.63 -25.75
CA ARG D 173 -41.35 -20.37 -26.49
C ARG D 173 -41.22 -19.17 -25.57
N ALA D 174 -41.79 -19.24 -24.36
CA ALA D 174 -41.63 -18.13 -23.43
C ALA D 174 -40.17 -17.95 -23.01
N VAL D 175 -39.42 -19.05 -22.96
CA VAL D 175 -38.00 -18.95 -22.63
C VAL D 175 -37.19 -18.44 -23.81
N THR D 176 -37.45 -18.96 -25.01
CA THR D 176 -36.73 -18.49 -26.19
C THR D 176 -37.08 -17.04 -26.50
N GLY D 177 -38.27 -16.59 -26.12
CA GLY D 177 -38.61 -15.19 -26.27
C GLY D 177 -37.78 -14.29 -25.37
N LEU D 178 -37.46 -14.76 -24.16
CA LEU D 178 -36.57 -14.00 -23.30
C LEU D 178 -35.16 -13.99 -23.88
N LEU D 179 -34.72 -15.11 -24.45
CA LEU D 179 -33.41 -15.15 -25.09
C LEU D 179 -33.37 -14.21 -26.30
N ASP D 180 -34.49 -14.07 -27.02
CA ASP D 180 -34.53 -13.12 -28.13
C ASP D 180 -34.46 -11.68 -27.63
N SER D 181 -35.09 -11.41 -26.49
CA SER D 181 -34.98 -10.08 -25.90
C SER D 181 -33.53 -9.76 -25.53
N MET D 182 -32.83 -10.74 -24.96
CA MET D 182 -31.42 -10.54 -24.62
C MET D 182 -30.56 -10.30 -25.85
N ASP D 183 -30.86 -10.98 -26.96
CA ASP D 183 -30.09 -10.77 -28.18
C ASP D 183 -30.24 -9.35 -28.71
N ARG D 184 -31.41 -8.74 -28.53
CA ARG D 184 -31.61 -7.35 -28.95
C ARG D 184 -30.93 -6.39 -28.00
N LEU D 185 -31.03 -6.65 -26.69
CA LEU D 185 -30.38 -5.79 -25.71
C LEU D 185 -28.86 -5.88 -25.79
N ALA D 186 -28.33 -6.94 -26.40
CA ALA D 186 -26.88 -7.10 -26.51
C ALA D 186 -26.26 -5.98 -27.34
N THR D 187 -27.03 -5.38 -28.25
CA THR D 187 -26.56 -4.27 -29.08
C THR D 187 -27.26 -2.96 -28.74
N HIS D 188 -28.08 -2.95 -27.69
CA HIS D 188 -28.78 -1.74 -27.26
C HIS D 188 -27.84 -0.85 -26.46
N PRO D 189 -27.85 0.47 -26.73
CA PRO D 189 -26.94 1.37 -26.00
C PRO D 189 -27.13 1.37 -24.49
N LEU D 190 -28.29 0.91 -24.02
CA LEU D 190 -28.58 0.82 -22.59
C LEU D 190 -28.90 -0.61 -22.17
N GLY D 191 -28.73 -1.58 -23.07
CA GLY D 191 -29.15 -2.95 -22.80
C GLY D 191 -28.56 -3.54 -21.52
N ALA D 192 -27.25 -3.37 -21.32
CA ALA D 192 -26.61 -3.93 -20.14
C ALA D 192 -27.20 -3.34 -18.86
N ALA D 193 -27.51 -2.05 -18.87
CA ALA D 193 -28.12 -1.42 -17.70
C ALA D 193 -29.54 -1.92 -17.47
N VAL D 194 -30.27 -2.17 -18.57
CA VAL D 194 -31.64 -2.67 -18.44
C VAL D 194 -31.64 -4.06 -17.81
N GLN D 195 -30.79 -4.95 -18.32
CA GLN D 195 -30.76 -6.32 -17.81
C GLN D 195 -30.38 -6.37 -16.33
N LEU D 196 -29.37 -5.60 -15.93
CA LEU D 196 -28.95 -5.62 -14.52
C LEU D 196 -30.01 -5.02 -13.62
N ARG D 197 -30.68 -3.95 -14.06
CA ARG D 197 -31.68 -3.31 -13.22
C ARG D 197 -32.80 -4.27 -12.87
N VAL D 198 -33.17 -5.14 -13.81
CA VAL D 198 -34.26 -6.08 -13.57
C VAL D 198 -33.75 -7.32 -12.85
N VAL D 199 -32.68 -7.94 -13.37
CA VAL D 199 -32.23 -9.23 -12.86
C VAL D 199 -31.79 -9.14 -11.40
N GLU D 200 -31.12 -8.04 -11.02
CA GLU D 200 -30.63 -7.95 -9.66
C GLU D 200 -31.74 -7.77 -8.63
N ASP D 201 -32.96 -7.41 -9.06
CA ASP D 201 -34.08 -7.36 -8.13
C ASP D 201 -34.65 -8.74 -7.84
N ILE D 202 -34.56 -9.65 -8.80
CA ILE D 202 -35.16 -10.97 -8.69
C ILE D 202 -34.16 -12.08 -8.45
N ALA D 203 -32.86 -11.81 -8.52
CA ALA D 203 -31.86 -12.89 -8.49
C ALA D 203 -31.89 -13.67 -7.18
N LEU D 204 -32.10 -12.99 -6.05
CA LEU D 204 -32.09 -13.68 -4.77
C LEU D 204 -33.26 -14.66 -4.67
N ASP D 205 -34.47 -14.20 -5.04
CA ASP D 205 -35.64 -15.06 -4.96
C ASP D 205 -35.53 -16.29 -5.88
N ILE D 206 -34.88 -16.12 -7.03
CA ILE D 206 -34.67 -17.27 -7.92
C ILE D 206 -33.76 -18.30 -7.26
N ALA D 207 -32.66 -17.84 -6.66
CA ALA D 207 -31.72 -18.77 -6.03
C ALA D 207 -32.36 -19.50 -4.86
N VAL D 208 -33.22 -18.81 -4.11
CA VAL D 208 -33.94 -19.47 -3.03
C VAL D 208 -34.91 -20.50 -3.59
N GLY D 209 -35.57 -20.19 -4.71
CA GLY D 209 -36.42 -21.18 -5.35
C GLY D 209 -35.66 -22.41 -5.77
N PHE D 210 -34.44 -22.23 -6.27
CA PHE D 210 -33.59 -23.36 -6.64
C PHE D 210 -33.18 -24.16 -5.40
N ARG D 211 -32.87 -23.46 -4.31
CA ARG D 211 -32.54 -24.14 -3.06
C ARG D 211 -33.68 -25.03 -2.60
N ARG D 212 -34.91 -24.55 -2.72
CA ARG D 212 -36.06 -25.31 -2.26
C ARG D 212 -36.38 -26.51 -3.16
N LEU D 213 -36.51 -26.29 -4.48
CA LEU D 213 -36.94 -27.39 -5.34
C LEU D 213 -35.86 -28.46 -5.50
N TYR D 214 -34.59 -28.07 -5.65
CA TYR D 214 -33.56 -29.07 -5.89
C TYR D 214 -33.22 -29.89 -4.66
N ALA D 215 -33.65 -29.47 -3.47
CA ALA D 215 -33.46 -30.29 -2.29
C ALA D 215 -34.56 -31.32 -2.11
N LYS D 216 -35.60 -31.27 -2.95
CA LYS D 216 -36.75 -32.13 -2.82
C LYS D 216 -36.96 -33.03 -4.04
N VAL D 217 -35.91 -33.29 -4.81
CA VAL D 217 -36.05 -34.13 -6.01
C VAL D 217 -36.11 -35.59 -5.58
N GLU D 218 -37.24 -36.23 -5.84
CA GLU D 218 -37.50 -37.60 -5.43
C GLU D 218 -37.06 -38.57 -6.53
N VAL D 219 -36.25 -39.55 -6.14
CA VAL D 219 -35.71 -40.61 -6.99
C VAL D 219 -36.17 -41.89 -6.31
N PRO D 220 -36.37 -43.02 -7.03
CA PRO D 220 -36.92 -44.21 -6.35
C PRO D 220 -36.33 -44.58 -5.00
N GLY D 221 -35.02 -44.47 -4.81
CA GLY D 221 -34.47 -45.03 -3.59
C GLY D 221 -33.90 -44.02 -2.61
N THR D 222 -33.35 -42.93 -3.12
CA THR D 222 -32.76 -41.91 -2.27
C THR D 222 -33.08 -40.55 -2.89
N THR D 223 -32.87 -39.49 -2.10
CA THR D 223 -33.06 -38.14 -2.59
C THR D 223 -31.72 -37.55 -3.04
N LEU D 224 -31.81 -36.64 -4.00
CA LEU D 224 -30.61 -36.18 -4.67
C LEU D 224 -29.96 -35.06 -3.87
N PHE D 225 -28.74 -34.70 -4.30
CA PHE D 225 -27.95 -33.64 -3.70
C PHE D 225 -27.89 -33.77 -2.18
N ALA D 226 -27.51 -34.96 -1.71
CA ALA D 226 -27.40 -35.18 -0.27
C ALA D 226 -26.08 -34.70 0.29
N GLY D 227 -25.03 -34.71 -0.53
CA GLY D 227 -23.73 -34.28 -0.07
C GLY D 227 -23.74 -32.82 0.36
N ARG D 228 -22.89 -32.48 1.32
CA ARG D 228 -22.89 -31.10 1.80
C ARG D 228 -22.48 -30.11 0.71
N ASP D 229 -21.45 -30.45 -0.08
CA ASP D 229 -21.00 -29.55 -1.14
C ASP D 229 -21.90 -29.65 -2.36
N ASP D 230 -23.02 -30.34 -2.23
CA ASP D 230 -23.97 -30.43 -3.31
C ASP D 230 -24.78 -29.14 -3.30
N LEU D 231 -25.05 -28.61 -4.49
CA LEU D 231 -25.73 -27.34 -4.67
C LEU D 231 -24.88 -26.18 -4.17
N ALA D 232 -23.56 -26.25 -4.35
CA ALA D 232 -22.69 -25.14 -3.99
C ALA D 232 -22.97 -23.93 -4.85
N TRP D 233 -23.38 -24.16 -6.10
CA TRP D 233 -23.78 -23.09 -7.00
C TRP D 233 -24.89 -22.25 -6.36
N VAL D 234 -25.91 -22.91 -5.84
CA VAL D 234 -27.05 -22.21 -5.26
C VAL D 234 -26.68 -21.53 -3.95
N ASP D 235 -25.96 -22.25 -3.09
CA ASP D 235 -25.62 -21.73 -1.77
C ASP D 235 -24.76 -20.47 -1.88
N SER D 236 -23.73 -20.52 -2.74
CA SER D 236 -22.86 -19.36 -2.92
C SER D 236 -23.61 -18.20 -3.56
N HIS D 237 -24.57 -18.49 -4.44
CA HIS D 237 -25.36 -17.42 -5.03
C HIS D 237 -26.27 -16.77 -3.99
N ILE D 238 -26.81 -17.57 -3.07
CA ILE D 238 -27.64 -17.00 -2.01
C ILE D 238 -26.80 -16.09 -1.12
N LYS D 239 -25.55 -16.49 -0.85
CA LYS D 239 -24.69 -15.66 -0.02
C LYS D 239 -24.31 -14.37 -0.75
N ALA D 240 -24.07 -14.44 -2.05
CA ALA D 240 -23.59 -13.26 -2.75
C ALA D 240 -24.73 -12.27 -2.99
N GLU D 241 -25.96 -12.77 -3.06
CA GLU D 241 -27.09 -11.88 -3.29
C GLU D 241 -27.55 -11.13 -2.04
N THR D 242 -27.21 -11.60 -0.83
CA THR D 242 -27.54 -10.82 0.37
C THR D 242 -26.52 -9.69 0.53
N GLY D 254 -27.91 1.81 -8.60
CA GLY D 254 -27.28 2.92 -9.28
C GLY D 254 -27.29 2.79 -10.80
N MET D 255 -28.07 1.85 -11.32
CA MET D 255 -28.09 1.59 -12.76
C MET D 255 -28.53 2.80 -13.56
N THR D 256 -29.49 3.57 -13.04
CA THR D 256 -30.01 4.70 -13.80
C THR D 256 -28.99 5.82 -13.98
N ARG D 257 -27.82 5.76 -13.33
CA ARG D 257 -26.81 6.76 -13.59
C ARG D 257 -26.13 6.56 -14.94
N LEU D 258 -26.41 5.46 -15.62
CA LEU D 258 -25.96 5.25 -16.99
C LEU D 258 -26.91 5.85 -18.02
N VAL D 259 -28.05 6.38 -17.59
CA VAL D 259 -28.99 7.03 -18.49
C VAL D 259 -28.67 8.52 -18.50
N ALA D 260 -28.33 9.05 -19.67
CA ALA D 260 -27.77 10.40 -19.76
C ALA D 260 -28.77 11.50 -20.08
N ASP D 261 -29.81 11.25 -20.87
CA ASP D 261 -30.75 12.31 -21.23
C ASP D 261 -32.20 11.85 -21.06
N ARG D 262 -33.13 12.60 -21.66
CA ARG D 262 -34.54 12.27 -21.56
C ARG D 262 -34.97 11.30 -22.65
N GLU D 263 -34.29 11.29 -23.79
CA GLU D 263 -34.60 10.31 -24.83
C GLU D 263 -34.20 8.91 -24.38
N GLN D 264 -33.08 8.81 -23.67
CA GLN D 264 -32.66 7.53 -23.13
C GLN D 264 -33.50 7.09 -21.95
N ALA D 265 -34.00 8.03 -21.15
CA ALA D 265 -34.84 7.68 -20.01
C ALA D 265 -36.15 7.04 -20.44
N GLU D 266 -36.79 7.58 -21.49
CA GLU D 266 -38.01 6.97 -22.00
C GLU D 266 -37.73 5.64 -22.69
N GLU D 267 -36.60 5.53 -23.38
CA GLU D 267 -36.24 4.26 -23.99
C GLU D 267 -35.90 3.23 -22.92
N PHE D 268 -35.30 3.68 -21.81
CA PHE D 268 -34.96 2.78 -20.70
C PHE D 268 -36.21 2.18 -20.07
N LEU D 269 -37.25 2.99 -19.86
CA LEU D 269 -38.47 2.48 -19.23
C LEU D 269 -39.19 1.51 -20.14
N THR D 270 -39.23 1.79 -21.45
CA THR D 270 -39.87 0.88 -22.39
C THR D 270 -39.14 -0.45 -22.44
N ALA D 271 -37.81 -0.41 -22.47
CA ALA D 271 -37.03 -1.66 -22.53
C ALA D 271 -37.22 -2.47 -21.26
N VAL D 272 -37.31 -1.80 -20.11
CA VAL D 272 -37.52 -2.50 -18.84
C VAL D 272 -38.90 -3.18 -18.84
N ARG D 273 -39.92 -2.47 -19.35
CA ARG D 273 -41.26 -3.04 -19.39
C ARG D 273 -41.30 -4.32 -20.23
N GLU D 274 -40.75 -4.27 -21.45
CA GLU D 274 -40.76 -5.47 -22.28
C GLU D 274 -39.87 -6.57 -21.69
N TYR D 275 -38.70 -6.19 -21.17
CA TYR D 275 -37.76 -7.18 -20.64
C TYR D 275 -38.32 -7.88 -19.40
N ALA D 276 -38.94 -7.11 -18.49
CA ALA D 276 -39.51 -7.71 -17.29
C ALA D 276 -40.66 -8.64 -17.63
N ALA D 277 -41.43 -8.32 -18.67
CA ALA D 277 -42.53 -9.20 -19.08
C ALA D 277 -42.00 -10.53 -19.60
N HIS D 278 -40.89 -10.50 -20.34
CA HIS D 278 -40.28 -11.75 -20.81
C HIS D 278 -39.71 -12.56 -19.66
N TRP D 279 -39.15 -11.90 -18.64
CA TRP D 279 -38.65 -12.63 -17.48
C TRP D 279 -39.78 -13.29 -16.72
N SER D 280 -40.91 -12.58 -16.57
CA SER D 280 -42.07 -13.15 -15.89
C SER D 280 -42.60 -14.36 -16.65
N ALA D 281 -42.76 -14.24 -17.97
CA ALA D 281 -43.27 -15.35 -18.76
C ALA D 281 -42.32 -16.55 -18.70
N ALA D 282 -41.02 -16.31 -18.79
CA ALA D 282 -40.05 -17.41 -18.74
C ALA D 282 -40.12 -18.13 -17.40
N LEU D 283 -40.24 -17.38 -16.30
CA LEU D 283 -40.33 -18.00 -14.99
C LEU D 283 -41.66 -18.73 -14.79
N GLU D 284 -42.71 -18.34 -15.52
CA GLU D 284 -43.97 -19.06 -15.46
C GLU D 284 -43.82 -20.49 -15.95
N THR D 285 -42.96 -20.72 -16.93
CA THR D 285 -42.72 -22.10 -17.37
C THR D 285 -42.05 -22.92 -16.28
N TYR D 286 -41.30 -22.28 -15.39
CA TYR D 286 -40.71 -22.99 -14.26
C TYR D 286 -41.81 -23.47 -13.31
N ALA D 287 -42.81 -22.61 -13.07
CA ALA D 287 -43.93 -23.01 -12.22
C ALA D 287 -44.76 -24.09 -12.90
N GLN D 288 -44.95 -23.98 -14.21
CA GLN D 288 -45.71 -25.00 -14.93
C GLN D 288 -45.02 -26.36 -14.84
N ALA D 289 -43.70 -26.38 -14.94
CA ALA D 289 -42.96 -27.64 -14.86
C ALA D 289 -43.08 -28.25 -13.47
N LEU D 290 -43.17 -27.42 -12.43
CA LEU D 290 -43.33 -27.95 -11.08
C LEU D 290 -44.70 -28.57 -10.89
N ARG D 291 -45.75 -27.93 -11.42
CA ARG D 291 -47.09 -28.48 -11.30
C ARG D 291 -47.26 -29.75 -12.13
N ASP D 292 -46.78 -29.75 -13.37
CA ASP D 292 -46.98 -30.91 -14.24
C ASP D 292 -46.11 -32.09 -13.86
N GLY D 293 -44.93 -31.83 -13.27
CA GLY D 293 -44.03 -32.92 -12.98
C GLY D 293 -43.19 -33.35 -14.15
N HIS D 294 -43.22 -32.61 -15.25
CA HIS D 294 -42.45 -32.93 -16.45
C HIS D 294 -42.38 -31.66 -17.30
N ALA D 295 -41.64 -31.74 -18.40
CA ALA D 295 -41.50 -30.60 -19.31
C ALA D 295 -42.83 -30.21 -19.92
N LEU E 26 11.65 26.85 38.14
CA LEU E 26 11.62 25.58 38.88
C LEU E 26 11.64 24.39 37.93
N ALA E 27 12.25 24.58 36.75
CA ALA E 27 12.25 23.54 35.73
C ALA E 27 12.97 22.28 36.23
N LEU E 28 12.50 21.13 35.76
CA LEU E 28 13.09 19.86 36.17
C LEU E 28 14.52 19.74 35.68
N SER E 29 15.39 19.17 36.52
CA SER E 29 16.76 18.91 36.14
C SER E 29 16.85 17.59 35.38
N ALA E 30 18.02 17.37 34.75
CA ALA E 30 18.22 16.14 33.98
C ALA E 30 18.09 14.90 34.83
N ALA E 31 18.52 14.95 36.09
CA ALA E 31 18.36 13.80 36.97
C ALA E 31 16.90 13.57 37.30
N GLU E 32 16.11 14.63 37.39
CA GLU E 32 14.70 14.51 37.73
C GLU E 32 13.85 14.15 36.53
N GLN E 33 14.35 14.42 35.32
CA GLN E 33 13.63 13.97 34.15
C GLN E 33 13.77 12.46 33.97
N GLN E 34 14.97 11.92 34.20
CA GLN E 34 15.13 10.47 34.11
C GLN E 34 14.37 9.78 35.22
N ASP E 35 14.30 10.43 36.38
CA ASP E 35 13.57 9.90 37.53
C ASP E 35 12.07 9.86 37.26
N LEU E 36 11.54 10.89 36.58
CA LEU E 36 10.12 10.91 36.22
C LEU E 36 9.81 9.83 35.19
N ASP E 37 10.66 9.70 34.16
CA ASP E 37 10.41 8.72 33.11
C ASP E 37 10.42 7.31 33.65
N ALA E 38 11.30 7.04 34.63
CA ALA E 38 11.35 5.70 35.21
C ALA E 38 10.11 5.39 36.02
N ARG E 39 9.61 6.36 36.81
CA ARG E 39 8.38 6.11 37.56
C ARG E 39 7.17 5.90 36.66
N VAL E 40 7.09 6.63 35.55
CA VAL E 40 5.96 6.48 34.65
C VAL E 40 5.91 5.06 34.10
N GLY E 41 7.07 4.55 33.66
CA GLY E 41 7.11 3.17 33.18
C GLY E 41 6.75 2.17 34.24
N LYS E 42 7.16 2.45 35.49
CA LYS E 42 6.84 1.53 36.58
C LYS E 42 5.36 1.52 36.92
N GLU E 43 4.69 2.67 36.82
CA GLU E 43 3.25 2.70 37.10
C GLU E 43 2.49 1.90 36.05
N ILE E 44 2.97 1.91 34.82
CA ILE E 44 2.37 1.11 33.77
C ILE E 44 2.62 -0.37 34.04
N ASP E 45 3.80 -0.70 34.59
CA ASP E 45 4.07 -2.06 35.00
C ASP E 45 3.11 -2.51 36.09
N ALA E 46 2.93 -1.67 37.12
CA ALA E 46 2.10 -2.03 38.26
C ALA E 46 0.61 -2.09 37.94
N ALA E 47 0.19 -1.59 36.79
CA ALA E 47 -1.20 -1.67 36.37
C ALA E 47 -1.49 -2.92 35.58
N ARG E 48 -0.50 -3.82 35.46
CA ARG E 48 -0.63 -5.06 34.72
C ARG E 48 -1.12 -4.81 33.30
N LEU E 49 -0.43 -3.90 32.61
CA LEU E 49 -0.73 -3.55 31.25
C LEU E 49 0.27 -4.13 30.25
N ARG E 50 1.34 -4.78 30.73
CA ARG E 50 2.35 -5.32 29.85
C ARG E 50 1.89 -6.61 29.20
N ARG E 51 2.68 -7.04 28.20
CA ARG E 51 2.30 -8.16 27.36
C ARG E 51 1.97 -9.40 28.18
N ALA E 52 2.76 -9.68 29.23
CA ALA E 52 2.66 -10.92 29.99
C ALA E 52 1.79 -10.79 31.24
N ASP E 53 1.21 -9.62 31.49
CA ASP E 53 0.46 -9.39 32.71
C ASP E 53 -1.02 -9.16 32.48
N ASN E 54 -1.43 -8.54 31.38
CA ASN E 54 -2.84 -8.26 31.17
C ASN E 54 -3.52 -9.50 30.62
N ALA E 55 -4.69 -9.84 31.18
CA ALA E 55 -5.36 -11.08 30.84
C ALA E 55 -5.85 -11.10 29.38
N PHE E 56 -6.24 -9.94 28.85
CA PHE E 56 -6.74 -9.91 27.47
C PHE E 56 -5.69 -10.39 26.48
N PHE E 57 -4.44 -9.93 26.64
CA PHE E 57 -3.39 -10.37 25.74
C PHE E 57 -3.17 -11.87 25.84
N GLY E 58 -3.27 -12.42 27.06
CA GLY E 58 -3.13 -13.85 27.23
C GLY E 58 -4.31 -14.63 26.65
N GLU E 59 -5.54 -14.15 26.92
CA GLU E 59 -6.74 -14.85 26.45
C GLU E 59 -6.86 -14.85 24.93
N ALA E 60 -6.35 -13.83 24.25
CA ALA E 60 -6.55 -13.75 22.80
C ALA E 60 -5.75 -14.79 22.04
N ARG E 61 -4.53 -15.07 22.48
CA ARG E 61 -3.74 -16.08 21.79
C ARG E 61 -4.14 -17.51 22.17
N LYS E 62 -4.60 -17.72 23.40
CA LYS E 62 -4.87 -19.08 23.84
C LYS E 62 -6.19 -19.59 23.31
N ALA E 63 -7.10 -18.68 22.98
CA ALA E 63 -8.38 -19.07 22.44
C ALA E 63 -8.22 -19.86 21.16
N GLU E 64 -8.92 -20.99 21.09
CA GLU E 64 -8.95 -21.80 19.89
C GLU E 64 -9.98 -21.25 18.91
N SER E 65 -11.14 -20.88 19.45
CA SER E 65 -12.22 -20.31 18.67
C SER E 65 -12.84 -19.13 19.43
N VAL E 66 -13.37 -18.19 18.68
CA VAL E 66 -14.07 -17.01 19.23
C VAL E 66 -15.46 -16.97 18.62
N THR E 67 -16.47 -16.76 19.47
CA THR E 67 -17.83 -16.67 18.96
C THR E 67 -18.09 -15.28 18.37
N PRO E 68 -18.95 -15.18 17.35
CA PRO E 68 -19.28 -13.86 16.79
C PRO E 68 -19.89 -12.92 17.80
N GLU E 69 -20.66 -13.46 18.76
CA GLU E 69 -21.26 -12.62 19.79
C GLU E 69 -20.18 -11.99 20.67
N ALA E 70 -19.17 -12.78 21.05
CA ALA E 70 -18.07 -12.24 21.84
C ALA E 70 -17.24 -11.24 21.04
N ALA E 71 -16.98 -11.55 19.77
CA ALA E 71 -16.20 -10.63 18.93
C ALA E 71 -16.93 -9.31 18.74
N LEU E 72 -18.26 -9.33 18.66
CA LEU E 72 -19.01 -8.10 18.47
C LEU E 72 -18.98 -7.23 19.72
N ALA E 73 -19.04 -7.85 20.91
CA ALA E 73 -18.96 -7.08 22.14
C ALA E 73 -17.64 -6.33 22.24
N ILE E 74 -16.54 -6.97 21.86
CA ILE E 74 -15.24 -6.32 21.89
C ILE E 74 -15.18 -5.18 20.87
N ALA E 75 -15.79 -5.37 19.70
CA ALA E 75 -15.77 -4.33 18.67
C ALA E 75 -16.57 -3.10 19.09
N HIS E 76 -17.65 -3.28 19.86
CA HIS E 76 -18.40 -2.13 20.35
C HIS E 76 -17.63 -1.38 21.43
N ARG E 77 -16.97 -2.12 22.33
CA ARG E 77 -16.21 -1.48 23.39
C ARG E 77 -15.00 -0.74 22.85
N TRP E 78 -14.30 -1.33 21.88
CA TRP E 78 -13.15 -0.64 21.30
C TRP E 78 -13.59 0.59 20.52
N ARG E 79 -14.74 0.53 19.87
CA ARG E 79 -15.27 1.70 19.16
C ARG E 79 -15.49 2.86 20.13
N ALA E 80 -16.12 2.58 21.26
CA ALA E 80 -16.37 3.65 22.24
C ALA E 80 -15.08 4.15 22.84
N MET E 81 -14.14 3.25 23.14
CA MET E 81 -12.92 3.65 23.81
C MET E 81 -11.98 4.39 22.87
N THR E 82 -11.88 3.94 21.62
CA THR E 82 -10.99 4.61 20.67
C THR E 82 -11.57 5.94 20.18
N LYS E 83 -12.88 6.04 20.03
CA LYS E 83 -13.47 7.32 19.66
C LYS E 83 -13.30 8.36 20.77
N ALA E 84 -13.54 7.95 22.02
CA ALA E 84 -13.37 8.86 23.13
C ALA E 84 -11.90 9.24 23.31
N PHE E 85 -10.99 8.29 23.09
CA PHE E 85 -9.57 8.59 23.19
C PHE E 85 -9.16 9.70 22.25
N MET E 86 -9.55 9.60 20.96
CA MET E 86 -9.15 10.61 19.99
C MET E 86 -9.69 11.98 20.36
N PHE E 87 -11.00 12.07 20.64
CA PHE E 87 -11.61 13.38 20.85
C PHE E 87 -11.16 14.01 22.16
N THR E 88 -11.07 13.23 23.24
CA THR E 88 -10.65 13.80 24.51
C THR E 88 -9.18 14.16 24.50
N THR E 89 -8.36 13.46 23.72
CA THR E 89 -6.96 13.85 23.59
C THR E 89 -6.83 15.12 22.75
N LEU E 90 -7.63 15.24 21.69
CA LEU E 90 -7.65 16.48 20.91
C LEU E 90 -8.15 17.63 21.78
N SER E 91 -9.11 17.37 22.66
CA SER E 91 -9.57 18.42 23.57
C SER E 91 -8.46 18.84 24.53
N GLY E 92 -7.68 17.87 25.03
CA GLY E 92 -6.55 18.22 25.87
C GLY E 92 -5.47 18.98 25.14
N LEU E 93 -5.30 18.69 23.84
CA LEU E 93 -4.34 19.46 23.04
C LEU E 93 -4.73 20.92 22.97
N GLY E 94 -6.02 21.20 22.82
CA GLY E 94 -6.47 22.59 22.78
C GLY E 94 -6.28 23.29 24.11
N VAL E 95 -6.49 22.58 25.22
CA VAL E 95 -6.29 23.17 26.54
C VAL E 95 -4.81 23.53 26.74
N MET E 96 -3.91 22.69 26.24
CA MET E 96 -2.49 23.03 26.29
C MET E 96 -2.18 24.26 25.46
N ALA E 97 -2.79 24.36 24.27
CA ALA E 97 -2.54 25.51 23.40
C ALA E 97 -3.03 26.80 24.04
N ARG E 98 -4.15 26.73 24.75
CA ARG E 98 -4.65 27.92 25.45
C ARG E 98 -3.69 28.35 26.56
N ARG E 99 -3.07 27.37 27.23
CA ARG E 99 -2.11 27.70 28.28
C ARG E 99 -0.84 28.33 27.70
N PHE E 100 -0.36 27.81 26.58
CA PHE E 100 0.84 28.39 25.96
C PHE E 100 0.59 29.85 25.54
N GLN E 101 -0.63 30.15 25.10
CA GLN E 101 -0.94 31.51 24.68
C GLN E 101 -0.93 32.49 25.85
N GLY E 102 -1.12 32.02 27.09
CA GLY E 102 -0.99 32.91 28.22
C GLY E 102 0.41 33.27 28.59
N GLN E 103 1.40 32.70 27.92
CA GLN E 103 2.81 32.99 28.15
C GLN E 103 3.34 33.84 26.99
N ASP E 104 4.22 34.79 27.31
CA ASP E 104 4.79 35.63 26.26
C ASP E 104 5.71 34.83 25.34
N ALA E 105 6.51 33.93 25.91
CA ALA E 105 7.44 33.12 25.12
C ALA E 105 7.51 31.72 25.71
N PRO E 106 6.61 30.83 25.28
CA PRO E 106 6.66 29.44 25.75
C PRO E 106 8.00 28.78 25.49
N ASP E 107 8.43 27.96 26.46
CA ASP E 107 9.70 27.26 26.35
C ASP E 107 9.72 26.34 25.13
N HIS E 108 10.80 26.45 24.34
CA HIS E 108 10.92 25.67 23.12
C HIS E 108 10.94 24.16 23.38
N GLU E 109 11.51 23.74 24.51
CA GLU E 109 11.53 22.32 24.83
C GLU E 109 10.13 21.80 25.14
N LEU E 110 9.30 22.65 25.74
CA LEU E 110 7.90 22.29 25.93
C LEU E 110 7.18 22.23 24.59
N LEU E 111 7.52 23.15 23.67
CA LEU E 111 6.91 23.17 22.35
C LEU E 111 7.28 21.96 21.51
N ALA E 112 8.51 21.45 21.67
CA ALA E 112 8.92 20.27 20.92
C ALA E 112 8.06 19.07 21.30
N ALA E 113 7.75 18.93 22.59
CA ALA E 113 6.86 17.85 23.01
C ALA E 113 5.43 18.14 22.60
N PHE E 114 5.03 19.41 22.58
CA PHE E 114 3.72 19.78 22.07
C PHE E 114 3.59 19.41 20.60
N GLN E 115 4.69 19.54 19.84
CA GLN E 115 4.70 19.09 18.46
C GLN E 115 4.44 17.60 18.36
N THR E 116 5.03 16.82 19.28
CA THR E 116 4.81 15.37 19.27
C THR E 116 3.34 15.04 19.52
N VAL E 117 2.71 15.73 20.48
CA VAL E 117 1.29 15.51 20.74
C VAL E 117 0.48 15.70 19.45
N TYR E 118 0.78 16.77 18.72
CA TYR E 118 0.04 17.04 17.49
C TYR E 118 0.20 15.93 16.45
N GLN E 119 1.42 15.41 16.28
CA GLN E 119 1.61 14.42 15.22
C GLN E 119 1.02 13.07 15.61
N VAL E 120 1.22 12.66 16.87
CA VAL E 120 0.82 11.31 17.28
C VAL E 120 -0.70 11.17 17.26
N ILE E 121 -1.41 12.08 17.94
CA ILE E 121 -2.87 11.97 17.95
C ILE E 121 -3.44 12.27 16.56
N GLY E 122 -2.74 13.07 15.77
CA GLY E 122 -3.22 13.39 14.44
C GLY E 122 -3.34 12.17 13.55
N ASP E 123 -2.52 11.15 13.80
CA ASP E 123 -2.54 9.94 12.99
C ASP E 123 -3.90 9.27 13.02
N ASP E 124 -4.58 9.29 14.17
CA ASP E 124 -5.93 8.73 14.24
C ASP E 124 -6.93 9.52 13.43
N LEU E 125 -6.58 10.74 13.02
CA LEU E 125 -7.47 11.61 12.28
C LEU E 125 -7.11 11.76 10.82
N ASP E 126 -5.82 11.75 10.47
CA ASP E 126 -5.39 12.01 9.10
C ASP E 126 -4.47 10.95 8.51
N ASN E 127 -4.00 9.98 9.30
CA ASN E 127 -3.18 8.87 8.81
C ASN E 127 -1.92 9.37 8.09
N ALA E 128 -1.19 10.26 8.75
CA ALA E 128 0.03 10.80 8.16
C ALA E 128 1.18 9.81 8.22
N ALA E 129 1.25 9.00 9.28
CA ALA E 129 2.34 8.06 9.45
C ALA E 129 2.44 7.11 8.26
N PRO E 130 3.66 6.71 7.87
CA PRO E 130 3.82 5.85 6.68
C PRO E 130 3.01 4.56 6.73
N ALA E 131 3.00 3.86 7.86
CA ALA E 131 2.26 2.61 7.96
C ALA E 131 0.77 2.81 7.71
N PHE E 132 0.22 3.95 8.11
CA PHE E 132 -1.19 4.26 7.90
C PHE E 132 -1.47 4.86 6.52
N ARG E 133 -0.59 5.74 6.03
CA ARG E 133 -0.91 6.51 4.83
C ARG E 133 -1.22 5.65 3.61
N GLU E 134 -0.51 4.54 3.41
CA GLU E 134 -0.75 3.75 2.20
C GLU E 134 -2.00 2.89 2.24
N VAL E 135 -2.44 2.44 3.42
CA VAL E 135 -3.50 1.44 3.48
C VAL E 135 -4.81 2.03 3.97
N ALA E 136 -4.79 3.16 4.67
CA ALA E 136 -6.01 3.70 5.24
C ALA E 136 -6.88 4.32 4.14
N PRO E 137 -8.19 4.29 4.29
CA PRO E 137 -9.05 4.98 3.33
C PRO E 137 -8.88 6.49 3.46
N ARG E 138 -9.16 7.19 2.36
CA ARG E 138 -9.07 8.64 2.43
C ARG E 138 -10.34 9.24 3.04
N GLY E 139 -10.20 10.47 3.53
CA GLY E 139 -11.30 11.22 4.06
C GLY E 139 -11.78 10.70 5.40
N PRO E 140 -13.04 10.99 5.73
CA PRO E 140 -13.58 10.56 7.04
C PRO E 140 -13.55 9.06 7.26
N ALA E 141 -13.61 8.27 6.19
CA ALA E 141 -13.55 6.82 6.34
C ALA E 141 -12.21 6.33 6.87
N GLY E 142 -11.18 7.18 6.87
CA GLY E 142 -9.89 6.85 7.43
C GLY E 142 -9.74 7.16 8.90
N ILE E 143 -10.67 7.93 9.47
CA ILE E 143 -10.66 8.14 10.91
C ILE E 143 -10.76 6.79 11.60
N HIS E 144 -9.83 6.53 12.52
CA HIS E 144 -9.59 5.16 12.99
C HIS E 144 -10.85 4.51 13.56
N TYR E 145 -11.66 5.26 14.32
CA TYR E 145 -12.86 4.66 14.89
C TYR E 145 -13.92 4.42 13.82
N VAL E 146 -13.97 5.27 12.80
CA VAL E 146 -14.91 5.04 11.69
C VAL E 146 -14.39 3.93 10.79
N TRP E 147 -13.07 3.91 10.56
CA TRP E 147 -12.44 2.81 9.84
C TRP E 147 -12.67 1.49 10.55
N TRP E 148 -12.66 1.51 11.89
CA TRP E 148 -12.91 0.31 12.67
C TRP E 148 -14.35 -0.16 12.51
N GLU E 149 -15.30 0.77 12.52
CA GLU E 149 -16.70 0.40 12.37
C GLU E 149 -16.98 -0.23 11.02
N ASP E 150 -16.29 0.23 9.98
CA ASP E 150 -16.59 -0.20 8.62
C ASP E 150 -16.01 -1.57 8.30
N THR E 151 -14.79 -1.87 8.76
CA THR E 151 -14.09 -3.07 8.35
C THR E 151 -14.09 -4.18 9.40
N VAL E 152 -14.43 -3.89 10.65
CA VAL E 152 -14.38 -4.90 11.69
C VAL E 152 -15.74 -5.07 12.35
N LEU E 153 -16.28 -3.98 12.90
CA LEU E 153 -17.51 -4.06 13.68
C LEU E 153 -18.68 -4.53 12.81
N LYS E 154 -18.97 -3.79 11.73
CA LYS E 154 -20.11 -4.15 10.90
C LYS E 154 -20.00 -5.53 10.26
N PRO E 155 -18.85 -5.96 9.72
CA PRO E 155 -18.77 -7.34 9.20
C PRO E 155 -19.07 -8.42 10.23
N VAL E 156 -18.68 -8.20 11.49
CA VAL E 156 -18.97 -9.19 12.52
C VAL E 156 -20.43 -9.11 12.94
N ALA E 157 -20.99 -7.90 13.00
CA ALA E 157 -22.39 -7.74 13.39
C ALA E 157 -23.36 -8.41 12.42
N ALA E 158 -22.92 -8.64 11.17
CA ALA E 158 -23.78 -9.30 10.19
C ALA E 158 -23.98 -10.78 10.49
N HIS E 159 -23.20 -11.37 11.39
CA HIS E 159 -23.33 -12.78 11.74
C HIS E 159 -23.82 -12.97 13.18
N VAL E 160 -24.58 -12.02 13.69
CA VAL E 160 -25.10 -12.05 15.06
C VAL E 160 -26.58 -11.67 15.03
N ALA E 161 -27.40 -12.44 15.75
CA ALA E 161 -28.84 -12.21 15.77
C ALA E 161 -29.16 -10.87 16.42
N GLU E 162 -30.25 -10.25 15.98
CA GLU E 162 -30.61 -8.93 16.48
C GLU E 162 -30.68 -8.88 18.01
N GLU E 163 -31.26 -9.91 18.63
CA GLU E 163 -31.34 -9.93 20.09
C GLU E 163 -29.96 -9.88 20.73
N ASP E 164 -29.00 -10.58 20.12
CA ASP E 164 -27.63 -10.62 20.62
C ASP E 164 -26.87 -9.34 20.26
N ARG E 165 -27.26 -8.67 19.17
CA ARG E 165 -26.61 -7.42 18.77
C ARG E 165 -26.79 -6.35 19.84
N GLN E 166 -28.01 -6.22 20.34
CA GLN E 166 -28.32 -5.20 21.34
C GLN E 166 -27.55 -5.43 22.62
N SER E 167 -27.38 -6.69 23.01
CA SER E 167 -26.65 -7.02 24.23
C SER E 167 -25.15 -6.80 24.08
N ALA E 168 -24.61 -6.96 22.88
CA ALA E 168 -23.19 -6.73 22.66
C ALA E 168 -22.81 -5.26 22.75
N ALA E 169 -23.78 -4.36 22.55
CA ALA E 169 -23.53 -2.92 22.56
C ALA E 169 -23.55 -2.32 23.96
N VAL E 170 -24.03 -3.04 24.96
CA VAL E 170 -24.07 -2.52 26.32
C VAL E 170 -22.67 -2.57 26.90
N LEU E 171 -22.12 -1.41 27.25
CA LEU E 171 -20.75 -1.33 27.73
C LEU E 171 -20.67 -1.73 29.20
N PRO E 172 -19.64 -2.50 29.58
CA PRO E 172 -19.45 -2.82 31.00
C PRO E 172 -19.08 -1.57 31.78
N ARG E 173 -19.31 -1.63 33.10
CA ARG E 173 -19.03 -0.48 33.94
C ARG E 173 -17.55 -0.12 33.95
N ALA E 174 -16.66 -1.10 33.79
CA ALA E 174 -15.24 -0.79 33.72
C ALA E 174 -14.91 0.01 32.46
N VAL E 175 -15.65 -0.20 31.38
CA VAL E 175 -15.41 0.57 30.15
C VAL E 175 -15.93 2.00 30.32
N THR E 176 -17.14 2.15 30.84
CA THR E 176 -17.68 3.49 31.05
C THR E 176 -16.89 4.24 32.11
N GLY E 177 -16.26 3.52 33.04
CA GLY E 177 -15.37 4.16 33.99
C GLY E 177 -14.13 4.74 33.33
N LEU E 178 -13.62 4.04 32.31
CA LEU E 178 -12.50 4.58 31.55
C LEU E 178 -12.94 5.78 30.72
N LEU E 179 -14.12 5.71 30.11
CA LEU E 179 -14.63 6.83 29.32
C LEU E 179 -14.86 8.06 30.19
N ASP E 180 -15.27 7.85 31.44
CA ASP E 180 -15.42 8.97 32.36
C ASP E 180 -14.07 9.56 32.74
N SER E 181 -13.04 8.71 32.87
CA SER E 181 -11.70 9.22 33.10
C SER E 181 -11.21 10.07 31.94
N MET E 182 -11.49 9.63 30.71
CA MET E 182 -11.11 10.41 29.54
C MET E 182 -11.81 11.77 29.53
N ASP E 183 -13.08 11.80 29.95
CA ASP E 183 -13.81 13.07 29.98
C ASP E 183 -13.20 14.04 30.98
N ARG E 184 -12.62 13.53 32.06
CA ARG E 184 -11.95 14.42 33.02
C ARG E 184 -10.62 14.92 32.46
N LEU E 185 -9.85 14.02 31.83
CA LEU E 185 -8.57 14.40 31.25
C LEU E 185 -8.72 15.33 30.05
N ALA E 186 -9.91 15.42 29.46
CA ALA E 186 -10.11 16.29 28.30
C ALA E 186 -9.88 17.77 28.64
N THR E 187 -10.04 18.15 29.90
CA THR E 187 -9.83 19.52 30.33
C THR E 187 -8.62 19.66 31.26
N HIS E 188 -7.85 18.59 31.45
CA HIS E 188 -6.67 18.65 32.31
C HIS E 188 -5.49 19.26 31.54
N PRO E 189 -4.73 20.16 32.17
CA PRO E 189 -3.59 20.79 31.46
C PRO E 189 -2.56 19.80 30.95
N LEU E 190 -2.53 18.57 31.48
CA LEU E 190 -1.62 17.54 31.02
C LEU E 190 -2.36 16.30 30.52
N GLY E 191 -3.68 16.38 30.40
CA GLY E 191 -4.48 15.21 30.03
C GLY E 191 -4.03 14.57 28.74
N ALA E 192 -3.80 15.38 27.70
CA ALA E 192 -3.40 14.84 26.40
C ALA E 192 -2.06 14.12 26.50
N ALA E 193 -1.14 14.64 27.32
CA ALA E 193 0.14 13.98 27.49
C ALA E 193 -0.02 12.67 28.26
N VAL E 194 -0.92 12.64 29.25
CA VAL E 194 -1.14 11.43 30.02
C VAL E 194 -1.74 10.33 29.15
N GLN E 195 -2.80 10.65 28.40
CA GLN E 195 -3.46 9.66 27.57
C GLN E 195 -2.51 9.10 26.51
N LEU E 196 -1.75 9.97 25.86
CA LEU E 196 -0.86 9.53 24.78
C LEU E 196 0.27 8.67 25.34
N ARG E 197 0.81 9.04 26.51
CA ARG E 197 1.91 8.28 27.09
C ARG E 197 1.49 6.85 27.43
N VAL E 198 0.25 6.65 27.87
CA VAL E 198 -0.19 5.33 28.27
C VAL E 198 -0.69 4.53 27.06
N VAL E 199 -1.61 5.11 26.29
CA VAL E 199 -2.27 4.36 25.22
C VAL E 199 -1.28 3.93 24.16
N GLU E 200 -0.37 4.82 23.77
CA GLU E 200 0.58 4.49 22.71
C GLU E 200 1.64 3.48 23.16
N ASP E 201 1.80 3.29 24.47
CA ASP E 201 2.72 2.28 24.98
C ASP E 201 2.09 0.89 24.96
N ILE E 202 0.77 0.81 25.05
CA ILE E 202 0.07 -0.48 25.10
C ILE E 202 -0.64 -0.81 23.80
N ALA E 203 -0.69 0.12 22.85
CA ALA E 203 -1.51 -0.08 21.65
C ALA E 203 -1.04 -1.26 20.82
N LEU E 204 0.27 -1.51 20.78
CA LEU E 204 0.79 -2.62 19.98
C LEU E 204 0.25 -3.96 20.49
N ASP E 205 0.31 -4.19 21.80
CA ASP E 205 -0.19 -5.45 22.35
C ASP E 205 -1.68 -5.59 22.13
N ILE E 206 -2.42 -4.48 22.16
CA ILE E 206 -3.85 -4.53 21.86
C ILE E 206 -4.07 -4.92 20.41
N ALA E 207 -3.31 -4.32 19.49
CA ALA E 207 -3.47 -4.64 18.07
C ALA E 207 -3.09 -6.09 17.78
N VAL E 208 -2.07 -6.61 18.45
CA VAL E 208 -1.71 -8.01 18.28
C VAL E 208 -2.83 -8.91 18.81
N GLY E 209 -3.44 -8.52 19.93
CA GLY E 209 -4.58 -9.25 20.44
C GLY E 209 -5.76 -9.28 19.47
N PHE E 210 -5.99 -8.16 18.78
CA PHE E 210 -7.07 -8.12 17.79
C PHE E 210 -6.77 -9.01 16.59
N ARG E 211 -5.52 -9.01 16.11
CA ARG E 211 -5.17 -9.87 14.98
C ARG E 211 -5.42 -11.34 15.29
N ARG E 212 -5.09 -11.76 16.50
CA ARG E 212 -5.27 -13.16 16.87
C ARG E 212 -6.74 -13.52 17.03
N LEU E 213 -7.50 -12.74 17.80
CA LEU E 213 -8.88 -13.11 18.08
C LEU E 213 -9.77 -13.00 16.84
N TYR E 214 -9.59 -11.97 16.02
CA TYR E 214 -10.45 -11.83 14.84
C TYR E 214 -10.10 -12.81 13.74
N ALA E 215 -8.92 -13.44 13.80
CA ALA E 215 -8.60 -14.49 12.84
C ALA E 215 -9.16 -15.83 13.28
N LYS E 216 -9.73 -15.90 14.49
CA LYS E 216 -10.30 -17.13 15.04
C LYS E 216 -11.79 -16.99 15.28
N VAL E 217 -12.46 -16.05 14.63
CA VAL E 217 -13.89 -15.88 14.82
C VAL E 217 -14.60 -16.98 14.03
N GLU E 218 -15.35 -17.79 14.75
CA GLU E 218 -15.95 -18.98 14.19
C GLU E 218 -17.35 -18.68 13.65
N VAL E 219 -17.57 -18.90 12.34
CA VAL E 219 -18.90 -18.68 11.74
C VAL E 219 -19.33 -19.88 10.90
N PRO E 220 -20.66 -20.16 10.78
CA PRO E 220 -21.24 -21.34 10.10
C PRO E 220 -20.60 -21.76 8.77
N LEU E 224 -15.05 -15.48 7.77
CA LEU E 224 -15.27 -14.08 8.09
C LEU E 224 -14.30 -13.14 7.37
N PHE E 225 -13.04 -13.17 7.81
CA PHE E 225 -12.00 -12.32 7.24
C PHE E 225 -11.03 -13.12 6.37
N ALA E 226 -11.53 -13.69 5.28
CA ALA E 226 -10.70 -14.54 4.44
C ALA E 226 -9.75 -13.72 3.56
N GLY E 227 -10.13 -12.50 3.21
CA GLY E 227 -9.28 -11.69 2.34
C GLY E 227 -7.94 -11.38 2.99
N ARG E 228 -6.90 -11.28 2.15
CA ARG E 228 -5.55 -10.97 2.64
C ARG E 228 -5.50 -9.62 3.35
N ASP E 229 -6.18 -8.61 2.81
CA ASP E 229 -6.13 -7.27 3.37
C ASP E 229 -7.44 -6.89 4.04
N ASP E 230 -8.14 -7.89 4.60
CA ASP E 230 -9.40 -7.64 5.29
C ASP E 230 -9.18 -7.11 6.71
N LEU E 231 -7.98 -7.31 7.27
CA LEU E 231 -7.67 -6.81 8.60
C LEU E 231 -6.60 -5.73 8.48
N ALA E 232 -6.75 -4.87 7.47
CA ALA E 232 -5.79 -3.80 7.23
C ALA E 232 -5.72 -2.84 8.40
N TRP E 233 -6.84 -2.59 9.07
CA TRP E 233 -6.84 -1.76 10.27
C TRP E 233 -5.87 -2.31 11.31
N VAL E 234 -5.94 -3.61 11.55
CA VAL E 234 -5.12 -4.23 12.59
C VAL E 234 -3.66 -4.32 12.16
N ASP E 235 -3.40 -4.75 10.92
CA ASP E 235 -2.02 -4.95 10.46
C ASP E 235 -1.24 -3.64 10.43
N SER E 236 -1.86 -2.57 9.91
CA SER E 236 -1.18 -1.28 9.84
C SER E 236 -0.93 -0.71 11.24
N HIS E 237 -1.85 -0.96 12.18
CA HIS E 237 -1.60 -0.52 13.55
C HIS E 237 -0.43 -1.26 14.17
N ILE E 238 -0.24 -2.54 13.83
CA ILE E 238 0.88 -3.30 14.40
C ILE E 238 2.21 -2.69 13.96
N LYS E 239 2.28 -2.22 12.72
CA LYS E 239 3.48 -1.59 12.20
C LYS E 239 3.68 -0.19 12.81
N ALA E 240 2.61 0.59 12.92
CA ALA E 240 2.73 1.99 13.32
C ALA E 240 2.86 2.20 14.82
N GLU E 241 2.35 1.29 15.64
CA GLU E 241 2.28 1.55 17.07
C GLU E 241 3.61 1.40 17.79
N THR E 242 4.60 0.76 17.18
CA THR E 242 5.91 0.68 17.83
C THR E 242 6.68 1.99 17.71
N MET E 243 6.47 2.74 16.63
CA MET E 243 7.05 4.07 16.52
C MET E 243 6.26 5.11 17.30
N HIS E 244 4.95 4.92 17.46
CA HIS E 244 4.19 5.76 18.38
C HIS E 244 4.70 5.61 19.81
N ALA E 245 5.00 4.36 20.20
CA ALA E 245 5.49 4.11 21.56
C ALA E 245 6.85 4.76 21.79
N ALA E 246 7.73 4.73 20.78
CA ALA E 246 9.01 5.41 20.91
C ALA E 246 8.83 6.92 20.94
N GLN E 247 7.88 7.44 20.17
CA GLN E 247 7.67 8.88 20.11
C GLN E 247 7.18 9.44 21.44
N VAL E 248 6.26 8.74 22.11
CA VAL E 248 5.68 9.27 23.35
C VAL E 248 6.62 9.10 24.54
N SER E 249 7.61 8.22 24.45
CA SER E 249 8.55 8.01 25.54
C SER E 249 9.95 8.57 25.23
N ASP E 250 10.08 9.32 24.14
CA ASP E 250 11.37 9.90 23.78
C ASP E 250 11.86 10.83 24.87
N GLU E 251 13.17 10.79 25.13
CA GLU E 251 13.73 11.53 26.26
C GLU E 251 13.69 13.04 26.01
N ASP E 252 13.72 13.46 24.76
CA ASP E 252 13.75 14.88 24.41
C ASP E 252 12.43 15.42 23.89
N THR E 253 11.61 14.60 23.22
CA THR E 253 10.36 15.07 22.64
C THR E 253 9.16 14.24 23.09
N GLY E 254 9.31 13.45 24.15
CA GLY E 254 8.24 12.62 24.64
C GLY E 254 7.27 13.38 25.53
N MET E 255 6.25 12.64 25.98
CA MET E 255 5.16 13.24 26.74
C MET E 255 5.62 13.86 28.06
N THR E 256 6.57 13.21 28.74
CA THR E 256 6.99 13.74 30.04
C THR E 256 7.79 15.03 29.94
N ARG E 257 8.22 15.43 28.75
CA ARG E 257 8.90 16.71 28.59
C ARG E 257 7.94 17.89 28.58
N LEU E 258 6.63 17.65 28.64
CA LEU E 258 5.65 18.70 28.85
C LEU E 258 5.48 19.04 30.32
N VAL E 259 6.18 18.35 31.21
CA VAL E 259 6.13 18.60 32.65
C VAL E 259 7.20 19.63 33.00
N ALA E 260 6.77 20.76 33.56
CA ALA E 260 7.67 21.90 33.74
C ALA E 260 8.32 21.96 35.12
N ASP E 261 7.62 21.52 36.17
CA ASP E 261 8.21 21.53 37.51
C ASP E 261 7.98 20.20 38.22
N ARG E 262 8.17 20.17 39.54
CA ARG E 262 7.93 18.97 40.31
C ARG E 262 6.47 18.83 40.75
N GLU E 263 5.74 19.95 40.85
CA GLU E 263 4.33 19.86 41.17
C GLU E 263 3.55 19.24 40.01
N GLN E 264 3.96 19.54 38.78
CA GLN E 264 3.36 18.91 37.61
C GLN E 264 3.84 17.46 37.45
N ALA E 265 5.07 17.17 37.88
CA ALA E 265 5.57 15.80 37.79
C ALA E 265 4.82 14.85 38.69
N GLU E 266 4.49 15.28 39.91
CA GLU E 266 3.71 14.42 40.80
C GLU E 266 2.27 14.31 40.35
N GLU E 267 1.70 15.38 39.78
CA GLU E 267 0.35 15.29 39.23
C GLU E 267 0.33 14.40 37.99
N PHE E 268 1.40 14.45 37.19
CA PHE E 268 1.47 13.58 36.01
C PHE E 268 1.48 12.11 36.42
N LEU E 269 2.21 11.79 37.49
CA LEU E 269 2.28 10.40 37.95
C LEU E 269 0.96 9.95 38.56
N THR E 270 0.28 10.85 39.29
CA THR E 270 -1.03 10.51 39.84
C THR E 270 -2.03 10.23 38.74
N ALA E 271 -2.04 11.06 37.69
CA ALA E 271 -2.96 10.85 36.58
C ALA E 271 -2.64 9.57 35.83
N VAL E 272 -1.35 9.25 35.66
CA VAL E 272 -0.97 8.03 34.95
C VAL E 272 -1.43 6.79 35.72
N ARG E 273 -1.26 6.81 37.03
CA ARG E 273 -1.69 5.67 37.85
C ARG E 273 -3.19 5.45 37.74
N GLU E 274 -3.97 6.52 37.87
CA GLU E 274 -5.42 6.41 37.78
C GLU E 274 -5.87 6.01 36.39
N TYR E 275 -5.25 6.60 35.36
CA TYR E 275 -5.65 6.33 33.98
C TYR E 275 -5.29 4.91 33.57
N ALA E 276 -4.09 4.45 33.93
CA ALA E 276 -3.67 3.10 33.58
C ALA E 276 -4.52 2.04 34.27
N ALA E 277 -4.97 2.31 35.49
CA ALA E 277 -5.83 1.35 36.18
C ALA E 277 -7.17 1.19 35.46
N HIS E 278 -7.72 2.29 34.95
CA HIS E 278 -8.97 2.21 34.20
C HIS E 278 -8.79 1.45 32.89
N TRP E 279 -7.64 1.64 32.23
CA TRP E 279 -7.38 0.93 30.99
C TRP E 279 -7.20 -0.57 31.23
N SER E 280 -6.53 -0.94 32.33
CA SER E 280 -6.35 -2.35 32.66
C SER E 280 -7.70 -3.03 32.91
N ALA E 281 -8.55 -2.38 33.71
CA ALA E 281 -9.87 -2.94 34.01
C ALA E 281 -10.71 -3.09 32.75
N ALA E 282 -10.67 -2.07 31.88
CA ALA E 282 -11.45 -2.12 30.64
C ALA E 282 -11.01 -3.27 29.74
N LEU E 283 -9.69 -3.48 29.61
CA LEU E 283 -9.20 -4.56 28.77
C LEU E 283 -9.47 -5.93 29.35
N GLU E 284 -9.58 -6.05 30.68
CA GLU E 284 -9.94 -7.34 31.24
C GLU E 284 -11.36 -7.77 30.85
N THR E 285 -12.27 -6.83 30.64
CA THR E 285 -13.61 -7.20 30.18
C THR E 285 -13.54 -7.85 28.80
N TYR E 286 -12.51 -7.53 28.02
CA TYR E 286 -12.31 -8.20 26.75
C TYR E 286 -12.00 -9.67 26.97
N ALA E 287 -11.17 -9.97 27.98
CA ALA E 287 -10.86 -11.35 28.32
C ALA E 287 -12.07 -12.07 28.87
N GLN E 288 -12.86 -11.38 29.71
CA GLN E 288 -14.06 -11.97 30.27
C GLN E 288 -15.06 -12.31 29.16
N ALA E 289 -15.20 -11.42 28.17
CA ALA E 289 -16.10 -11.68 27.05
C ALA E 289 -15.62 -12.85 26.20
N LEU E 290 -14.30 -13.06 26.12
CA LEU E 290 -13.76 -14.18 25.36
C LEU E 290 -14.08 -15.50 26.05
N ARG E 291 -14.01 -15.53 27.38
CA ARG E 291 -14.31 -16.74 28.14
C ARG E 291 -15.78 -17.10 28.03
N ASP E 292 -16.66 -16.11 28.24
CA ASP E 292 -18.09 -16.36 28.26
C ASP E 292 -18.67 -16.58 26.86
N GLY E 293 -18.04 -16.01 25.83
CA GLY E 293 -18.56 -16.12 24.48
C GLY E 293 -19.62 -15.12 24.11
N HIS E 294 -19.85 -14.11 24.96
CA HIS E 294 -20.85 -13.06 24.74
C HIS E 294 -20.54 -11.92 25.71
N ALA E 295 -21.28 -10.84 25.59
CA ALA E 295 -21.11 -9.66 26.45
C ALA E 295 -21.36 -10.01 27.91
N GLN F 34 -25.06 27.54 0.63
CA GLN F 34 -24.13 28.53 0.12
C GLN F 34 -24.58 29.93 0.46
N ASP F 35 -25.78 29.97 1.05
CA ASP F 35 -26.30 31.21 1.55
C ASP F 35 -25.30 31.76 2.56
N LEU F 36 -24.69 30.86 3.33
CA LEU F 36 -23.68 31.22 4.33
C LEU F 36 -22.33 31.60 3.71
N ASP F 37 -21.80 30.74 2.83
CA ASP F 37 -20.47 30.97 2.27
C ASP F 37 -20.41 32.21 1.38
N ALA F 38 -21.49 32.51 0.65
CA ALA F 38 -21.48 33.72 -0.15
C ALA F 38 -21.51 34.97 0.74
N ARG F 39 -22.30 34.96 1.83
CA ARG F 39 -22.27 36.08 2.78
C ARG F 39 -20.95 36.18 3.51
N VAL F 40 -20.31 35.06 3.78
CA VAL F 40 -19.03 35.13 4.45
C VAL F 40 -18.08 35.98 3.62
N GLY F 41 -18.08 35.75 2.30
CA GLY F 41 -17.30 36.58 1.41
C GLY F 41 -17.74 38.03 1.42
N LYS F 42 -19.04 38.28 1.60
CA LYS F 42 -19.54 39.66 1.60
C LYS F 42 -19.04 40.43 2.80
N GLU F 43 -19.02 39.79 3.96
CA GLU F 43 -18.57 40.41 5.20
C GLU F 43 -17.06 40.69 5.16
N ILE F 44 -16.29 39.81 4.50
CA ILE F 44 -14.85 40.04 4.33
C ILE F 44 -14.60 41.18 3.35
N ASP F 45 -15.36 41.22 2.24
CA ASP F 45 -15.21 42.31 1.29
C ASP F 45 -15.60 43.63 1.94
N ALA F 46 -16.72 43.64 2.67
CA ALA F 46 -17.23 44.85 3.29
C ALA F 46 -16.36 45.34 4.43
N ALA F 47 -15.42 44.52 4.88
CA ALA F 47 -14.46 44.92 5.90
C ALA F 47 -13.18 45.48 5.29
N ARG F 48 -13.15 45.64 3.96
CA ARG F 48 -11.97 46.13 3.24
C ARG F 48 -10.74 45.29 3.59
N LEU F 49 -10.87 43.98 3.44
CA LEU F 49 -9.81 43.03 3.66
C LEU F 49 -9.24 42.47 2.35
N ARG F 50 -9.85 42.79 1.21
CA ARG F 50 -9.35 42.29 -0.05
C ARG F 50 -8.11 43.04 -0.50
N ARG F 51 -7.47 42.48 -1.53
CA ARG F 51 -6.18 42.95 -2.03
C ARG F 51 -6.17 44.46 -2.30
N ALA F 52 -7.24 44.99 -2.88
CA ALA F 52 -7.24 46.37 -3.33
C ALA F 52 -7.85 47.36 -2.33
N ASP F 53 -8.32 46.89 -1.18
CA ASP F 53 -9.04 47.76 -0.25
C ASP F 53 -8.31 48.02 1.07
N ASN F 54 -7.48 47.10 1.55
CA ASN F 54 -6.84 47.30 2.84
C ASN F 54 -5.63 48.21 2.67
N ALA F 55 -5.47 49.16 3.61
CA ALA F 55 -4.43 50.17 3.48
C ALA F 55 -3.04 49.55 3.49
N PHE F 56 -2.83 48.48 4.27
CA PHE F 56 -1.50 47.87 4.33
C PHE F 56 -1.07 47.36 2.96
N PHE F 57 -1.96 46.66 2.27
CA PHE F 57 -1.64 46.14 0.94
C PHE F 57 -1.32 47.29 -0.03
N GLY F 58 -2.06 48.40 0.09
CA GLY F 58 -1.78 49.55 -0.75
C GLY F 58 -0.48 50.24 -0.38
N GLU F 59 -0.23 50.42 0.92
CA GLU F 59 0.99 51.11 1.34
C GLU F 59 2.23 50.31 0.98
N ALA F 60 2.14 48.98 1.02
CA ALA F 60 3.26 48.11 0.66
C ALA F 60 3.48 48.08 -0.85
N ARG F 61 2.40 48.23 -1.62
CA ARG F 61 2.46 48.15 -3.08
C ARG F 61 3.18 49.33 -3.70
N LYS F 62 3.46 50.37 -2.92
CA LYS F 62 4.09 51.56 -3.48
C LYS F 62 5.57 51.35 -3.75
N ALA F 63 6.16 50.30 -3.17
CA ALA F 63 7.56 49.93 -3.42
C ALA F 63 8.52 51.02 -2.98
N GLU F 64 8.20 51.65 -1.87
CA GLU F 64 9.02 52.71 -1.32
C GLU F 64 10.09 52.09 -0.43
N SER F 65 10.93 52.93 0.16
CA SER F 65 11.93 52.46 1.12
C SER F 65 11.26 52.38 2.49
N VAL F 66 11.72 51.44 3.30
CA VAL F 66 11.17 51.22 4.63
C VAL F 66 12.30 51.34 5.65
N THR F 67 12.04 52.08 6.72
CA THR F 67 13.03 52.22 7.78
C THR F 67 13.02 50.99 8.67
N PRO F 68 14.15 50.65 9.29
CA PRO F 68 14.17 49.49 10.19
C PRO F 68 13.21 49.61 11.35
N GLU F 69 12.94 50.82 11.83
CA GLU F 69 11.99 51.00 12.92
C GLU F 69 10.58 50.61 12.49
N ALA F 70 10.17 51.00 11.27
CA ALA F 70 8.86 50.60 10.79
C ALA F 70 8.79 49.08 10.56
N ALA F 71 9.85 48.50 10.01
CA ALA F 71 9.87 47.06 9.80
C ALA F 71 9.88 46.30 11.13
N LEU F 72 10.54 46.85 12.14
CA LEU F 72 10.59 46.17 13.44
C LEU F 72 9.24 46.25 14.16
N ALA F 73 8.56 47.39 14.04
CA ALA F 73 7.24 47.50 14.66
C ALA F 73 6.27 46.50 14.05
N ILE F 74 6.28 46.36 12.73
CA ILE F 74 5.41 45.40 12.07
C ILE F 74 5.80 43.97 12.43
N ALA F 75 7.10 43.71 12.58
CA ALA F 75 7.53 42.35 12.92
C ALA F 75 7.09 41.96 14.32
N HIS F 76 7.00 42.92 15.24
CA HIS F 76 6.50 42.62 16.58
C HIS F 76 4.99 42.39 16.55
N ARG F 77 4.27 43.18 15.76
CA ARG F 77 2.82 43.00 15.67
C ARG F 77 2.47 41.69 14.99
N TRP F 78 3.19 41.34 13.93
CA TRP F 78 2.92 40.06 13.28
C TRP F 78 3.25 38.89 14.20
N ARG F 79 4.31 39.03 15.00
CA ARG F 79 4.67 37.96 15.94
C ARG F 79 3.53 37.69 16.91
N ALA F 80 2.95 38.74 17.50
CA ALA F 80 1.88 38.54 18.45
C ALA F 80 0.62 38.00 17.76
N MET F 81 0.31 38.51 16.56
CA MET F 81 -0.92 38.12 15.88
C MET F 81 -0.85 36.69 15.34
N THR F 82 0.30 36.31 14.77
CA THR F 82 0.42 34.96 14.23
C THR F 82 0.56 33.91 15.34
N LYS F 83 1.22 34.27 16.45
CA LYS F 83 1.33 33.36 17.57
C LYS F 83 -0.03 33.10 18.22
N ALA F 84 -0.82 34.16 18.42
CA ALA F 84 -2.14 34.00 19.00
C ALA F 84 -3.07 33.26 18.04
N PHE F 85 -2.94 33.52 16.74
CA PHE F 85 -3.76 32.83 15.75
C PHE F 85 -3.60 31.32 15.86
N MET F 86 -2.35 30.84 15.92
CA MET F 86 -2.11 29.41 16.00
C MET F 86 -2.69 28.82 17.28
N PHE F 87 -2.34 29.38 18.43
CA PHE F 87 -2.72 28.78 19.71
C PHE F 87 -4.23 28.88 19.96
N THR F 88 -4.84 30.03 19.66
CA THR F 88 -6.27 30.16 19.90
C THR F 88 -7.10 29.32 18.93
N THR F 89 -6.58 29.08 17.74
CA THR F 89 -7.27 28.17 16.81
C THR F 89 -7.14 26.73 17.26
N LEU F 90 -5.94 26.33 17.73
CA LEU F 90 -5.78 24.99 18.27
C LEU F 90 -6.67 24.79 19.48
N SER F 91 -6.85 25.83 20.30
CA SER F 91 -7.76 25.73 21.43
C SER F 91 -9.20 25.57 20.95
N GLY F 92 -9.58 26.31 19.90
CA GLY F 92 -10.91 26.13 19.34
C GLY F 92 -11.10 24.77 18.70
N LEU F 93 -10.04 24.22 18.11
CA LEU F 93 -10.10 22.87 17.57
C LEU F 93 -10.39 21.84 18.65
N GLY F 94 -9.75 21.99 19.81
CA GLY F 94 -10.02 21.07 20.91
C GLY F 94 -11.43 21.22 21.43
N VAL F 95 -11.95 22.45 21.45
CA VAL F 95 -13.32 22.68 21.89
C VAL F 95 -14.30 22.00 20.95
N MET F 96 -14.02 22.01 19.65
CA MET F 96 -14.86 21.27 18.70
C MET F 96 -14.80 19.77 18.96
N ALA F 97 -13.61 19.25 19.26
CA ALA F 97 -13.46 17.81 19.49
C ALA F 97 -14.25 17.37 20.71
N ARG F 98 -14.31 18.23 21.74
CA ARG F 98 -15.07 17.89 22.93
C ARG F 98 -16.56 17.81 22.62
N ARG F 99 -17.03 18.66 21.70
CA ARG F 99 -18.43 18.62 21.27
C ARG F 99 -18.72 17.35 20.50
N PHE F 100 -17.80 16.93 19.62
CA PHE F 100 -18.00 15.70 18.86
C PHE F 100 -18.08 14.48 19.77
N GLN F 101 -17.32 14.48 20.86
CA GLN F 101 -17.37 13.35 21.79
C GLN F 101 -18.71 13.25 22.49
N GLY F 102 -19.47 14.35 22.57
CA GLY F 102 -20.81 14.32 23.12
C GLY F 102 -21.87 13.77 22.19
N GLN F 103 -21.49 13.44 20.96
CA GLN F 103 -22.39 12.85 19.97
C GLN F 103 -22.06 11.36 19.81
N ASP F 104 -23.11 10.55 19.64
CA ASP F 104 -22.91 9.11 19.51
C ASP F 104 -22.19 8.76 18.22
N ALA F 105 -22.58 9.40 17.12
CA ALA F 105 -21.96 9.16 15.80
C ALA F 105 -21.91 10.47 15.07
N PRO F 106 -20.83 11.25 15.24
CA PRO F 106 -20.71 12.52 14.53
C PRO F 106 -20.86 12.37 13.02
N ASP F 107 -21.53 13.35 12.41
CA ASP F 107 -21.76 13.34 10.97
C ASP F 107 -20.42 13.32 10.23
N HIS F 108 -20.29 12.39 9.27
CA HIS F 108 -19.02 12.22 8.55
C HIS F 108 -18.59 13.48 7.83
N GLU F 109 -19.55 14.27 7.32
CA GLU F 109 -19.20 15.49 6.62
C GLU F 109 -18.63 16.56 7.54
N LEU F 110 -19.11 16.65 8.78
CA LEU F 110 -18.46 17.57 9.72
C LEU F 110 -17.04 17.09 10.03
N LEU F 111 -16.85 15.77 10.09
CA LEU F 111 -15.52 15.22 10.32
C LEU F 111 -14.59 15.51 9.15
N ALA F 112 -15.10 15.52 7.92
CA ALA F 112 -14.26 15.82 6.76
C ALA F 112 -13.71 17.24 6.84
N ALA F 113 -14.56 18.19 7.23
CA ALA F 113 -14.10 19.56 7.42
C ALA F 113 -13.27 19.71 8.69
N PHE F 114 -13.61 18.93 9.73
CA PHE F 114 -12.80 18.92 10.94
C PHE F 114 -11.40 18.42 10.64
N GLN F 115 -11.28 17.47 9.71
CA GLN F 115 -9.96 17.04 9.25
C GLN F 115 -9.23 18.19 8.57
N THR F 116 -9.96 19.01 7.79
CA THR F 116 -9.34 20.15 7.11
C THR F 116 -8.78 21.15 8.13
N VAL F 117 -9.55 21.47 9.17
CA VAL F 117 -9.09 22.38 10.20
C VAL F 117 -7.77 21.89 10.78
N TYR F 118 -7.71 20.60 11.13
CA TYR F 118 -6.53 20.05 11.77
C TYR F 118 -5.32 20.14 10.84
N GLN F 119 -5.54 19.90 9.54
CA GLN F 119 -4.43 19.90 8.59
C GLN F 119 -3.92 21.30 8.32
N VAL F 120 -4.84 22.27 8.16
CA VAL F 120 -4.43 23.62 7.77
C VAL F 120 -3.68 24.30 8.90
N ILE F 121 -4.25 24.32 10.10
CA ILE F 121 -3.59 24.98 11.22
C ILE F 121 -2.31 24.25 11.60
N GLY F 122 -2.24 22.94 11.34
CA GLY F 122 -1.05 22.18 11.68
C GLY F 122 0.19 22.63 10.93
N ASP F 123 0.02 23.21 9.73
CA ASP F 123 1.16 23.67 8.96
C ASP F 123 1.97 24.69 9.73
N ASP F 124 1.30 25.55 10.50
CA ASP F 124 2.00 26.52 11.34
C ASP F 124 2.78 25.83 12.45
N LEU F 125 2.50 24.56 12.72
CA LEU F 125 3.12 23.83 13.82
C LEU F 125 4.13 22.78 13.37
N ASP F 126 3.91 22.10 12.24
CA ASP F 126 4.81 21.04 11.82
C ASP F 126 5.34 21.19 10.39
N ASN F 127 4.85 22.17 9.63
CA ASN F 127 5.34 22.43 8.26
C ASN F 127 5.18 21.19 7.38
N ALA F 128 3.99 20.60 7.39
CA ALA F 128 3.72 19.41 6.59
C ALA F 128 3.53 19.75 5.12
N ALA F 129 2.94 20.90 4.82
CA ALA F 129 2.68 21.27 3.44
C ALA F 129 3.97 21.27 2.63
N PRO F 130 3.93 20.87 1.36
CA PRO F 130 5.16 20.79 0.56
C PRO F 130 5.96 22.07 0.50
N ALA F 131 5.31 23.22 0.33
CA ALA F 131 6.04 24.48 0.26
C ALA F 131 6.81 24.76 1.54
N PHE F 132 6.28 24.33 2.69
CA PHE F 132 6.97 24.55 3.95
C PHE F 132 8.02 23.48 4.23
N ARG F 133 7.70 22.22 3.90
CA ARG F 133 8.58 21.10 4.23
C ARG F 133 9.97 21.28 3.65
N GLU F 134 10.06 21.90 2.48
CA GLU F 134 11.31 22.00 1.74
C GLU F 134 12.27 23.00 2.37
N VAL F 135 11.74 24.06 3.00
CA VAL F 135 12.57 25.15 3.49
C VAL F 135 12.52 25.33 5.02
N ALA F 136 11.53 24.77 5.71
CA ALA F 136 11.31 25.09 7.11
C ALA F 136 12.37 24.47 8.03
N PRO F 137 12.69 25.13 9.15
CA PRO F 137 13.61 24.54 10.13
C PRO F 137 12.99 23.34 10.84
N ARG F 138 13.86 22.48 11.36
CA ARG F 138 13.38 21.34 12.13
C ARG F 138 13.08 21.76 13.57
N GLY F 139 12.20 20.99 14.22
CA GLY F 139 11.87 21.20 15.61
C GLY F 139 11.07 22.46 15.87
N PRO F 140 11.12 22.94 17.13
CA PRO F 140 10.35 24.15 17.47
C PRO F 140 10.77 25.37 16.67
N ALA F 141 11.99 25.41 16.15
CA ALA F 141 12.43 26.55 15.35
C ALA F 141 11.63 26.67 14.06
N GLY F 142 10.87 25.65 13.67
CA GLY F 142 10.01 25.70 12.51
C GLY F 142 8.62 26.20 12.77
N ILE F 143 8.20 26.31 14.04
CA ILE F 143 6.92 26.91 14.36
C ILE F 143 6.91 28.35 13.85
N HIS F 144 5.87 28.67 13.08
CA HIS F 144 5.90 29.87 12.24
C HIS F 144 6.18 31.14 13.02
N TYR F 145 5.63 31.29 14.23
CA TYR F 145 5.91 32.51 14.97
C TYR F 145 7.34 32.54 15.50
N VAL F 146 7.91 31.37 15.82
CA VAL F 146 9.32 31.31 16.21
C VAL F 146 10.21 31.44 14.98
N TRP F 147 9.82 30.79 13.89
CA TRP F 147 10.53 30.95 12.63
C TRP F 147 10.56 32.41 12.20
N TRP F 148 9.47 33.14 12.48
CA TRP F 148 9.42 34.57 12.17
C TRP F 148 10.36 35.36 13.07
N GLU F 149 10.40 35.02 14.36
CA GLU F 149 11.25 35.75 15.30
C GLU F 149 12.73 35.60 14.97
N ASP F 150 13.12 34.41 14.51
CA ASP F 150 14.54 34.14 14.30
C ASP F 150 15.05 34.72 13.00
N THR F 151 14.26 34.66 11.93
CA THR F 151 14.73 35.02 10.60
C THR F 151 14.26 36.38 10.14
N VAL F 152 13.28 37.00 10.81
CA VAL F 152 12.78 38.29 10.36
C VAL F 152 12.92 39.34 11.45
N LEU F 153 12.31 39.09 12.62
CA LEU F 153 12.27 40.10 13.67
C LEU F 153 13.67 40.41 14.19
N LYS F 154 14.38 39.41 14.73
CA LYS F 154 15.69 39.68 15.30
C LYS F 154 16.71 40.19 14.30
N PRO F 155 16.80 39.70 13.05
CA PRO F 155 17.72 40.33 12.10
C PRO F 155 17.45 41.80 11.89
N VAL F 156 16.17 42.22 11.91
CA VAL F 156 15.85 43.64 11.75
C VAL F 156 16.14 44.41 13.03
N ALA F 157 15.89 43.79 14.19
CA ALA F 157 16.13 44.45 15.47
C ALA F 157 17.60 44.79 15.68
N ALA F 158 18.51 44.11 14.99
CA ALA F 158 19.94 44.40 15.12
C ALA F 158 20.32 45.74 14.52
N HIS F 159 19.44 46.38 13.75
CA HIS F 159 19.71 47.67 13.14
C HIS F 159 18.83 48.77 13.73
N VAL F 160 18.43 48.62 15.00
CA VAL F 160 17.55 49.57 15.67
C VAL F 160 18.18 49.89 17.02
N ALA F 161 18.19 51.17 17.37
CA ALA F 161 18.79 51.62 18.61
C ALA F 161 18.05 51.05 19.82
N GLU F 162 18.78 50.92 20.93
CA GLU F 162 18.24 50.28 22.13
C GLU F 162 16.90 50.88 22.52
N GLU F 163 16.84 52.21 22.60
CA GLU F 163 15.61 52.88 22.99
C GLU F 163 14.50 52.69 21.96
N ASP F 164 14.85 52.66 20.68
CA ASP F 164 13.83 52.52 19.64
C ASP F 164 13.26 51.09 19.57
N ARG F 165 14.01 50.09 20.03
CA ARG F 165 13.47 48.72 20.01
C ARG F 165 12.27 48.56 20.94
N GLN F 166 12.34 49.11 22.17
CA GLN F 166 11.19 48.99 23.08
C GLN F 166 9.98 49.74 22.55
N SER F 167 10.20 50.88 21.88
CA SER F 167 9.07 51.60 21.32
C SER F 167 8.46 50.84 20.14
N ALA F 168 9.27 50.05 19.43
CA ALA F 168 8.75 49.22 18.36
C ALA F 168 7.93 48.04 18.88
N ALA F 169 8.15 47.61 20.12
CA ALA F 169 7.47 46.44 20.65
C ALA F 169 6.11 46.72 21.27
N VAL F 170 5.78 47.97 21.57
CA VAL F 170 4.49 48.28 22.17
C VAL F 170 3.41 48.21 21.09
N LEU F 171 2.44 47.32 21.27
CA LEU F 171 1.38 47.04 20.31
C LEU F 171 0.30 48.12 20.36
N PRO F 172 -0.21 48.56 19.21
CA PRO F 172 -1.34 49.48 19.21
C PRO F 172 -2.61 48.81 19.71
N ARG F 173 -3.56 49.64 20.15
CA ARG F 173 -4.83 49.11 20.66
C ARG F 173 -5.60 48.35 19.58
N ALA F 174 -5.46 48.74 18.32
CA ALA F 174 -6.12 47.99 17.25
C ALA F 174 -5.56 46.58 17.15
N VAL F 175 -4.29 46.39 17.46
CA VAL F 175 -3.69 45.06 17.41
C VAL F 175 -4.16 44.23 18.62
N THR F 176 -4.13 44.83 19.81
CA THR F 176 -4.58 44.12 21.00
C THR F 176 -6.07 43.83 20.96
N GLY F 177 -6.84 44.64 20.23
CA GLY F 177 -8.25 44.32 20.05
C GLY F 177 -8.47 43.05 19.25
N LEU F 178 -7.61 42.81 18.26
CA LEU F 178 -7.68 41.55 17.52
C LEU F 178 -7.24 40.38 18.40
N LEU F 179 -6.19 40.57 19.19
CA LEU F 179 -5.74 39.50 20.09
C LEU F 179 -6.82 39.16 21.12
N ASP F 180 -7.57 40.17 21.57
CA ASP F 180 -8.66 39.89 22.51
C ASP F 180 -9.79 39.14 21.81
N SER F 181 -10.05 39.45 20.53
CA SER F 181 -11.03 38.69 19.78
C SER F 181 -10.59 37.24 19.63
N MET F 182 -9.31 37.02 19.35
CA MET F 182 -8.81 35.65 19.22
C MET F 182 -8.94 34.91 20.54
N ASP F 183 -8.70 35.59 21.66
CA ASP F 183 -8.83 34.96 22.96
C ASP F 183 -10.27 34.55 23.25
N ARG F 184 -11.25 35.29 22.73
CA ARG F 184 -12.64 34.90 22.94
C ARG F 184 -13.03 33.72 22.06
N LEU F 185 -12.63 33.75 20.79
CA LEU F 185 -12.93 32.65 19.88
C LEU F 185 -12.17 31.37 20.25
N ALA F 186 -11.14 31.47 21.09
CA ALA F 186 -10.38 30.28 21.47
C ALA F 186 -11.24 29.26 22.19
N THR F 187 -12.33 29.70 22.83
CA THR F 187 -13.25 28.81 23.51
C THR F 187 -14.60 28.77 22.80
N HIS F 188 -14.72 29.40 21.65
CA HIS F 188 -15.97 29.43 20.90
C HIS F 188 -16.14 28.13 20.12
N PRO F 189 -17.35 27.57 20.11
CA PRO F 189 -17.57 26.29 19.40
C PRO F 189 -17.26 26.33 17.92
N LEU F 190 -17.24 27.51 17.30
CA LEU F 190 -16.87 27.64 15.89
C LEU F 190 -15.70 28.62 15.71
N GLY F 191 -15.06 29.04 16.79
CA GLY F 191 -13.97 30.01 16.68
C GLY F 191 -12.90 29.55 15.71
N ALA F 192 -12.52 28.28 15.81
CA ALA F 192 -11.50 27.75 14.90
C ALA F 192 -11.97 27.82 13.45
N ALA F 193 -13.26 27.59 13.22
CA ALA F 193 -13.79 27.70 11.87
C ALA F 193 -13.84 29.16 11.40
N VAL F 194 -14.15 30.08 12.32
CA VAL F 194 -14.19 31.49 11.97
C VAL F 194 -12.81 32.01 11.60
N GLN F 195 -11.81 31.73 12.45
CA GLN F 195 -10.47 32.23 12.20
C GLN F 195 -9.90 31.72 10.89
N LEU F 196 -10.07 30.42 10.60
CA LEU F 196 -9.50 29.85 9.38
C LEU F 196 -10.16 30.42 8.13
N ARG F 197 -11.48 30.60 8.17
CA ARG F 197 -12.17 31.11 6.99
C ARG F 197 -11.70 32.51 6.63
N VAL F 198 -11.40 33.34 7.64
CA VAL F 198 -11.00 34.71 7.38
C VAL F 198 -9.49 34.79 7.12
N VAL F 199 -8.68 34.22 8.03
CA VAL F 199 -7.23 34.40 7.94
C VAL F 199 -6.67 33.77 6.68
N GLU F 200 -7.11 32.56 6.34
CA GLU F 200 -6.58 31.88 5.17
C GLU F 200 -7.05 32.50 3.85
N ASP F 201 -8.08 33.34 3.88
CA ASP F 201 -8.53 34.03 2.68
C ASP F 201 -7.65 35.25 2.39
N ILE F 202 -7.06 35.83 3.44
CA ILE F 202 -6.23 37.03 3.31
C ILE F 202 -4.74 36.73 3.48
N ALA F 203 -4.37 35.50 3.83
CA ALA F 203 -2.98 35.22 4.20
C ALA F 203 -2.03 35.47 3.03
N LEU F 204 -2.45 35.17 1.80
CA LEU F 204 -1.58 35.40 0.66
C LEU F 204 -1.25 36.88 0.50
N ASP F 205 -2.28 37.74 0.58
CA ASP F 205 -2.06 39.17 0.42
C ASP F 205 -1.14 39.73 1.49
N ILE F 206 -1.21 39.19 2.72
CA ILE F 206 -0.32 39.62 3.78
C ILE F 206 1.12 39.22 3.46
N ALA F 207 1.32 37.98 3.03
CA ALA F 207 2.68 37.52 2.72
C ALA F 207 3.29 38.29 1.56
N VAL F 208 2.47 38.63 0.57
CA VAL F 208 2.96 39.44 -0.55
C VAL F 208 3.33 40.83 -0.06
N GLY F 209 2.54 41.39 0.85
CA GLY F 209 2.90 42.67 1.45
C GLY F 209 4.21 42.60 2.21
N PHE F 210 4.45 41.50 2.91
CA PHE F 210 5.71 41.35 3.64
C PHE F 210 6.90 41.22 2.69
N ARG F 211 6.75 40.46 1.60
CA ARG F 211 7.87 40.30 0.68
C ARG F 211 8.27 41.64 0.09
N ARG F 212 7.29 42.49 -0.20
CA ARG F 212 7.55 43.79 -0.80
C ARG F 212 8.24 44.73 0.18
N LEU F 213 7.69 44.89 1.39
CA LEU F 213 8.25 45.86 2.32
C LEU F 213 9.61 45.40 2.89
N TYR F 214 9.76 44.12 3.23
CA TYR F 214 11.03 43.70 3.83
C TYR F 214 12.17 43.62 2.83
N ALA F 215 11.88 43.63 1.52
CA ALA F 215 12.93 43.67 0.53
C ALA F 215 13.41 45.08 0.25
N LYS F 216 12.73 46.08 0.82
CA LYS F 216 13.08 47.48 0.64
C LYS F 216 13.47 48.14 1.95
N VAL F 217 13.89 47.36 2.94
CA VAL F 217 14.29 47.92 4.22
C VAL F 217 15.67 48.52 4.08
N GLU F 218 15.78 49.81 4.32
CA GLU F 218 17.06 50.48 4.13
C GLU F 218 17.87 50.35 5.41
N VAL F 219 19.03 49.70 5.29
CA VAL F 219 19.98 49.55 6.38
C VAL F 219 21.23 50.21 5.78
N PRO F 220 22.09 50.82 6.59
CA PRO F 220 23.06 51.55 5.77
C PRO F 220 24.19 50.67 5.27
N THR F 223 20.31 47.19 2.02
CA THR F 223 20.76 45.87 1.61
C THR F 223 20.52 44.76 2.66
N LEU F 224 19.39 44.78 3.34
CA LEU F 224 19.22 43.85 4.46
C LEU F 224 19.00 42.42 4.01
N PHE F 225 17.87 42.15 3.37
CA PHE F 225 17.49 40.77 2.98
C PHE F 225 17.83 40.45 1.53
N ALA F 226 19.13 40.54 1.21
CA ALA F 226 19.60 40.23 -0.14
C ALA F 226 19.81 38.73 -0.38
N GLY F 227 20.06 37.95 0.68
CA GLY F 227 20.42 36.56 0.53
C GLY F 227 19.40 35.71 -0.20
N ARG F 228 19.89 34.63 -0.83
CA ARG F 228 19.04 33.73 -1.59
C ARG F 228 17.90 33.17 -0.74
N ASP F 229 18.18 32.78 0.50
CA ASP F 229 17.16 32.20 1.37
C ASP F 229 16.88 33.07 2.59
N ASP F 230 17.04 34.39 2.48
CA ASP F 230 16.84 35.24 3.65
C ASP F 230 15.38 35.48 3.98
N LEU F 231 14.48 35.33 3.00
CA LEU F 231 13.06 35.54 3.19
C LEU F 231 12.30 34.24 2.95
N ALA F 232 12.88 33.14 3.43
CA ALA F 232 12.29 31.82 3.24
C ALA F 232 10.92 31.71 3.90
N TRP F 233 10.74 32.38 5.05
CA TRP F 233 9.43 32.42 5.68
C TRP F 233 8.38 32.99 4.73
N VAL F 234 8.69 34.14 4.11
CA VAL F 234 7.74 34.81 3.25
C VAL F 234 7.55 34.04 1.95
N ASP F 235 8.65 33.61 1.33
CA ASP F 235 8.56 32.95 0.02
C ASP F 235 7.76 31.65 0.10
N SER F 236 8.00 30.83 1.12
CA SER F 236 7.26 29.58 1.24
C SER F 236 5.79 29.83 1.54
N HIS F 237 5.47 30.90 2.28
CA HIS F 237 4.07 31.22 2.53
C HIS F 237 3.36 31.64 1.26
N ILE F 238 4.06 32.37 0.38
CA ILE F 238 3.44 32.79 -0.88
C ILE F 238 3.07 31.57 -1.73
N LYS F 239 3.89 30.52 -1.70
CA LYS F 239 3.54 29.32 -2.47
C LYS F 239 2.39 28.56 -1.82
N ALA F 240 2.41 28.43 -0.49
CA ALA F 240 1.47 27.56 0.21
C ALA F 240 0.10 28.19 0.48
N GLU F 241 0.01 29.52 0.53
CA GLU F 241 -1.22 30.17 0.94
C GLU F 241 -2.31 30.18 -0.14
N THR F 242 -1.98 29.80 -1.38
CA THR F 242 -3.01 29.78 -2.43
C THR F 242 -4.00 28.64 -2.25
N MET F 243 -3.56 27.48 -1.74
CA MET F 243 -4.47 26.37 -1.53
C MET F 243 -5.00 26.28 -0.11
N HIS F 244 -4.30 26.86 0.86
CA HIS F 244 -4.90 27.07 2.19
C HIS F 244 -6.20 27.85 2.06
N ALA F 245 -6.23 28.81 1.13
CA ALA F 245 -7.43 29.60 0.92
C ALA F 245 -8.55 28.75 0.33
N ALA F 246 -8.22 27.87 -0.61
CA ALA F 246 -9.25 27.01 -1.21
C ALA F 246 -9.75 25.96 -0.23
N GLN F 247 -8.91 25.54 0.71
CA GLN F 247 -9.30 24.48 1.63
C GLN F 247 -10.34 24.95 2.64
N VAL F 248 -10.22 26.20 3.10
CA VAL F 248 -11.15 26.70 4.12
C VAL F 248 -12.49 27.12 3.52
N SER F 249 -12.54 27.48 2.23
CA SER F 249 -13.78 27.87 1.58
C SER F 249 -14.22 26.85 0.54
N ASP F 250 -13.59 25.68 0.49
CA ASP F 250 -14.07 24.58 -0.34
C ASP F 250 -15.53 24.30 -0.01
N GLU F 251 -16.28 23.84 -1.01
CA GLU F 251 -17.67 23.49 -0.74
C GLU F 251 -17.78 22.15 -0.03
N ASP F 252 -16.89 21.20 -0.35
CA ASP F 252 -16.93 19.89 0.30
C ASP F 252 -16.36 19.97 1.72
N THR F 253 -15.08 20.35 1.86
CA THR F 253 -14.43 20.32 3.16
C THR F 253 -14.07 21.72 3.67
N GLY F 254 -14.92 22.69 3.36
CA GLY F 254 -14.74 24.06 3.79
C GLY F 254 -15.20 24.30 5.22
N MET F 255 -14.72 25.42 5.78
CA MET F 255 -15.02 25.73 7.17
C MET F 255 -16.51 25.83 7.43
N THR F 256 -17.28 26.37 6.47
CA THR F 256 -18.72 26.53 6.68
C THR F 256 -19.46 25.19 6.70
N ARG F 257 -18.80 24.08 6.37
CA ARG F 257 -19.44 22.78 6.50
C ARG F 257 -19.46 22.29 7.94
N LEU F 258 -18.80 23.00 8.85
CA LEU F 258 -18.90 22.72 10.28
C LEU F 258 -20.10 23.41 10.91
N VAL F 259 -20.88 24.16 10.14
CA VAL F 259 -22.07 24.82 10.66
C VAL F 259 -23.22 23.83 10.52
N ALA F 260 -23.82 23.45 11.65
CA ALA F 260 -24.74 22.33 11.71
C ALA F 260 -26.20 22.74 11.55
N ASP F 261 -26.58 23.93 11.96
CA ASP F 261 -27.96 24.38 11.87
C ASP F 261 -28.01 25.73 11.17
N ARG F 262 -29.15 26.40 11.28
CA ARG F 262 -29.38 27.73 10.73
C ARG F 262 -29.02 28.84 11.71
N GLU F 263 -29.16 28.56 13.00
CA GLU F 263 -28.81 29.53 14.04
C GLU F 263 -27.29 29.67 14.22
N GLN F 264 -26.54 28.59 14.02
CA GLN F 264 -25.08 28.73 14.05
C GLN F 264 -24.59 29.49 12.83
N ALA F 265 -25.32 29.40 11.72
CA ALA F 265 -24.95 30.18 10.55
C ALA F 265 -25.04 31.67 10.86
N GLU F 266 -26.02 32.07 11.69
CA GLU F 266 -26.10 33.47 12.09
C GLU F 266 -24.98 33.83 13.05
N GLU F 267 -24.61 32.92 13.95
CA GLU F 267 -23.48 33.17 14.83
C GLU F 267 -22.19 33.17 14.02
N PHE F 268 -22.12 32.35 12.98
CA PHE F 268 -20.92 32.31 12.16
C PHE F 268 -20.71 33.64 11.45
N LEU F 269 -21.77 34.23 10.89
CA LEU F 269 -21.64 35.52 10.22
C LEU F 269 -21.40 36.66 11.21
N THR F 270 -22.05 36.60 12.37
CA THR F 270 -21.78 37.62 13.39
C THR F 270 -20.34 37.55 13.85
N ALA F 271 -19.83 36.34 14.07
CA ALA F 271 -18.44 36.19 14.49
C ALA F 271 -17.47 36.60 13.39
N VAL F 272 -17.79 36.29 12.13
CA VAL F 272 -16.91 36.65 11.03
C VAL F 272 -16.83 38.17 10.89
N ARG F 273 -17.95 38.88 11.02
CA ARG F 273 -17.92 40.33 10.86
C ARG F 273 -17.04 40.98 11.92
N GLU F 274 -17.25 40.65 13.19
CA GLU F 274 -16.47 41.24 14.27
C GLU F 274 -14.99 40.86 14.15
N TYR F 275 -14.73 39.60 13.79
CA TYR F 275 -13.35 39.15 13.63
C TYR F 275 -12.69 39.83 12.44
N ALA F 276 -13.40 39.92 11.31
CA ALA F 276 -12.83 40.57 10.13
C ALA F 276 -12.59 42.05 10.37
N ALA F 277 -13.46 42.70 11.16
CA ALA F 277 -13.27 44.12 11.46
C ALA F 277 -12.02 44.34 12.29
N HIS F 278 -11.73 43.44 13.23
CA HIS F 278 -10.51 43.55 14.02
C HIS F 278 -9.28 43.29 13.17
N TRP F 279 -9.38 42.35 12.21
CA TRP F 279 -8.24 42.09 11.33
C TRP F 279 -7.94 43.27 10.42
N SER F 280 -8.99 43.92 9.90
CA SER F 280 -8.78 45.11 9.07
C SER F 280 -8.12 46.22 9.87
N ALA F 281 -8.63 46.49 11.07
CA ALA F 281 -8.06 47.55 11.91
C ALA F 281 -6.62 47.26 12.28
N ALA F 282 -6.31 45.99 12.63
CA ALA F 282 -4.94 45.64 12.99
C ALA F 282 -3.99 45.88 11.82
N LEU F 283 -4.39 45.50 10.61
CA LEU F 283 -3.53 45.68 9.45
C LEU F 283 -3.38 47.15 9.08
N GLU F 284 -4.35 47.99 9.44
CA GLU F 284 -4.23 49.42 9.18
C GLU F 284 -3.07 50.03 9.95
N THR F 285 -2.79 49.51 11.15
CA THR F 285 -1.64 49.99 11.91
C THR F 285 -0.33 49.66 11.20
N TYR F 286 -0.33 48.61 10.37
CA TYR F 286 0.84 48.33 9.56
C TYR F 286 1.07 49.46 8.56
N ALA F 287 -0.03 49.97 7.99
CA ALA F 287 0.02 51.13 7.12
C ALA F 287 0.44 52.37 7.90
N GLN F 288 -0.03 52.50 9.14
CA GLN F 288 0.33 53.64 9.97
C GLN F 288 1.84 53.69 10.20
N ALA F 289 2.45 52.54 10.47
CA ALA F 289 3.88 52.49 10.70
C ALA F 289 4.69 52.75 9.44
N LEU F 290 4.20 52.32 8.28
CA LEU F 290 4.95 52.53 7.04
C LEU F 290 5.01 54.00 6.65
N ARG F 291 3.90 54.73 6.83
CA ARG F 291 3.88 56.15 6.50
C ARG F 291 4.77 56.95 7.43
N ASP F 292 4.66 56.69 8.73
CA ASP F 292 5.40 57.42 9.75
C ASP F 292 6.88 57.04 9.79
N GLY F 293 7.22 55.83 9.37
CA GLY F 293 8.59 55.35 9.43
C GLY F 293 8.99 54.80 10.77
N HIS F 294 8.05 54.66 11.70
CA HIS F 294 8.27 54.11 13.02
C HIS F 294 6.92 53.79 13.63
N ALA F 295 6.95 53.12 14.78
CA ALA F 295 5.74 52.73 15.50
C ALA F 295 4.94 53.94 15.97
ZN ZN G . 20.44 0.90 9.66
ZN ZN H . 9.59 -19.75 -5.89
ZN ZN I . -3.07 -0.03 -16.89
ZN ZN J . -24.17 -15.84 -11.17
C1 GOL K . -12.87 -19.16 -12.94
O1 GOL K . -13.53 -19.49 -11.74
C2 GOL K . -11.52 -18.59 -12.56
O2 GOL K . -10.85 -19.58 -11.80
C3 GOL K . -10.74 -18.27 -13.80
O3 GOL K . -9.51 -17.72 -13.35
ZN ZN L . -5.09 4.35 15.97
C1 GOL M . 8.88 21.93 12.05
O1 GOL M . 9.40 22.42 10.84
C2 GOL M . 9.09 20.44 11.97
O2 GOL M . 10.47 20.18 12.04
C3 GOL M . 8.41 19.73 13.11
O3 GOL M . 8.80 18.38 12.95
ZN ZN N . 1.80 30.33 8.60
#